data_2HSX
# 
_entry.id   2HSX 
# 
_audit_conform.dict_name       mmcif_pdbx.dic 
_audit_conform.dict_version    5.392 
_audit_conform.dict_location   http://mmcif.pdb.org/dictionaries/ascii/mmcif_pdbx.dic 
# 
loop_
_database_2.database_id 
_database_2.database_code 
_database_2.pdbx_database_accession 
_database_2.pdbx_DOI 
PDB   2HSX         pdb_00002hsx 10.2210/pdb2hsx/pdb 
RCSB  RCSB038722   ?            ?                   
WWPDB D_1000038722 ?            ?                   
# 
loop_
_pdbx_audit_revision_history.ordinal 
_pdbx_audit_revision_history.data_content_type 
_pdbx_audit_revision_history.major_revision 
_pdbx_audit_revision_history.minor_revision 
_pdbx_audit_revision_history.revision_date 
1 'Structure model' 1 0 2007-02-06 
2 'Structure model' 1 1 2007-11-14 
3 'Structure model' 1 2 2011-07-13 
4 'Structure model' 1 3 2021-10-20 
5 'Structure model' 1 4 2024-05-29 
# 
_pdbx_audit_revision_details.ordinal             1 
_pdbx_audit_revision_details.revision_ordinal    1 
_pdbx_audit_revision_details.data_content_type   'Structure model' 
_pdbx_audit_revision_details.provider            repository 
_pdbx_audit_revision_details.type                'Initial release' 
_pdbx_audit_revision_details.description         ? 
_pdbx_audit_revision_details.details             ? 
# 
loop_
_pdbx_audit_revision_group.ordinal 
_pdbx_audit_revision_group.revision_ordinal 
_pdbx_audit_revision_group.data_content_type 
_pdbx_audit_revision_group.group 
1 2 'Structure model' 'Version format compliance' 
2 3 'Structure model' 'Version format compliance' 
3 4 'Structure model' 'Data collection'           
4 4 'Structure model' 'Database references'       
5 4 'Structure model' 'Derived calculations'      
6 5 'Structure model' 'Data collection'           
# 
loop_
_pdbx_audit_revision_category.ordinal 
_pdbx_audit_revision_category.revision_ordinal 
_pdbx_audit_revision_category.data_content_type 
_pdbx_audit_revision_category.category 
1 4 'Structure model' database_2            
2 4 'Structure model' pdbx_nmr_software     
3 4 'Structure model' pdbx_nmr_spectrometer 
4 4 'Structure model' pdbx_struct_assembly  
5 4 'Structure model' pdbx_struct_oper_list 
6 4 'Structure model' struct_ref_seq_dif    
7 5 'Structure model' chem_comp_atom        
8 5 'Structure model' chem_comp_bond        
# 
loop_
_pdbx_audit_revision_item.ordinal 
_pdbx_audit_revision_item.revision_ordinal 
_pdbx_audit_revision_item.data_content_type 
_pdbx_audit_revision_item.item 
1 4 'Structure model' '_database_2.pdbx_DOI'                
2 4 'Structure model' '_database_2.pdbx_database_accession' 
3 4 'Structure model' '_pdbx_nmr_software.name'             
4 4 'Structure model' '_pdbx_nmr_spectrometer.model'        
5 4 'Structure model' '_struct_ref_seq_dif.details'         
# 
_pdbx_database_status.status_code                     REL 
_pdbx_database_status.entry_id                        2HSX 
_pdbx_database_status.recvd_initial_deposition_date   2006-07-24 
_pdbx_database_status.deposit_site                    RCSB 
_pdbx_database_status.process_site                    RCSB 
_pdbx_database_status.status_code_sf                  ? 
_pdbx_database_status.status_code_mr                  REL 
_pdbx_database_status.SG_entry                        Y 
_pdbx_database_status.pdb_format_compatible           Y 
_pdbx_database_status.status_code_cs                  ? 
_pdbx_database_status.status_code_nmr_data            ? 
_pdbx_database_status.methods_development_category    ? 
# 
loop_
_pdbx_database_related.db_name 
_pdbx_database_related.db_id 
_pdbx_database_related.details 
_pdbx_database_related.content_type 
BMRB 7014 'Chemical shifts'         unspecified 
PDB  2gdt 'Bundle of 20 conformers' unspecified 
# 
loop_
_audit_author.name 
_audit_author.pdbx_ordinal 
'Almeida, M.S.'                               1  
'Herrmann, T.'                                2  
'Geralt, M.'                                  3  
'Johnson, M.A.'                               4  
'Saikatendu, K.'                              5  
'Joseph, J.'                                  6  
'Subramanian, R.C.'                           7  
'Neuman, B.W.'                                8  
'Buchmeier, M.J.'                             9  
'Stevens, R.C.'                               10 
'Kuhn, P.'                                    11 
'Wilson, I.A.'                                12 
'Wuthrich, K.'                                13 
'Joint Center for Structural Genomics (JCSG)' 14 
# 
loop_
_citation.id 
_citation.title 
_citation.journal_abbrev 
_citation.journal_volume 
_citation.page_first 
_citation.page_last 
_citation.year 
_citation.journal_id_ASTM 
_citation.country 
_citation.journal_id_ISSN 
_citation.journal_id_CSD 
_citation.book_publisher 
_citation.pdbx_database_id_PubMed 
_citation.pdbx_database_id_DOI 
primary 
;Novel beta-barrel fold in the nuclear magnetic resonance structure of the replicase nonstructural protein 1 from the severe acute respiratory syndrome coronavirus.
;
J.Virol.     81 3151 3161 2007 JOVIAM US 0022-538X 0825 ? 17202208 10.1128/JVI.01939-06      
1       'NMR assignment of the SARS-CoV protein nsp1' J.Biomol.NMR ?  ?    ?    2006 JBNME9 NE 0925-2738 0800 ? 16821128 
10.1007/s10858-006-9018-9 
# 
loop_
_citation_author.citation_id 
_citation_author.name 
_citation_author.ordinal 
_citation_author.identifier_ORCID 
primary 'Almeida, M.S.' 1 ? 
primary 'Johnson, M.A.' 2 ? 
primary 'Herrmann, T.'  3 ? 
primary 'Geralt, M.'    4 ? 
primary 'Wuthrich, K.'  5 ? 
1       'Almeida, M.S.' 6 ? 
1       'Johnson, M.A.' 7 ? 
1       'Wuthrich, K.'  8 ? 
# 
_entity.id                         1 
_entity.type                       polymer 
_entity.src_method                 man 
_entity.pdbx_description           'Leader protein; p65 homolog; NSP1 (EC 3.4.22.-)' 
_entity.formula_weight             12680.526 
_entity.pdbx_number_of_molecules   1 
_entity.pdbx_ec                    3.4.22.- 
_entity.pdbx_mutation              T1G 
_entity.pdbx_fragment              NSP1-6 
_entity.details                    ? 
# 
_entity_poly.entity_id                      1 
_entity_poly.type                           'polypeptide(L)' 
_entity_poly.nstd_linkage                   no 
_entity_poly.nstd_monomer                   no 
_entity_poly.pdbx_seq_one_letter_code       
;GHVQLSLPVLQVRDVLVRGFGDSVEEALSEAREHLKNGTCGLVELEKGVLPQLEQPYVFIKRSDALSTNHGHKVVELVAE
MDGIQYGRSGITLGVLVPHVGETPIAYRNVLLRKNG
;
_entity_poly.pdbx_seq_one_letter_code_can   
;GHVQLSLPVLQVRDVLVRGFGDSVEEALSEAREHLKNGTCGLVELEKGVLPQLEQPYVFIKRSDALSTNHGHKVVELVAE
MDGIQYGRSGITLGVLVPHVGETPIAYRNVLLRKNG
;
_entity_poly.pdbx_strand_id                 A 
_entity_poly.pdbx_target_identifier         ? 
# 
loop_
_entity_poly_seq.entity_id 
_entity_poly_seq.num 
_entity_poly_seq.mon_id 
_entity_poly_seq.hetero 
1 1   GLY n 
1 2   HIS n 
1 3   VAL n 
1 4   GLN n 
1 5   LEU n 
1 6   SER n 
1 7   LEU n 
1 8   PRO n 
1 9   VAL n 
1 10  LEU n 
1 11  GLN n 
1 12  VAL n 
1 13  ARG n 
1 14  ASP n 
1 15  VAL n 
1 16  LEU n 
1 17  VAL n 
1 18  ARG n 
1 19  GLY n 
1 20  PHE n 
1 21  GLY n 
1 22  ASP n 
1 23  SER n 
1 24  VAL n 
1 25  GLU n 
1 26  GLU n 
1 27  ALA n 
1 28  LEU n 
1 29  SER n 
1 30  GLU n 
1 31  ALA n 
1 32  ARG n 
1 33  GLU n 
1 34  HIS n 
1 35  LEU n 
1 36  LYS n 
1 37  ASN n 
1 38  GLY n 
1 39  THR n 
1 40  CYS n 
1 41  GLY n 
1 42  LEU n 
1 43  VAL n 
1 44  GLU n 
1 45  LEU n 
1 46  GLU n 
1 47  LYS n 
1 48  GLY n 
1 49  VAL n 
1 50  LEU n 
1 51  PRO n 
1 52  GLN n 
1 53  LEU n 
1 54  GLU n 
1 55  GLN n 
1 56  PRO n 
1 57  TYR n 
1 58  VAL n 
1 59  PHE n 
1 60  ILE n 
1 61  LYS n 
1 62  ARG n 
1 63  SER n 
1 64  ASP n 
1 65  ALA n 
1 66  LEU n 
1 67  SER n 
1 68  THR n 
1 69  ASN n 
1 70  HIS n 
1 71  GLY n 
1 72  HIS n 
1 73  LYS n 
1 74  VAL n 
1 75  VAL n 
1 76  GLU n 
1 77  LEU n 
1 78  VAL n 
1 79  ALA n 
1 80  GLU n 
1 81  MET n 
1 82  ASP n 
1 83  GLY n 
1 84  ILE n 
1 85  GLN n 
1 86  TYR n 
1 87  GLY n 
1 88  ARG n 
1 89  SER n 
1 90  GLY n 
1 91  ILE n 
1 92  THR n 
1 93  LEU n 
1 94  GLY n 
1 95  VAL n 
1 96  LEU n 
1 97  VAL n 
1 98  PRO n 
1 99  HIS n 
1 100 VAL n 
1 101 GLY n 
1 102 GLU n 
1 103 THR n 
1 104 PRO n 
1 105 ILE n 
1 106 ALA n 
1 107 TYR n 
1 108 ARG n 
1 109 ASN n 
1 110 VAL n 
1 111 LEU n 
1 112 LEU n 
1 113 ARG n 
1 114 LYS n 
1 115 ASN n 
1 116 GLY n 
# 
_entity_src_gen.entity_id                          1 
_entity_src_gen.pdbx_src_id                        1 
_entity_src_gen.pdbx_alt_source_flag               sample 
_entity_src_gen.pdbx_seq_type                      ? 
_entity_src_gen.pdbx_beg_seq_num                   ? 
_entity_src_gen.pdbx_end_seq_num                   ? 
_entity_src_gen.gene_src_common_name               ? 
_entity_src_gen.gene_src_genus                     Coronavirus 
_entity_src_gen.pdbx_gene_src_gene                 ? 
_entity_src_gen.gene_src_species                   ? 
_entity_src_gen.gene_src_strain                    ? 
_entity_src_gen.gene_src_tissue                    ? 
_entity_src_gen.gene_src_tissue_fraction           ? 
_entity_src_gen.gene_src_details                   ? 
_entity_src_gen.pdbx_gene_src_fragment             ? 
_entity_src_gen.pdbx_gene_src_scientific_name      'SARS coronavirus' 
_entity_src_gen.pdbx_gene_src_ncbi_taxonomy_id     227859 
_entity_src_gen.pdbx_gene_src_variant              ? 
_entity_src_gen.pdbx_gene_src_cell_line            ? 
_entity_src_gen.pdbx_gene_src_atcc                 ? 
_entity_src_gen.pdbx_gene_src_organ                ? 
_entity_src_gen.pdbx_gene_src_organelle            ? 
_entity_src_gen.pdbx_gene_src_cell                 ? 
_entity_src_gen.pdbx_gene_src_cellular_location    ? 
_entity_src_gen.host_org_common_name               ? 
_entity_src_gen.pdbx_host_org_scientific_name      'Escherichia coli BL21(DE3)' 
_entity_src_gen.pdbx_host_org_ncbi_taxonomy_id     469008 
_entity_src_gen.host_org_genus                     Escherichia 
_entity_src_gen.pdbx_host_org_gene                 ? 
_entity_src_gen.pdbx_host_org_organ                ? 
_entity_src_gen.host_org_species                   'Escherichia coli' 
_entity_src_gen.pdbx_host_org_tissue               ? 
_entity_src_gen.pdbx_host_org_tissue_fraction      ? 
_entity_src_gen.pdbx_host_org_strain               'BL21(DE3)' 
_entity_src_gen.pdbx_host_org_variant              ? 
_entity_src_gen.pdbx_host_org_cell_line            ? 
_entity_src_gen.pdbx_host_org_atcc                 ? 
_entity_src_gen.pdbx_host_org_culture_collection   ? 
_entity_src_gen.pdbx_host_org_cell                 ? 
_entity_src_gen.pdbx_host_org_organelle            ? 
_entity_src_gen.pdbx_host_org_cellular_location    ? 
_entity_src_gen.pdbx_host_org_vector_type          PLASMID 
_entity_src_gen.pdbx_host_org_vector               ? 
_entity_src_gen.host_org_details                   ? 
_entity_src_gen.expression_system_id               ? 
_entity_src_gen.plasmid_name                       PSTEF 
_entity_src_gen.plasmid_details                    ? 
_entity_src_gen.pdbx_description                   ? 
# 
loop_
_chem_comp.id 
_chem_comp.type 
_chem_comp.mon_nstd_flag 
_chem_comp.name 
_chem_comp.pdbx_synonyms 
_chem_comp.formula 
_chem_comp.formula_weight 
ALA 'L-peptide linking' y ALANINE         ? 'C3 H7 N O2'     89.093  
ARG 'L-peptide linking' y ARGININE        ? 'C6 H15 N4 O2 1' 175.209 
ASN 'L-peptide linking' y ASPARAGINE      ? 'C4 H8 N2 O3'    132.118 
ASP 'L-peptide linking' y 'ASPARTIC ACID' ? 'C4 H7 N O4'     133.103 
CYS 'L-peptide linking' y CYSTEINE        ? 'C3 H7 N O2 S'   121.158 
GLN 'L-peptide linking' y GLUTAMINE       ? 'C5 H10 N2 O3'   146.144 
GLU 'L-peptide linking' y 'GLUTAMIC ACID' ? 'C5 H9 N O4'     147.129 
GLY 'peptide linking'   y GLYCINE         ? 'C2 H5 N O2'     75.067  
HIS 'L-peptide linking' y HISTIDINE       ? 'C6 H10 N3 O2 1' 156.162 
ILE 'L-peptide linking' y ISOLEUCINE      ? 'C6 H13 N O2'    131.173 
LEU 'L-peptide linking' y LEUCINE         ? 'C6 H13 N O2'    131.173 
LYS 'L-peptide linking' y LYSINE          ? 'C6 H15 N2 O2 1' 147.195 
MET 'L-peptide linking' y METHIONINE      ? 'C5 H11 N O2 S'  149.211 
PHE 'L-peptide linking' y PHENYLALANINE   ? 'C9 H11 N O2'    165.189 
PRO 'L-peptide linking' y PROLINE         ? 'C5 H9 N O2'     115.130 
SER 'L-peptide linking' y SERINE          ? 'C3 H7 N O3'     105.093 
THR 'L-peptide linking' y THREONINE       ? 'C4 H9 N O3'     119.119 
TYR 'L-peptide linking' y TYROSINE        ? 'C9 H11 N O3'    181.189 
VAL 'L-peptide linking' y VALINE          ? 'C5 H11 N O2'    117.146 
# 
loop_
_pdbx_poly_seq_scheme.asym_id 
_pdbx_poly_seq_scheme.entity_id 
_pdbx_poly_seq_scheme.seq_id 
_pdbx_poly_seq_scheme.mon_id 
_pdbx_poly_seq_scheme.ndb_seq_num 
_pdbx_poly_seq_scheme.pdb_seq_num 
_pdbx_poly_seq_scheme.auth_seq_num 
_pdbx_poly_seq_scheme.pdb_mon_id 
_pdbx_poly_seq_scheme.auth_mon_id 
_pdbx_poly_seq_scheme.pdb_strand_id 
_pdbx_poly_seq_scheme.pdb_ins_code 
_pdbx_poly_seq_scheme.hetero 
A 1 1   GLY 1   1   1   GLY GLY A . n 
A 1 2   HIS 2   2   2   HIS HIS A . n 
A 1 3   VAL 3   3   3   VAL VAL A . n 
A 1 4   GLN 4   4   4   GLN GLN A . n 
A 1 5   LEU 5   5   5   LEU LEU A . n 
A 1 6   SER 6   6   6   SER SER A . n 
A 1 7   LEU 7   7   7   LEU LEU A . n 
A 1 8   PRO 8   8   8   PRO PRO A . n 
A 1 9   VAL 9   9   9   VAL VAL A . n 
A 1 10  LEU 10  10  10  LEU LEU A . n 
A 1 11  GLN 11  11  11  GLN GLN A . n 
A 1 12  VAL 12  12  12  VAL VAL A . n 
A 1 13  ARG 13  13  13  ARG ARG A . n 
A 1 14  ASP 14  14  14  ASP ASP A . n 
A 1 15  VAL 15  15  15  VAL VAL A . n 
A 1 16  LEU 16  16  16  LEU LEU A . n 
A 1 17  VAL 17  17  17  VAL VAL A . n 
A 1 18  ARG 18  18  18  ARG ARG A . n 
A 1 19  GLY 19  19  19  GLY GLY A . n 
A 1 20  PHE 20  20  20  PHE PHE A . n 
A 1 21  GLY 21  21  21  GLY GLY A . n 
A 1 22  ASP 22  22  22  ASP ASP A . n 
A 1 23  SER 23  23  23  SER SER A . n 
A 1 24  VAL 24  24  24  VAL VAL A . n 
A 1 25  GLU 25  25  25  GLU GLU A . n 
A 1 26  GLU 26  26  26  GLU GLU A . n 
A 1 27  ALA 27  27  27  ALA ALA A . n 
A 1 28  LEU 28  28  28  LEU LEU A . n 
A 1 29  SER 29  29  29  SER SER A . n 
A 1 30  GLU 30  30  30  GLU GLU A . n 
A 1 31  ALA 31  31  31  ALA ALA A . n 
A 1 32  ARG 32  32  32  ARG ARG A . n 
A 1 33  GLU 33  33  33  GLU GLU A . n 
A 1 34  HIS 34  34  34  HIS HIS A . n 
A 1 35  LEU 35  35  35  LEU LEU A . n 
A 1 36  LYS 36  36  36  LYS LYS A . n 
A 1 37  ASN 37  37  37  ASN ASN A . n 
A 1 38  GLY 38  38  38  GLY GLY A . n 
A 1 39  THR 39  39  39  THR THR A . n 
A 1 40  CYS 40  40  40  CYS CYS A . n 
A 1 41  GLY 41  41  41  GLY GLY A . n 
A 1 42  LEU 42  42  42  LEU LEU A . n 
A 1 43  VAL 43  43  43  VAL VAL A . n 
A 1 44  GLU 44  44  44  GLU GLU A . n 
A 1 45  LEU 45  45  45  LEU LEU A . n 
A 1 46  GLU 46  46  46  GLU GLU A . n 
A 1 47  LYS 47  47  47  LYS LYS A . n 
A 1 48  GLY 48  48  48  GLY GLY A . n 
A 1 49  VAL 49  49  49  VAL VAL A . n 
A 1 50  LEU 50  50  50  LEU LEU A . n 
A 1 51  PRO 51  51  51  PRO PRO A . n 
A 1 52  GLN 52  52  52  GLN GLN A . n 
A 1 53  LEU 53  53  53  LEU LEU A . n 
A 1 54  GLU 54  54  54  GLU GLU A . n 
A 1 55  GLN 55  55  55  GLN GLN A . n 
A 1 56  PRO 56  56  56  PRO PRO A . n 
A 1 57  TYR 57  57  57  TYR TYR A . n 
A 1 58  VAL 58  58  58  VAL VAL A . n 
A 1 59  PHE 59  59  59  PHE PHE A . n 
A 1 60  ILE 60  60  60  ILE ILE A . n 
A 1 61  LYS 61  61  61  LYS LYS A . n 
A 1 62  ARG 62  62  62  ARG ARG A . n 
A 1 63  SER 63  63  63  SER SER A . n 
A 1 64  ASP 64  64  64  ASP ASP A . n 
A 1 65  ALA 65  65  65  ALA ALA A . n 
A 1 66  LEU 66  66  66  LEU LEU A . n 
A 1 67  SER 67  67  67  SER SER A . n 
A 1 68  THR 68  68  68  THR THR A . n 
A 1 69  ASN 69  69  69  ASN ASN A . n 
A 1 70  HIS 70  70  70  HIS HIS A . n 
A 1 71  GLY 71  71  71  GLY GLY A . n 
A 1 72  HIS 72  72  72  HIS HIS A . n 
A 1 73  LYS 73  73  73  LYS LYS A . n 
A 1 74  VAL 74  74  74  VAL VAL A . n 
A 1 75  VAL 75  75  75  VAL VAL A . n 
A 1 76  GLU 76  76  76  GLU GLU A . n 
A 1 77  LEU 77  77  77  LEU LEU A . n 
A 1 78  VAL 78  78  78  VAL VAL A . n 
A 1 79  ALA 79  79  79  ALA ALA A . n 
A 1 80  GLU 80  80  80  GLU GLU A . n 
A 1 81  MET 81  81  81  MET MET A . n 
A 1 82  ASP 82  82  82  ASP ASP A . n 
A 1 83  GLY 83  83  83  GLY GLY A . n 
A 1 84  ILE 84  84  84  ILE ILE A . n 
A 1 85  GLN 85  85  85  GLN GLN A . n 
A 1 86  TYR 86  86  86  TYR TYR A . n 
A 1 87  GLY 87  87  87  GLY GLY A . n 
A 1 88  ARG 88  88  88  ARG ARG A . n 
A 1 89  SER 89  89  89  SER SER A . n 
A 1 90  GLY 90  90  90  GLY GLY A . n 
A 1 91  ILE 91  91  91  ILE ILE A . n 
A 1 92  THR 92  92  92  THR THR A . n 
A 1 93  LEU 93  93  93  LEU LEU A . n 
A 1 94  GLY 94  94  94  GLY GLY A . n 
A 1 95  VAL 95  95  95  VAL VAL A . n 
A 1 96  LEU 96  96  96  LEU LEU A . n 
A 1 97  VAL 97  97  97  VAL VAL A . n 
A 1 98  PRO 98  98  98  PRO PRO A . n 
A 1 99  HIS 99  99  99  HIS HIS A . n 
A 1 100 VAL 100 100 100 VAL VAL A . n 
A 1 101 GLY 101 101 101 GLY GLY A . n 
A 1 102 GLU 102 102 102 GLU GLU A . n 
A 1 103 THR 103 103 103 THR THR A . n 
A 1 104 PRO 104 104 104 PRO PRO A . n 
A 1 105 ILE 105 105 105 ILE ILE A . n 
A 1 106 ALA 106 106 106 ALA ALA A . n 
A 1 107 TYR 107 107 107 TYR TYR A . n 
A 1 108 ARG 108 108 108 ARG ARG A . n 
A 1 109 ASN 109 109 109 ASN ASN A . n 
A 1 110 VAL 110 110 110 VAL VAL A . n 
A 1 111 LEU 111 111 111 LEU LEU A . n 
A 1 112 LEU 112 112 112 LEU LEU A . n 
A 1 113 ARG 113 113 113 ARG ARG A . n 
A 1 114 LYS 114 114 114 LYS LYS A . n 
A 1 115 ASN 115 115 115 ASN ASN A . n 
A 1 116 GLY 116 116 116 GLY GLY A . n 
# 
_exptl.entry_id          2HSX 
_exptl.method            'SOLUTION NMR' 
_exptl.crystals_number   ? 
# 
_exptl_crystal.id                    1 
_exptl_crystal.density_meas          ? 
_exptl_crystal.density_Matthews      ? 
_exptl_crystal.density_percent_sol   ? 
_exptl_crystal.description           ? 
# 
_diffrn.id                     1 
_diffrn.ambient_temp           ? 
_diffrn.ambient_temp_details   ? 
_diffrn.crystal_id             1 
# 
_diffrn_radiation.diffrn_id                        1 
_diffrn_radiation.wavelength_id                    1 
_diffrn_radiation.monochromator                    ? 
_diffrn_radiation.pdbx_monochromatic_or_laue_m_l   M 
_diffrn_radiation.pdbx_diffrn_protocol             'SINGLE WAVELENGTH' 
_diffrn_radiation.pdbx_scattering_type             ? 
# 
_diffrn_radiation_wavelength.id           1 
_diffrn_radiation_wavelength.wavelength   . 
_diffrn_radiation_wavelength.wt           1.0 
# 
_struct.entry_id                  2HSX 
_struct.title                     'NMR Structure of the nonstructural protein 1 (nsp1) from the SARS coronavirus' 
_struct.pdbx_model_details        ? 
_struct.pdbx_CASP_flag            ? 
_struct.pdbx_model_type_details   ? 
# 
_struct_keywords.entry_id        2HSX 
_struct_keywords.pdbx_keywords   'VIRAL PROTEIN, HYDROLASE' 
_struct_keywords.text            
;LEADER PROTEIN, BETA-BARREL, ALPHA-BETA, VIRUS, REPLICASE, Structural Genomics, PSI-2, Protein Structure Initiative, Joint Center for Structural Genomics, JCSG, VIRAL PROTEIN, HYDROLASE
;
# 
_struct_asym.id                            A 
_struct_asym.pdbx_blank_PDB_chainid_flag   N 
_struct_asym.pdbx_modified                 N 
_struct_asym.entity_id                     1 
_struct_asym.details                       ? 
# 
_struct_ref.id                         1 
_struct_ref.db_name                    UNP 
_struct_ref.db_code                    R1AB_CVHSA 
_struct_ref.pdbx_db_accession          P59641 
_struct_ref.entity_id                  1 
_struct_ref.pdbx_seq_one_letter_code   
;THVQLSLPVLQVRDVLVRGFGDSVEEALSEAREHLKNGTCGLVELEKGVLPQLEQPYVFIKRSDALSTNHGHKVVELVAE
MDGIQYGRSGITLGVLVPHVGETPIAYRNVLLRKNG
;
_struct_ref.pdbx_align_begin           12 
_struct_ref.pdbx_db_isoform            ? 
# 
_struct_ref_seq.align_id                      1 
_struct_ref_seq.ref_id                        1 
_struct_ref_seq.pdbx_PDB_id_code              2HSX 
_struct_ref_seq.pdbx_strand_id                A 
_struct_ref_seq.seq_align_beg                 1 
_struct_ref_seq.pdbx_seq_align_beg_ins_code   ? 
_struct_ref_seq.seq_align_end                 116 
_struct_ref_seq.pdbx_seq_align_end_ins_code   ? 
_struct_ref_seq.pdbx_db_accession             P59641 
_struct_ref_seq.db_align_beg                  12 
_struct_ref_seq.pdbx_db_align_beg_ins_code    ? 
_struct_ref_seq.db_align_end                  127 
_struct_ref_seq.pdbx_db_align_end_ins_code    ? 
_struct_ref_seq.pdbx_auth_seq_align_beg       1 
_struct_ref_seq.pdbx_auth_seq_align_end       116 
# 
_struct_ref_seq_dif.align_id                     1 
_struct_ref_seq_dif.pdbx_pdb_id_code             2HSX 
_struct_ref_seq_dif.mon_id                       GLY 
_struct_ref_seq_dif.pdbx_pdb_strand_id           A 
_struct_ref_seq_dif.seq_num                      1 
_struct_ref_seq_dif.pdbx_pdb_ins_code            ? 
_struct_ref_seq_dif.pdbx_seq_db_name             UNP 
_struct_ref_seq_dif.pdbx_seq_db_accession_code   P59641 
_struct_ref_seq_dif.db_mon_id                    THR 
_struct_ref_seq_dif.pdbx_seq_db_seq_num          12 
_struct_ref_seq_dif.details                      'engineered mutation' 
_struct_ref_seq_dif.pdbx_auth_seq_num            1 
_struct_ref_seq_dif.pdbx_ordinal                 1 
# 
_pdbx_struct_assembly.id                   1 
_pdbx_struct_assembly.details              author_defined_assembly 
_pdbx_struct_assembly.method_details       ? 
_pdbx_struct_assembly.oligomeric_details   monomeric 
_pdbx_struct_assembly.oligomeric_count     1 
# 
_pdbx_struct_assembly_gen.assembly_id       1 
_pdbx_struct_assembly_gen.oper_expression   1 
_pdbx_struct_assembly_gen.asym_id_list      A 
# 
_pdbx_struct_oper_list.id                   1 
_pdbx_struct_oper_list.type                 'identity operation' 
_pdbx_struct_oper_list.name                 1_555 
_pdbx_struct_oper_list.symmetry_operation   ? 
_pdbx_struct_oper_list.matrix[1][1]         1.0000000000 
_pdbx_struct_oper_list.matrix[1][2]         0.0000000000 
_pdbx_struct_oper_list.matrix[1][3]         0.0000000000 
_pdbx_struct_oper_list.vector[1]            0.0000000000 
_pdbx_struct_oper_list.matrix[2][1]         0.0000000000 
_pdbx_struct_oper_list.matrix[2][2]         1.0000000000 
_pdbx_struct_oper_list.matrix[2][3]         0.0000000000 
_pdbx_struct_oper_list.vector[2]            0.0000000000 
_pdbx_struct_oper_list.matrix[3][1]         0.0000000000 
_pdbx_struct_oper_list.matrix[3][2]         0.0000000000 
_pdbx_struct_oper_list.matrix[3][3]         1.0000000000 
_pdbx_struct_oper_list.vector[3]            0.0000000000 
# 
_struct_biol.id        1 
_struct_biol.details   ? 
# 
loop_
_struct_conf.conf_type_id 
_struct_conf.id 
_struct_conf.pdbx_PDB_helix_id 
_struct_conf.beg_label_comp_id 
_struct_conf.beg_label_asym_id 
_struct_conf.beg_label_seq_id 
_struct_conf.pdbx_beg_PDB_ins_code 
_struct_conf.end_label_comp_id 
_struct_conf.end_label_asym_id 
_struct_conf.end_label_seq_id 
_struct_conf.pdbx_end_PDB_ins_code 
_struct_conf.beg_auth_comp_id 
_struct_conf.beg_auth_asym_id 
_struct_conf.beg_auth_seq_id 
_struct_conf.end_auth_comp_id 
_struct_conf.end_auth_asym_id 
_struct_conf.end_auth_seq_id 
_struct_conf.pdbx_PDB_helix_class 
_struct_conf.details 
_struct_conf.pdbx_PDB_helix_length 
HELX_P HELX_P1 1 SER A 23 ? GLY A 38 ? SER A 23 GLY A 38 1 ? 16 
HELX_P HELX_P2 2 VAL A 49 ? LEU A 53 ? VAL A 49 LEU A 53 5 ? 5  
# 
_struct_conf_type.id          HELX_P 
_struct_conf_type.criteria    ? 
_struct_conf_type.reference   ? 
# 
loop_
_struct_sheet.id 
_struct_sheet.type 
_struct_sheet.number_strands 
_struct_sheet.details 
A ? 2 ? 
B ? 4 ? 
# 
loop_
_struct_sheet_order.sheet_id 
_struct_sheet_order.range_id_1 
_struct_sheet_order.range_id_2 
_struct_sheet_order.offset 
_struct_sheet_order.sense 
A 1 2 ? anti-parallel 
B 1 2 ? anti-parallel 
B 2 3 ? anti-parallel 
B 3 4 ? anti-parallel 
# 
loop_
_struct_sheet_range.sheet_id 
_struct_sheet_range.id 
_struct_sheet_range.beg_label_comp_id 
_struct_sheet_range.beg_label_asym_id 
_struct_sheet_range.beg_label_seq_id 
_struct_sheet_range.pdbx_beg_PDB_ins_code 
_struct_sheet_range.end_label_comp_id 
_struct_sheet_range.end_label_asym_id 
_struct_sheet_range.end_label_seq_id 
_struct_sheet_range.pdbx_end_PDB_ins_code 
_struct_sheet_range.beg_auth_comp_id 
_struct_sheet_range.beg_auth_asym_id 
_struct_sheet_range.beg_auth_seq_id 
_struct_sheet_range.end_auth_comp_id 
_struct_sheet_range.end_auth_asym_id 
_struct_sheet_range.end_auth_seq_id 
A 1 VAL A 3   ? VAL A 9   ? VAL A 3   VAL A 9   
A 2 ALA A 106 ? LEU A 112 ? ALA A 106 LEU A 112 
B 1 CYS A 40  ? VAL A 43  ? CYS A 40  VAL A 43  
B 2 GLY A 94  ? PRO A 98  ? GLY A 94  PRO A 98  
B 3 TYR A 57  ? LYS A 61  ? TYR A 57  LYS A 61  
B 4 GLU A 76  ? GLU A 80  ? GLU A 76  GLU A 80  
# 
loop_
_pdbx_struct_sheet_hbond.sheet_id 
_pdbx_struct_sheet_hbond.range_id_1 
_pdbx_struct_sheet_hbond.range_id_2 
_pdbx_struct_sheet_hbond.range_1_label_atom_id 
_pdbx_struct_sheet_hbond.range_1_label_comp_id 
_pdbx_struct_sheet_hbond.range_1_label_asym_id 
_pdbx_struct_sheet_hbond.range_1_label_seq_id 
_pdbx_struct_sheet_hbond.range_1_PDB_ins_code 
_pdbx_struct_sheet_hbond.range_1_auth_atom_id 
_pdbx_struct_sheet_hbond.range_1_auth_comp_id 
_pdbx_struct_sheet_hbond.range_1_auth_asym_id 
_pdbx_struct_sheet_hbond.range_1_auth_seq_id 
_pdbx_struct_sheet_hbond.range_2_label_atom_id 
_pdbx_struct_sheet_hbond.range_2_label_comp_id 
_pdbx_struct_sheet_hbond.range_2_label_asym_id 
_pdbx_struct_sheet_hbond.range_2_label_seq_id 
_pdbx_struct_sheet_hbond.range_2_PDB_ins_code 
_pdbx_struct_sheet_hbond.range_2_auth_atom_id 
_pdbx_struct_sheet_hbond.range_2_auth_comp_id 
_pdbx_struct_sheet_hbond.range_2_auth_asym_id 
_pdbx_struct_sheet_hbond.range_2_auth_seq_id 
A 1 2 N LEU A 7  ? N LEU A 7  O ARG A 108 ? O ARG A 108 
B 1 2 N VAL A 43 ? N VAL A 43 O VAL A 95  ? O VAL A 95  
B 2 3 O LEU A 96 ? O LEU A 96 N VAL A 58  ? N VAL A 58  
B 3 4 N PHE A 59 ? N PHE A 59 O VAL A 78  ? O VAL A 78  
# 
_pdbx_validate_close_contact.id               1 
_pdbx_validate_close_contact.PDB_model_num    1 
_pdbx_validate_close_contact.auth_atom_id_1   O 
_pdbx_validate_close_contact.auth_asym_id_1   A 
_pdbx_validate_close_contact.auth_comp_id_1   TYR 
_pdbx_validate_close_contact.auth_seq_id_1    86 
_pdbx_validate_close_contact.PDB_ins_code_1   ? 
_pdbx_validate_close_contact.label_alt_id_1   ? 
_pdbx_validate_close_contact.auth_atom_id_2   HG1 
_pdbx_validate_close_contact.auth_asym_id_2   A 
_pdbx_validate_close_contact.auth_comp_id_2   THR 
_pdbx_validate_close_contact.auth_seq_id_2    92 
_pdbx_validate_close_contact.PDB_ins_code_2   ? 
_pdbx_validate_close_contact.label_alt_id_2   ? 
_pdbx_validate_close_contact.dist             1.59 
# 
loop_
_pdbx_validate_torsion.id 
_pdbx_validate_torsion.PDB_model_num 
_pdbx_validate_torsion.auth_comp_id 
_pdbx_validate_torsion.auth_asym_id 
_pdbx_validate_torsion.auth_seq_id 
_pdbx_validate_torsion.PDB_ins_code 
_pdbx_validate_torsion.label_alt_id 
_pdbx_validate_torsion.phi 
_pdbx_validate_torsion.psi 
1  1 HIS A 2   ? ? 64.80   162.14 
2  1 VAL A 15  ? ? -65.36  65.02  
3  1 THR A 39  ? ? -94.41  38.89  
4  1 PRO A 51  ? ? -84.37  43.86  
5  1 GLN A 52  ? ? -142.28 -17.49 
6  1 GLU A 54  ? ? -82.49  -88.37 
7  1 GLN A 55  ? ? -156.39 -59.65 
8  1 SER A 63  ? ? 43.01   78.89  
9  1 ALA A 65  ? ? -163.42 18.65  
10 1 SER A 67  ? ? -150.71 82.02  
11 1 MET A 81  ? ? -78.48  -72.20 
12 1 TYR A 86  ? ? 65.38   -70.71 
13 1 ILE A 91  ? ? -65.69  -93.25 
14 1 THR A 92  ? ? 21.61   116.45 
15 1 THR A 103 ? ? 69.17   101.99 
# 
loop_
_pdbx_validate_peptide_omega.id 
_pdbx_validate_peptide_omega.PDB_model_num 
_pdbx_validate_peptide_omega.auth_comp_id_1 
_pdbx_validate_peptide_omega.auth_asym_id_1 
_pdbx_validate_peptide_omega.auth_seq_id_1 
_pdbx_validate_peptide_omega.PDB_ins_code_1 
_pdbx_validate_peptide_omega.label_alt_id_1 
_pdbx_validate_peptide_omega.auth_comp_id_2 
_pdbx_validate_peptide_omega.auth_asym_id_2 
_pdbx_validate_peptide_omega.auth_seq_id_2 
_pdbx_validate_peptide_omega.PDB_ins_code_2 
_pdbx_validate_peptide_omega.label_alt_id_2 
_pdbx_validate_peptide_omega.omega 
1 1 ASP A 22 ? ? SER A 23 ? ? 146.30 
2 1 ILE A 91 ? ? THR A 92 ? ? 148.28 
# 
_pdbx_validate_planes.id              1 
_pdbx_validate_planes.PDB_model_num   1 
_pdbx_validate_planes.auth_comp_id    ARG 
_pdbx_validate_planes.auth_asym_id    A 
_pdbx_validate_planes.auth_seq_id     62 
_pdbx_validate_planes.PDB_ins_code    ? 
_pdbx_validate_planes.label_alt_id    ? 
_pdbx_validate_planes.rmsd            0.114 
_pdbx_validate_planes.type            'SIDE CHAIN' 
# 
_pdbx_SG_project.id                    1 
_pdbx_SG_project.project_name          'PSI, Protein Structure Initiative' 
_pdbx_SG_project.full_name_of_center   'Joint Center for Structural Genomics' 
_pdbx_SG_project.initial_of_center     JCSG 
# 
_pdbx_nmr_ensemble.entry_id                                      2HSX 
_pdbx_nmr_ensemble.conformers_calculated_total_number            120 
_pdbx_nmr_ensemble.conformers_submitted_total_number             1 
_pdbx_nmr_ensemble.conformer_selection_criteria                  'Closest to the mean structure' 
_pdbx_nmr_ensemble.average_constraints_per_residue               ? 
_pdbx_nmr_ensemble.average_constraint_violations_per_residue     ? 
_pdbx_nmr_ensemble.maximum_distance_constraint_violation         ? 
_pdbx_nmr_ensemble.average_distance_constraint_violation         ? 
_pdbx_nmr_ensemble.maximum_upper_distance_constraint_violation   ? 
_pdbx_nmr_ensemble.maximum_lower_distance_constraint_violation   ? 
_pdbx_nmr_ensemble.distance_constraint_violation_method          ? 
_pdbx_nmr_ensemble.maximum_torsion_angle_constraint_violation    ? 
_pdbx_nmr_ensemble.average_torsion_angle_constraint_violation    ? 
_pdbx_nmr_ensemble.torsion_angle_constraint_violation_method     ? 
# 
_pdbx_nmr_representative.entry_id             2HSX 
_pdbx_nmr_representative.conformer_id         1 
_pdbx_nmr_representative.selection_criteria   'closest to the average' 
# 
_pdbx_nmr_sample_details.solution_id      1 
_pdbx_nmr_sample_details.contents         '2 mM NSP1-6; 25 mM NaPHOSPHATE PH 7.0, 250 mM NACL, 10% D2O' 
_pdbx_nmr_sample_details.solvent_system   '25 mM NaPHOSPHATE PH 7.0, 250 mM NACL, 10% D2O' 
# 
_pdbx_nmr_exptl_sample_conditions.conditions_id       1 
_pdbx_nmr_exptl_sample_conditions.temperature         298 
_pdbx_nmr_exptl_sample_conditions.pressure            1 
_pdbx_nmr_exptl_sample_conditions.pH                  7.0 
_pdbx_nmr_exptl_sample_conditions.ionic_strength      '25 mM SODIUM PHOSPHATE AND 250 mM NaCl' 
_pdbx_nmr_exptl_sample_conditions.pressure_units      atm 
_pdbx_nmr_exptl_sample_conditions.temperature_units   K 
# 
loop_
_pdbx_nmr_exptl.experiment_id 
_pdbx_nmr_exptl.conditions_id 
_pdbx_nmr_exptl.type 
_pdbx_nmr_exptl.solution_id 
1 1 3D_13C-separated_NOESY 1 
2 1 3D_15N-separated_NOESY 1 
# 
_pdbx_nmr_refine.entry_id           2HSX 
_pdbx_nmr_refine.method             ATNOS/CANDID/CYANA 
_pdbx_nmr_refine.details            v.1.0 
_pdbx_nmr_refine.software_ordinal   1 
# 
loop_
_pdbx_nmr_software.classification 
_pdbx_nmr_software.name 
_pdbx_nmr_software.version 
_pdbx_nmr_software.authors 
_pdbx_nmr_software.ordinal 
collection           TopSpin                   1.3   Bruker  1 
'data analysis'      'ATNOS/CANDID Standalone' 1.0   Torsten 2 
'structure solution' CYANA                     1.0.3 Guntert 3 
refinement           CYANA                     1.0.3 Guntert 4 
# 
loop_
_chem_comp_atom.comp_id 
_chem_comp_atom.atom_id 
_chem_comp_atom.type_symbol 
_chem_comp_atom.pdbx_aromatic_flag 
_chem_comp_atom.pdbx_stereo_config 
_chem_comp_atom.pdbx_ordinal 
ALA N    N N N 1   
ALA CA   C N S 2   
ALA C    C N N 3   
ALA O    O N N 4   
ALA CB   C N N 5   
ALA OXT  O N N 6   
ALA H    H N N 7   
ALA H2   H N N 8   
ALA HA   H N N 9   
ALA HB1  H N N 10  
ALA HB2  H N N 11  
ALA HB3  H N N 12  
ALA HXT  H N N 13  
ARG N    N N N 14  
ARG CA   C N S 15  
ARG C    C N N 16  
ARG O    O N N 17  
ARG CB   C N N 18  
ARG CG   C N N 19  
ARG CD   C N N 20  
ARG NE   N N N 21  
ARG CZ   C N N 22  
ARG NH1  N N N 23  
ARG NH2  N N N 24  
ARG OXT  O N N 25  
ARG H    H N N 26  
ARG H2   H N N 27  
ARG HA   H N N 28  
ARG HB2  H N N 29  
ARG HB3  H N N 30  
ARG HG2  H N N 31  
ARG HG3  H N N 32  
ARG HD2  H N N 33  
ARG HD3  H N N 34  
ARG HE   H N N 35  
ARG HH11 H N N 36  
ARG HH12 H N N 37  
ARG HH21 H N N 38  
ARG HH22 H N N 39  
ARG HXT  H N N 40  
ASN N    N N N 41  
ASN CA   C N S 42  
ASN C    C N N 43  
ASN O    O N N 44  
ASN CB   C N N 45  
ASN CG   C N N 46  
ASN OD1  O N N 47  
ASN ND2  N N N 48  
ASN OXT  O N N 49  
ASN H    H N N 50  
ASN H2   H N N 51  
ASN HA   H N N 52  
ASN HB2  H N N 53  
ASN HB3  H N N 54  
ASN HD21 H N N 55  
ASN HD22 H N N 56  
ASN HXT  H N N 57  
ASP N    N N N 58  
ASP CA   C N S 59  
ASP C    C N N 60  
ASP O    O N N 61  
ASP CB   C N N 62  
ASP CG   C N N 63  
ASP OD1  O N N 64  
ASP OD2  O N N 65  
ASP OXT  O N N 66  
ASP H    H N N 67  
ASP H2   H N N 68  
ASP HA   H N N 69  
ASP HB2  H N N 70  
ASP HB3  H N N 71  
ASP HD2  H N N 72  
ASP HXT  H N N 73  
CYS N    N N N 74  
CYS CA   C N R 75  
CYS C    C N N 76  
CYS O    O N N 77  
CYS CB   C N N 78  
CYS SG   S N N 79  
CYS OXT  O N N 80  
CYS H    H N N 81  
CYS H2   H N N 82  
CYS HA   H N N 83  
CYS HB2  H N N 84  
CYS HB3  H N N 85  
CYS HG   H N N 86  
CYS HXT  H N N 87  
GLN N    N N N 88  
GLN CA   C N S 89  
GLN C    C N N 90  
GLN O    O N N 91  
GLN CB   C N N 92  
GLN CG   C N N 93  
GLN CD   C N N 94  
GLN OE1  O N N 95  
GLN NE2  N N N 96  
GLN OXT  O N N 97  
GLN H    H N N 98  
GLN H2   H N N 99  
GLN HA   H N N 100 
GLN HB2  H N N 101 
GLN HB3  H N N 102 
GLN HG2  H N N 103 
GLN HG3  H N N 104 
GLN HE21 H N N 105 
GLN HE22 H N N 106 
GLN HXT  H N N 107 
GLU N    N N N 108 
GLU CA   C N S 109 
GLU C    C N N 110 
GLU O    O N N 111 
GLU CB   C N N 112 
GLU CG   C N N 113 
GLU CD   C N N 114 
GLU OE1  O N N 115 
GLU OE2  O N N 116 
GLU OXT  O N N 117 
GLU H    H N N 118 
GLU H2   H N N 119 
GLU HA   H N N 120 
GLU HB2  H N N 121 
GLU HB3  H N N 122 
GLU HG2  H N N 123 
GLU HG3  H N N 124 
GLU HE2  H N N 125 
GLU HXT  H N N 126 
GLY N    N N N 127 
GLY CA   C N N 128 
GLY C    C N N 129 
GLY O    O N N 130 
GLY OXT  O N N 131 
GLY H    H N N 132 
GLY H2   H N N 133 
GLY HA2  H N N 134 
GLY HA3  H N N 135 
GLY HXT  H N N 136 
HIS N    N N N 137 
HIS CA   C N S 138 
HIS C    C N N 139 
HIS O    O N N 140 
HIS CB   C N N 141 
HIS CG   C Y N 142 
HIS ND1  N Y N 143 
HIS CD2  C Y N 144 
HIS CE1  C Y N 145 
HIS NE2  N Y N 146 
HIS OXT  O N N 147 
HIS H    H N N 148 
HIS H2   H N N 149 
HIS HA   H N N 150 
HIS HB2  H N N 151 
HIS HB3  H N N 152 
HIS HD1  H N N 153 
HIS HD2  H N N 154 
HIS HE1  H N N 155 
HIS HE2  H N N 156 
HIS HXT  H N N 157 
ILE N    N N N 158 
ILE CA   C N S 159 
ILE C    C N N 160 
ILE O    O N N 161 
ILE CB   C N S 162 
ILE CG1  C N N 163 
ILE CG2  C N N 164 
ILE CD1  C N N 165 
ILE OXT  O N N 166 
ILE H    H N N 167 
ILE H2   H N N 168 
ILE HA   H N N 169 
ILE HB   H N N 170 
ILE HG12 H N N 171 
ILE HG13 H N N 172 
ILE HG21 H N N 173 
ILE HG22 H N N 174 
ILE HG23 H N N 175 
ILE HD11 H N N 176 
ILE HD12 H N N 177 
ILE HD13 H N N 178 
ILE HXT  H N N 179 
LEU N    N N N 180 
LEU CA   C N S 181 
LEU C    C N N 182 
LEU O    O N N 183 
LEU CB   C N N 184 
LEU CG   C N N 185 
LEU CD1  C N N 186 
LEU CD2  C N N 187 
LEU OXT  O N N 188 
LEU H    H N N 189 
LEU H2   H N N 190 
LEU HA   H N N 191 
LEU HB2  H N N 192 
LEU HB3  H N N 193 
LEU HG   H N N 194 
LEU HD11 H N N 195 
LEU HD12 H N N 196 
LEU HD13 H N N 197 
LEU HD21 H N N 198 
LEU HD22 H N N 199 
LEU HD23 H N N 200 
LEU HXT  H N N 201 
LYS N    N N N 202 
LYS CA   C N S 203 
LYS C    C N N 204 
LYS O    O N N 205 
LYS CB   C N N 206 
LYS CG   C N N 207 
LYS CD   C N N 208 
LYS CE   C N N 209 
LYS NZ   N N N 210 
LYS OXT  O N N 211 
LYS H    H N N 212 
LYS H2   H N N 213 
LYS HA   H N N 214 
LYS HB2  H N N 215 
LYS HB3  H N N 216 
LYS HG2  H N N 217 
LYS HG3  H N N 218 
LYS HD2  H N N 219 
LYS HD3  H N N 220 
LYS HE2  H N N 221 
LYS HE3  H N N 222 
LYS HZ1  H N N 223 
LYS HZ2  H N N 224 
LYS HZ3  H N N 225 
LYS HXT  H N N 226 
MET N    N N N 227 
MET CA   C N S 228 
MET C    C N N 229 
MET O    O N N 230 
MET CB   C N N 231 
MET CG   C N N 232 
MET SD   S N N 233 
MET CE   C N N 234 
MET OXT  O N N 235 
MET H    H N N 236 
MET H2   H N N 237 
MET HA   H N N 238 
MET HB2  H N N 239 
MET HB3  H N N 240 
MET HG2  H N N 241 
MET HG3  H N N 242 
MET HE1  H N N 243 
MET HE2  H N N 244 
MET HE3  H N N 245 
MET HXT  H N N 246 
PHE N    N N N 247 
PHE CA   C N S 248 
PHE C    C N N 249 
PHE O    O N N 250 
PHE CB   C N N 251 
PHE CG   C Y N 252 
PHE CD1  C Y N 253 
PHE CD2  C Y N 254 
PHE CE1  C Y N 255 
PHE CE2  C Y N 256 
PHE CZ   C Y N 257 
PHE OXT  O N N 258 
PHE H    H N N 259 
PHE H2   H N N 260 
PHE HA   H N N 261 
PHE HB2  H N N 262 
PHE HB3  H N N 263 
PHE HD1  H N N 264 
PHE HD2  H N N 265 
PHE HE1  H N N 266 
PHE HE2  H N N 267 
PHE HZ   H N N 268 
PHE HXT  H N N 269 
PRO N    N N N 270 
PRO CA   C N S 271 
PRO C    C N N 272 
PRO O    O N N 273 
PRO CB   C N N 274 
PRO CG   C N N 275 
PRO CD   C N N 276 
PRO OXT  O N N 277 
PRO H    H N N 278 
PRO HA   H N N 279 
PRO HB2  H N N 280 
PRO HB3  H N N 281 
PRO HG2  H N N 282 
PRO HG3  H N N 283 
PRO HD2  H N N 284 
PRO HD3  H N N 285 
PRO HXT  H N N 286 
SER N    N N N 287 
SER CA   C N S 288 
SER C    C N N 289 
SER O    O N N 290 
SER CB   C N N 291 
SER OG   O N N 292 
SER OXT  O N N 293 
SER H    H N N 294 
SER H2   H N N 295 
SER HA   H N N 296 
SER HB2  H N N 297 
SER HB3  H N N 298 
SER HG   H N N 299 
SER HXT  H N N 300 
THR N    N N N 301 
THR CA   C N S 302 
THR C    C N N 303 
THR O    O N N 304 
THR CB   C N R 305 
THR OG1  O N N 306 
THR CG2  C N N 307 
THR OXT  O N N 308 
THR H    H N N 309 
THR H2   H N N 310 
THR HA   H N N 311 
THR HB   H N N 312 
THR HG1  H N N 313 
THR HG21 H N N 314 
THR HG22 H N N 315 
THR HG23 H N N 316 
THR HXT  H N N 317 
TYR N    N N N 318 
TYR CA   C N S 319 
TYR C    C N N 320 
TYR O    O N N 321 
TYR CB   C N N 322 
TYR CG   C Y N 323 
TYR CD1  C Y N 324 
TYR CD2  C Y N 325 
TYR CE1  C Y N 326 
TYR CE2  C Y N 327 
TYR CZ   C Y N 328 
TYR OH   O N N 329 
TYR OXT  O N N 330 
TYR H    H N N 331 
TYR H2   H N N 332 
TYR HA   H N N 333 
TYR HB2  H N N 334 
TYR HB3  H N N 335 
TYR HD1  H N N 336 
TYR HD2  H N N 337 
TYR HE1  H N N 338 
TYR HE2  H N N 339 
TYR HH   H N N 340 
TYR HXT  H N N 341 
VAL N    N N N 342 
VAL CA   C N S 343 
VAL C    C N N 344 
VAL O    O N N 345 
VAL CB   C N N 346 
VAL CG1  C N N 347 
VAL CG2  C N N 348 
VAL OXT  O N N 349 
VAL H    H N N 350 
VAL H2   H N N 351 
VAL HA   H N N 352 
VAL HB   H N N 353 
VAL HG11 H N N 354 
VAL HG12 H N N 355 
VAL HG13 H N N 356 
VAL HG21 H N N 357 
VAL HG22 H N N 358 
VAL HG23 H N N 359 
VAL HXT  H N N 360 
# 
loop_
_chem_comp_bond.comp_id 
_chem_comp_bond.atom_id_1 
_chem_comp_bond.atom_id_2 
_chem_comp_bond.value_order 
_chem_comp_bond.pdbx_aromatic_flag 
_chem_comp_bond.pdbx_stereo_config 
_chem_comp_bond.pdbx_ordinal 
ALA N   CA   sing N N 1   
ALA N   H    sing N N 2   
ALA N   H2   sing N N 3   
ALA CA  C    sing N N 4   
ALA CA  CB   sing N N 5   
ALA CA  HA   sing N N 6   
ALA C   O    doub N N 7   
ALA C   OXT  sing N N 8   
ALA CB  HB1  sing N N 9   
ALA CB  HB2  sing N N 10  
ALA CB  HB3  sing N N 11  
ALA OXT HXT  sing N N 12  
ARG N   CA   sing N N 13  
ARG N   H    sing N N 14  
ARG N   H2   sing N N 15  
ARG CA  C    sing N N 16  
ARG CA  CB   sing N N 17  
ARG CA  HA   sing N N 18  
ARG C   O    doub N N 19  
ARG C   OXT  sing N N 20  
ARG CB  CG   sing N N 21  
ARG CB  HB2  sing N N 22  
ARG CB  HB3  sing N N 23  
ARG CG  CD   sing N N 24  
ARG CG  HG2  sing N N 25  
ARG CG  HG3  sing N N 26  
ARG CD  NE   sing N N 27  
ARG CD  HD2  sing N N 28  
ARG CD  HD3  sing N N 29  
ARG NE  CZ   sing N N 30  
ARG NE  HE   sing N N 31  
ARG CZ  NH1  sing N N 32  
ARG CZ  NH2  doub N N 33  
ARG NH1 HH11 sing N N 34  
ARG NH1 HH12 sing N N 35  
ARG NH2 HH21 sing N N 36  
ARG NH2 HH22 sing N N 37  
ARG OXT HXT  sing N N 38  
ASN N   CA   sing N N 39  
ASN N   H    sing N N 40  
ASN N   H2   sing N N 41  
ASN CA  C    sing N N 42  
ASN CA  CB   sing N N 43  
ASN CA  HA   sing N N 44  
ASN C   O    doub N N 45  
ASN C   OXT  sing N N 46  
ASN CB  CG   sing N N 47  
ASN CB  HB2  sing N N 48  
ASN CB  HB3  sing N N 49  
ASN CG  OD1  doub N N 50  
ASN CG  ND2  sing N N 51  
ASN ND2 HD21 sing N N 52  
ASN ND2 HD22 sing N N 53  
ASN OXT HXT  sing N N 54  
ASP N   CA   sing N N 55  
ASP N   H    sing N N 56  
ASP N   H2   sing N N 57  
ASP CA  C    sing N N 58  
ASP CA  CB   sing N N 59  
ASP CA  HA   sing N N 60  
ASP C   O    doub N N 61  
ASP C   OXT  sing N N 62  
ASP CB  CG   sing N N 63  
ASP CB  HB2  sing N N 64  
ASP CB  HB3  sing N N 65  
ASP CG  OD1  doub N N 66  
ASP CG  OD2  sing N N 67  
ASP OD2 HD2  sing N N 68  
ASP OXT HXT  sing N N 69  
CYS N   CA   sing N N 70  
CYS N   H    sing N N 71  
CYS N   H2   sing N N 72  
CYS CA  C    sing N N 73  
CYS CA  CB   sing N N 74  
CYS CA  HA   sing N N 75  
CYS C   O    doub N N 76  
CYS C   OXT  sing N N 77  
CYS CB  SG   sing N N 78  
CYS CB  HB2  sing N N 79  
CYS CB  HB3  sing N N 80  
CYS SG  HG   sing N N 81  
CYS OXT HXT  sing N N 82  
GLN N   CA   sing N N 83  
GLN N   H    sing N N 84  
GLN N   H2   sing N N 85  
GLN CA  C    sing N N 86  
GLN CA  CB   sing N N 87  
GLN CA  HA   sing N N 88  
GLN C   O    doub N N 89  
GLN C   OXT  sing N N 90  
GLN CB  CG   sing N N 91  
GLN CB  HB2  sing N N 92  
GLN CB  HB3  sing N N 93  
GLN CG  CD   sing N N 94  
GLN CG  HG2  sing N N 95  
GLN CG  HG3  sing N N 96  
GLN CD  OE1  doub N N 97  
GLN CD  NE2  sing N N 98  
GLN NE2 HE21 sing N N 99  
GLN NE2 HE22 sing N N 100 
GLN OXT HXT  sing N N 101 
GLU N   CA   sing N N 102 
GLU N   H    sing N N 103 
GLU N   H2   sing N N 104 
GLU CA  C    sing N N 105 
GLU CA  CB   sing N N 106 
GLU CA  HA   sing N N 107 
GLU C   O    doub N N 108 
GLU C   OXT  sing N N 109 
GLU CB  CG   sing N N 110 
GLU CB  HB2  sing N N 111 
GLU CB  HB3  sing N N 112 
GLU CG  CD   sing N N 113 
GLU CG  HG2  sing N N 114 
GLU CG  HG3  sing N N 115 
GLU CD  OE1  doub N N 116 
GLU CD  OE2  sing N N 117 
GLU OE2 HE2  sing N N 118 
GLU OXT HXT  sing N N 119 
GLY N   CA   sing N N 120 
GLY N   H    sing N N 121 
GLY N   H2   sing N N 122 
GLY CA  C    sing N N 123 
GLY CA  HA2  sing N N 124 
GLY CA  HA3  sing N N 125 
GLY C   O    doub N N 126 
GLY C   OXT  sing N N 127 
GLY OXT HXT  sing N N 128 
HIS N   CA   sing N N 129 
HIS N   H    sing N N 130 
HIS N   H2   sing N N 131 
HIS CA  C    sing N N 132 
HIS CA  CB   sing N N 133 
HIS CA  HA   sing N N 134 
HIS C   O    doub N N 135 
HIS C   OXT  sing N N 136 
HIS CB  CG   sing N N 137 
HIS CB  HB2  sing N N 138 
HIS CB  HB3  sing N N 139 
HIS CG  ND1  sing Y N 140 
HIS CG  CD2  doub Y N 141 
HIS ND1 CE1  doub Y N 142 
HIS ND1 HD1  sing N N 143 
HIS CD2 NE2  sing Y N 144 
HIS CD2 HD2  sing N N 145 
HIS CE1 NE2  sing Y N 146 
HIS CE1 HE1  sing N N 147 
HIS NE2 HE2  sing N N 148 
HIS OXT HXT  sing N N 149 
ILE N   CA   sing N N 150 
ILE N   H    sing N N 151 
ILE N   H2   sing N N 152 
ILE CA  C    sing N N 153 
ILE CA  CB   sing N N 154 
ILE CA  HA   sing N N 155 
ILE C   O    doub N N 156 
ILE C   OXT  sing N N 157 
ILE CB  CG1  sing N N 158 
ILE CB  CG2  sing N N 159 
ILE CB  HB   sing N N 160 
ILE CG1 CD1  sing N N 161 
ILE CG1 HG12 sing N N 162 
ILE CG1 HG13 sing N N 163 
ILE CG2 HG21 sing N N 164 
ILE CG2 HG22 sing N N 165 
ILE CG2 HG23 sing N N 166 
ILE CD1 HD11 sing N N 167 
ILE CD1 HD12 sing N N 168 
ILE CD1 HD13 sing N N 169 
ILE OXT HXT  sing N N 170 
LEU N   CA   sing N N 171 
LEU N   H    sing N N 172 
LEU N   H2   sing N N 173 
LEU CA  C    sing N N 174 
LEU CA  CB   sing N N 175 
LEU CA  HA   sing N N 176 
LEU C   O    doub N N 177 
LEU C   OXT  sing N N 178 
LEU CB  CG   sing N N 179 
LEU CB  HB2  sing N N 180 
LEU CB  HB3  sing N N 181 
LEU CG  CD1  sing N N 182 
LEU CG  CD2  sing N N 183 
LEU CG  HG   sing N N 184 
LEU CD1 HD11 sing N N 185 
LEU CD1 HD12 sing N N 186 
LEU CD1 HD13 sing N N 187 
LEU CD2 HD21 sing N N 188 
LEU CD2 HD22 sing N N 189 
LEU CD2 HD23 sing N N 190 
LEU OXT HXT  sing N N 191 
LYS N   CA   sing N N 192 
LYS N   H    sing N N 193 
LYS N   H2   sing N N 194 
LYS CA  C    sing N N 195 
LYS CA  CB   sing N N 196 
LYS CA  HA   sing N N 197 
LYS C   O    doub N N 198 
LYS C   OXT  sing N N 199 
LYS CB  CG   sing N N 200 
LYS CB  HB2  sing N N 201 
LYS CB  HB3  sing N N 202 
LYS CG  CD   sing N N 203 
LYS CG  HG2  sing N N 204 
LYS CG  HG3  sing N N 205 
LYS CD  CE   sing N N 206 
LYS CD  HD2  sing N N 207 
LYS CD  HD3  sing N N 208 
LYS CE  NZ   sing N N 209 
LYS CE  HE2  sing N N 210 
LYS CE  HE3  sing N N 211 
LYS NZ  HZ1  sing N N 212 
LYS NZ  HZ2  sing N N 213 
LYS NZ  HZ3  sing N N 214 
LYS OXT HXT  sing N N 215 
MET N   CA   sing N N 216 
MET N   H    sing N N 217 
MET N   H2   sing N N 218 
MET CA  C    sing N N 219 
MET CA  CB   sing N N 220 
MET CA  HA   sing N N 221 
MET C   O    doub N N 222 
MET C   OXT  sing N N 223 
MET CB  CG   sing N N 224 
MET CB  HB2  sing N N 225 
MET CB  HB3  sing N N 226 
MET CG  SD   sing N N 227 
MET CG  HG2  sing N N 228 
MET CG  HG3  sing N N 229 
MET SD  CE   sing N N 230 
MET CE  HE1  sing N N 231 
MET CE  HE2  sing N N 232 
MET CE  HE3  sing N N 233 
MET OXT HXT  sing N N 234 
PHE N   CA   sing N N 235 
PHE N   H    sing N N 236 
PHE N   H2   sing N N 237 
PHE CA  C    sing N N 238 
PHE CA  CB   sing N N 239 
PHE CA  HA   sing N N 240 
PHE C   O    doub N N 241 
PHE C   OXT  sing N N 242 
PHE CB  CG   sing N N 243 
PHE CB  HB2  sing N N 244 
PHE CB  HB3  sing N N 245 
PHE CG  CD1  doub Y N 246 
PHE CG  CD2  sing Y N 247 
PHE CD1 CE1  sing Y N 248 
PHE CD1 HD1  sing N N 249 
PHE CD2 CE2  doub Y N 250 
PHE CD2 HD2  sing N N 251 
PHE CE1 CZ   doub Y N 252 
PHE CE1 HE1  sing N N 253 
PHE CE2 CZ   sing Y N 254 
PHE CE2 HE2  sing N N 255 
PHE CZ  HZ   sing N N 256 
PHE OXT HXT  sing N N 257 
PRO N   CA   sing N N 258 
PRO N   CD   sing N N 259 
PRO N   H    sing N N 260 
PRO CA  C    sing N N 261 
PRO CA  CB   sing N N 262 
PRO CA  HA   sing N N 263 
PRO C   O    doub N N 264 
PRO C   OXT  sing N N 265 
PRO CB  CG   sing N N 266 
PRO CB  HB2  sing N N 267 
PRO CB  HB3  sing N N 268 
PRO CG  CD   sing N N 269 
PRO CG  HG2  sing N N 270 
PRO CG  HG3  sing N N 271 
PRO CD  HD2  sing N N 272 
PRO CD  HD3  sing N N 273 
PRO OXT HXT  sing N N 274 
SER N   CA   sing N N 275 
SER N   H    sing N N 276 
SER N   H2   sing N N 277 
SER CA  C    sing N N 278 
SER CA  CB   sing N N 279 
SER CA  HA   sing N N 280 
SER C   O    doub N N 281 
SER C   OXT  sing N N 282 
SER CB  OG   sing N N 283 
SER CB  HB2  sing N N 284 
SER CB  HB3  sing N N 285 
SER OG  HG   sing N N 286 
SER OXT HXT  sing N N 287 
THR N   CA   sing N N 288 
THR N   H    sing N N 289 
THR N   H2   sing N N 290 
THR CA  C    sing N N 291 
THR CA  CB   sing N N 292 
THR CA  HA   sing N N 293 
THR C   O    doub N N 294 
THR C   OXT  sing N N 295 
THR CB  OG1  sing N N 296 
THR CB  CG2  sing N N 297 
THR CB  HB   sing N N 298 
THR OG1 HG1  sing N N 299 
THR CG2 HG21 sing N N 300 
THR CG2 HG22 sing N N 301 
THR CG2 HG23 sing N N 302 
THR OXT HXT  sing N N 303 
TYR N   CA   sing N N 304 
TYR N   H    sing N N 305 
TYR N   H2   sing N N 306 
TYR CA  C    sing N N 307 
TYR CA  CB   sing N N 308 
TYR CA  HA   sing N N 309 
TYR C   O    doub N N 310 
TYR C   OXT  sing N N 311 
TYR CB  CG   sing N N 312 
TYR CB  HB2  sing N N 313 
TYR CB  HB3  sing N N 314 
TYR CG  CD1  doub Y N 315 
TYR CG  CD2  sing Y N 316 
TYR CD1 CE1  sing Y N 317 
TYR CD1 HD1  sing N N 318 
TYR CD2 CE2  doub Y N 319 
TYR CD2 HD2  sing N N 320 
TYR CE1 CZ   doub Y N 321 
TYR CE1 HE1  sing N N 322 
TYR CE2 CZ   sing Y N 323 
TYR CE2 HE2  sing N N 324 
TYR CZ  OH   sing N N 325 
TYR OH  HH   sing N N 326 
TYR OXT HXT  sing N N 327 
VAL N   CA   sing N N 328 
VAL N   H    sing N N 329 
VAL N   H2   sing N N 330 
VAL CA  C    sing N N 331 
VAL CA  CB   sing N N 332 
VAL CA  HA   sing N N 333 
VAL C   O    doub N N 334 
VAL C   OXT  sing N N 335 
VAL CB  CG1  sing N N 336 
VAL CB  CG2  sing N N 337 
VAL CB  HB   sing N N 338 
VAL CG1 HG11 sing N N 339 
VAL CG1 HG12 sing N N 340 
VAL CG1 HG13 sing N N 341 
VAL CG2 HG21 sing N N 342 
VAL CG2 HG22 sing N N 343 
VAL CG2 HG23 sing N N 344 
VAL OXT HXT  sing N N 345 
# 
loop_
_pdbx_nmr_spectrometer.spectrometer_id 
_pdbx_nmr_spectrometer.model 
_pdbx_nmr_spectrometer.manufacturer 
_pdbx_nmr_spectrometer.field_strength 
_pdbx_nmr_spectrometer.type 
1 AVANCE Bruker 600 ? 
2 AVANCE Bruker 800 ? 
# 
_atom_sites.entry_id                    2HSX 
_atom_sites.fract_transf_matrix[1][1]   1.000000 
_atom_sites.fract_transf_matrix[1][2]   0.000000 
_atom_sites.fract_transf_matrix[1][3]   0.000000 
_atom_sites.fract_transf_matrix[2][1]   0.000000 
_atom_sites.fract_transf_matrix[2][2]   1.000000 
_atom_sites.fract_transf_matrix[2][3]   0.000000 
_atom_sites.fract_transf_matrix[3][1]   0.000000 
_atom_sites.fract_transf_matrix[3][2]   0.000000 
_atom_sites.fract_transf_matrix[3][3]   1.000000 
_atom_sites.fract_transf_vector[1]      0.00000 
_atom_sites.fract_transf_vector[2]      0.00000 
_atom_sites.fract_transf_vector[3]      0.00000 
# 
loop_
_atom_type.symbol 
C 
H 
N 
O 
S 
# 
loop_
_atom_site.group_PDB 
_atom_site.id 
_atom_site.type_symbol 
_atom_site.label_atom_id 
_atom_site.label_alt_id 
_atom_site.label_comp_id 
_atom_site.label_asym_id 
_atom_site.label_entity_id 
_atom_site.label_seq_id 
_atom_site.pdbx_PDB_ins_code 
_atom_site.Cartn_x 
_atom_site.Cartn_y 
_atom_site.Cartn_z 
_atom_site.occupancy 
_atom_site.B_iso_or_equiv 
_atom_site.pdbx_formal_charge 
_atom_site.auth_seq_id 
_atom_site.auth_comp_id 
_atom_site.auth_asym_id 
_atom_site.auth_atom_id 
_atom_site.pdbx_PDB_model_num 
ATOM 1    N N    . GLY A 1 1   ? 20.256  -1.017  -1.184  1.00 0.00 ? 1   GLY A N    1 
ATOM 2    C CA   . GLY A 1 1   ? 19.918  -1.705  0.065   1.00 0.00 ? 1   GLY A CA   1 
ATOM 3    C C    . GLY A 1 1   ? 18.420  -1.892  0.167   1.00 0.00 ? 1   GLY A C    1 
ATOM 4    O O    . GLY A 1 1   ? 17.750  -1.859  -0.865  1.00 0.00 ? 1   GLY A O    1 
ATOM 5    H H1   . GLY A 1 1   ? 19.871  -1.427  -2.010  1.00 0.00 ? 1   GLY A H1   1 
ATOM 6    H HA2  . GLY A 1 1   ? 20.405  -2.678  0.058   1.00 0.00 ? 1   GLY A HA2  1 
ATOM 7    H HA3  . GLY A 1 1   ? 20.277  -1.129  0.917   1.00 0.00 ? 1   GLY A HA3  1 
ATOM 8    N N    . HIS A 1 2   ? 17.905  -2.067  1.394   1.00 0.00 ? 2   HIS A N    1 
ATOM 9    C CA   . HIS A 1 2   ? 16.519  -2.431  1.720   1.00 0.00 ? 2   HIS A CA   1 
ATOM 10   C C    . HIS A 1 2   ? 16.195  -3.841  1.195   1.00 0.00 ? 2   HIS A C    1 
ATOM 11   O O    . HIS A 1 2   ? 16.882  -4.373  0.321   1.00 0.00 ? 2   HIS A O    1 
ATOM 12   C CB   . HIS A 1 2   ? 15.544  -1.360  1.204   1.00 0.00 ? 2   HIS A CB   1 
ATOM 13   C CG   . HIS A 1 2   ? 15.701  -0.012  1.856   1.00 0.00 ? 2   HIS A CG   1 
ATOM 14   N ND1  . HIS A 1 2   ? 16.663  0.383   2.763   1.00 0.00 ? 2   HIS A ND1  1 
ATOM 15   C CD2  . HIS A 1 2   ? 14.928  1.076   1.581   1.00 0.00 ? 2   HIS A CD2  1 
ATOM 16   C CE1  . HIS A 1 2   ? 16.499  1.696   2.990   1.00 0.00 ? 2   HIS A CE1  1 
ATOM 17   N NE2  . HIS A 1 2   ? 15.446  2.159   2.297   1.00 0.00 ? 2   HIS A NE2  1 
ATOM 18   H H    . HIS A 1 2   ? 18.565  -2.136  2.161   1.00 0.00 ? 2   HIS A H    1 
ATOM 19   H HA   . HIS A 1 2   ? 16.392  -2.436  2.812   1.00 0.00 ? 2   HIS A HA   1 
ATOM 20   H HB2  . HIS A 1 2   ? 15.656  -1.226  0.131   1.00 0.00 ? 2   HIS A HB2  1 
ATOM 21   H HB3  . HIS A 1 2   ? 14.522  -1.696  1.341   1.00 0.00 ? 2   HIS A HB3  1 
ATOM 22   H HD1  . HIS A 1 2   ? 17.367  -0.205  3.211   1.00 0.00 ? 2   HIS A HD1  1 
ATOM 23   H HD2  . HIS A 1 2   ? 14.087  1.082   0.909   1.00 0.00 ? 2   HIS A HD2  1 
ATOM 24   H HE1  . HIS A 1 2   ? 17.122  2.297   3.640   1.00 0.00 ? 2   HIS A HE1  1 
ATOM 25   N N    . VAL A 1 3   ? 15.133  -4.453  1.713   1.00 0.00 ? 3   VAL A N    1 
ATOM 26   C CA   . VAL A 1 3   ? 14.652  -5.750  1.245   1.00 0.00 ? 3   VAL A CA   1 
ATOM 27   C C    . VAL A 1 3   ? 13.856  -5.485  -0.024  1.00 0.00 ? 3   VAL A C    1 
ATOM 28   O O    . VAL A 1 3   ? 13.206  -4.452  -0.114  1.00 0.00 ? 3   VAL A O    1 
ATOM 29   C CB   . VAL A 1 3   ? 13.765  -6.367  2.341   1.00 0.00 ? 3   VAL A CB   1 
ATOM 30   C CG1  . VAL A 1 3   ? 13.076  -7.680  1.966   1.00 0.00 ? 3   VAL A CG1  1 
ATOM 31   C CG2  . VAL A 1 3   ? 14.607  -6.629  3.594   1.00 0.00 ? 3   VAL A CG2  1 
ATOM 32   H H    . VAL A 1 3   ? 14.518  -3.939  2.334   1.00 0.00 ? 3   VAL A H    1 
ATOM 33   H HA   . VAL A 1 3   ? 15.496  -6.408  1.027   1.00 0.00 ? 3   VAL A HA   1 
ATOM 34   H HB   . VAL A 1 3   ? 12.969  -5.660  2.573   1.00 0.00 ? 3   VAL A HB   1 
ATOM 35   H HG11 . VAL A 1 3   ? 12.497  -7.536  1.060   1.00 0.00 ? 3   VAL A HG11 1 
ATOM 36   H HG12 . VAL A 1 3   ? 13.809  -8.472  1.813   1.00 0.00 ? 3   VAL A HG12 1 
ATOM 37   H HG13 . VAL A 1 3   ? 12.383  -7.974  2.757   1.00 0.00 ? 3   VAL A HG13 1 
ATOM 38   H HG21 . VAL A 1 3   ? 14.022  -7.207  4.299   1.00 0.00 ? 3   VAL A HG21 1 
ATOM 39   H HG22 . VAL A 1 3   ? 15.500  -7.200  3.335   1.00 0.00 ? 3   VAL A HG22 1 
ATOM 40   H HG23 . VAL A 1 3   ? 14.907  -5.686  4.050   1.00 0.00 ? 3   VAL A HG23 1 
ATOM 41   N N    . GLN A 1 4   ? 13.859  -6.389  -0.997  1.00 0.00 ? 4   GLN A N    1 
ATOM 42   C CA   . GLN A 1 4   ? 12.984  -6.348  -2.144  1.00 0.00 ? 4   GLN A CA   1 
ATOM 43   C C    . GLN A 1 4   ? 11.765  -7.204  -1.859  1.00 0.00 ? 4   GLN A C    1 
ATOM 44   O O    . GLN A 1 4   ? 11.912  -8.320  -1.352  1.00 0.00 ? 4   GLN A O    1 
ATOM 45   C CB   . GLN A 1 4   ? 13.742  -6.860  -3.371  1.00 0.00 ? 4   GLN A CB   1 
ATOM 46   C CG   . GLN A 1 4   ? 13.299  -6.014  -4.555  1.00 0.00 ? 4   GLN A CG   1 
ATOM 47   C CD   . GLN A 1 4   ? 13.765  -6.545  -5.910  1.00 0.00 ? 4   GLN A CD   1 
ATOM 48   O OE1  . GLN A 1 4   ? 14.536  -7.497  -6.017  1.00 0.00 ? 4   GLN A OE1  1 
ATOM 49   N NE2  . GLN A 1 4   ? 13.264  -5.966  -6.983  1.00 0.00 ? 4   GLN A NE2  1 
ATOM 50   H H    . GLN A 1 4   ? 14.322  -7.271  -0.860  1.00 0.00 ? 4   GLN A H    1 
ATOM 51   H HA   . GLN A 1 4   ? 12.661  -5.324  -2.309  1.00 0.00 ? 4   GLN A HA   1 
ATOM 52   H HB2  . GLN A 1 4   ? 14.811  -6.722  -3.234  1.00 0.00 ? 4   GLN A HB2  1 
ATOM 53   H HB3  . GLN A 1 4   ? 13.527  -7.916  -3.543  1.00 0.00 ? 4   GLN A HB3  1 
ATOM 54   H HG2  . GLN A 1 4   ? 12.212  -5.980  -4.547  1.00 0.00 ? 4   GLN A HG2  1 
ATOM 55   H HG3  . GLN A 1 4   ? 13.680  -5.006  -4.382  1.00 0.00 ? 4   GLN A HG3  1 
ATOM 56   H HE21 . GLN A 1 4   ? 12.680  -5.143  -6.856  1.00 0.00 ? 4   GLN A HE21 1 
ATOM 57   H HE22 . GLN A 1 4   ? 13.365  -6.358  -7.916  1.00 0.00 ? 4   GLN A HE22 1 
ATOM 58   N N    . LEU A 1 5   ? 10.573  -6.704  -2.193  1.00 0.00 ? 5   LEU A N    1 
ATOM 59   C CA   . LEU A 1 5   ? 9.343   -7.455  -2.006  1.00 0.00 ? 5   LEU A CA   1 
ATOM 60   C C    . LEU A 1 5   ? 8.370   -7.192  -3.145  1.00 0.00 ? 5   LEU A C    1 
ATOM 61   O O    . LEU A 1 5   ? 8.355   -6.103  -3.724  1.00 0.00 ? 5   LEU A O    1 
ATOM 62   C CB   . LEU A 1 5   ? 8.700   -7.111  -0.649  1.00 0.00 ? 5   LEU A CB   1 
ATOM 63   C CG   . LEU A 1 5   ? 9.361   -7.790  0.567   1.00 0.00 ? 5   LEU A CG   1 
ATOM 64   C CD1  . LEU A 1 5   ? 8.876   -7.183  1.880   1.00 0.00 ? 5   LEU A CD1  1 
ATOM 65   C CD2  . LEU A 1 5   ? 9.113   -9.300  0.592   1.00 0.00 ? 5   LEU A CD2  1 
ATOM 66   H H    . LEU A 1 5   ? 10.490  -5.816  -2.679  1.00 0.00 ? 5   LEU A H    1 
ATOM 67   H HA   . LEU A 1 5   ? 9.591   -8.508  -2.041  1.00 0.00 ? 5   LEU A HA   1 
ATOM 68   H HB2  . LEU A 1 5   ? 8.711   -6.028  -0.515  1.00 0.00 ? 5   LEU A HB2  1 
ATOM 69   H HB3  . LEU A 1 5   ? 7.661   -7.429  -0.675  1.00 0.00 ? 5   LEU A HB3  1 
ATOM 70   H HG   . LEU A 1 5   ? 10.427  -7.614  0.534   1.00 0.00 ? 5   LEU A HG   1 
ATOM 71   H HD11 . LEU A 1 5   ? 9.131   -7.831  2.719   1.00 0.00 ? 5   LEU A HD11 1 
ATOM 72   H HD12 . LEU A 1 5   ? 9.372   -6.233  2.028   1.00 0.00 ? 5   LEU A HD12 1 
ATOM 73   H HD13 . LEU A 1 5   ? 7.799   -7.034  1.848   1.00 0.00 ? 5   LEU A HD13 1 
ATOM 74   H HD21 . LEU A 1 5   ? 8.042   -9.506  0.603   1.00 0.00 ? 5   LEU A HD21 1 
ATOM 75   H HD22 . LEU A 1 5   ? 9.567   -9.763  -0.281  1.00 0.00 ? 5   LEU A HD22 1 
ATOM 76   H HD23 . LEU A 1 5   ? 9.568   -9.742  1.479   1.00 0.00 ? 5   LEU A HD23 1 
ATOM 77   N N    . SER A 1 6   ? 7.522   -8.176  -3.427  1.00 0.00 ? 6   SER A N    1 
ATOM 78   C CA   . SER A 1 6   ? 6.487   -8.124  -4.452  1.00 0.00 ? 6   SER A CA   1 
ATOM 79   C C    . SER A 1 6   ? 5.112   -8.250  -3.799  1.00 0.00 ? 6   SER A C    1 
ATOM 80   O O    . SER A 1 6   ? 5.000   -8.785  -2.691  1.00 0.00 ? 6   SER A O    1 
ATOM 81   C CB   . SER A 1 6   ? 6.713   -9.210  -5.524  1.00 0.00 ? 6   SER A CB   1 
ATOM 82   O OG   . SER A 1 6   ? 7.922   -9.939  -5.377  1.00 0.00 ? 6   SER A OG   1 
ATOM 83   H H    . SER A 1 6   ? 7.618   -9.054  -2.932  1.00 0.00 ? 6   SER A H    1 
ATOM 84   H HA   . SER A 1 6   ? 6.519   -7.160  -4.945  1.00 0.00 ? 6   SER A HA   1 
ATOM 85   H HB2  . SER A 1 6   ? 5.893   -9.923  -5.473  1.00 0.00 ? 6   SER A HB2  1 
ATOM 86   H HB3  . SER A 1 6   ? 6.700   -8.742  -6.509  1.00 0.00 ? 6   SER A HB3  1 
ATOM 87   H HG   . SER A 1 6   ? 8.677   -9.325  -5.514  1.00 0.00 ? 6   SER A HG   1 
ATOM 88   N N    . LEU A 1 7   ? 4.065   -7.783  -4.479  1.00 0.00 ? 7   LEU A N    1 
ATOM 89   C CA   . LEU A 1 7   ? 2.659   -8.001  -4.119  1.00 0.00 ? 7   LEU A CA   1 
ATOM 90   C C    . LEU A 1 7   ? 1.864   -8.226  -5.405  1.00 0.00 ? 7   LEU A C    1 
ATOM 91   O O    . LEU A 1 7   ? 2.308   -7.740  -6.449  1.00 0.00 ? 7   LEU A O    1 
ATOM 92   C CB   . LEU A 1 7   ? 2.078   -6.761  -3.408  1.00 0.00 ? 7   LEU A CB   1 
ATOM 93   C CG   . LEU A 1 7   ? 2.599   -6.535  -1.982  1.00 0.00 ? 7   LEU A CG   1 
ATOM 94   C CD1  . LEU A 1 7   ? 2.087   -5.195  -1.457  1.00 0.00 ? 7   LEU A CD1  1 
ATOM 95   C CD2  . LEU A 1 7   ? 2.169   -7.636  -1.004  1.00 0.00 ? 7   LEU A CD2  1 
ATOM 96   H H    . LEU A 1 7   ? 4.211   -7.321  -5.369  1.00 0.00 ? 7   LEU A H    1 
ATOM 97   H HA   . LEU A 1 7   ? 2.575   -8.884  -3.486  1.00 0.00 ? 7   LEU A HA   1 
ATOM 98   H HB2  . LEU A 1 7   ? 2.306   -5.882  -4.014  1.00 0.00 ? 7   LEU A HB2  1 
ATOM 99   H HB3  . LEU A 1 7   ? 0.993   -6.843  -3.361  1.00 0.00 ? 7   LEU A HB3  1 
ATOM 100  H HG   . LEU A 1 7   ? 3.684   -6.490  -2.020  1.00 0.00 ? 7   LEU A HG   1 
ATOM 101  H HD11 . LEU A 1 7   ? 2.476   -5.015  -0.455  1.00 0.00 ? 7   LEU A HD11 1 
ATOM 102  H HD12 . LEU A 1 7   ? 2.414   -4.385  -2.108  1.00 0.00 ? 7   LEU A HD12 1 
ATOM 103  H HD13 . LEU A 1 7   ? 0.997   -5.207  -1.421  1.00 0.00 ? 7   LEU A HD13 1 
ATOM 104  H HD21 . LEU A 1 7   ? 1.083   -7.676  -0.946  1.00 0.00 ? 7   LEU A HD21 1 
ATOM 105  H HD22 . LEU A 1 7   ? 2.544   -8.608  -1.322  1.00 0.00 ? 7   LEU A HD22 1 
ATOM 106  H HD23 . LEU A 1 7   ? 2.568   -7.429  -0.012  1.00 0.00 ? 7   LEU A HD23 1 
ATOM 107  N N    . PRO A 1 8   ? 0.695   -8.882  -5.344  1.00 0.00 ? 8   PRO A N    1 
ATOM 108  C CA   . PRO A 1 8   ? -0.278  -8.870  -6.422  1.00 0.00 ? 8   PRO A CA   1 
ATOM 109  C C    . PRO A 1 8   ? -0.942  -7.491  -6.492  1.00 0.00 ? 8   PRO A C    1 
ATOM 110  O O    . PRO A 1 8   ? -0.869  -6.702  -5.546  1.00 0.00 ? 8   PRO A O    1 
ATOM 111  C CB   . PRO A 1 8   ? -1.289  -9.957  -6.050  1.00 0.00 ? 8   PRO A CB   1 
ATOM 112  C CG   . PRO A 1 8   ? -1.311  -9.899  -4.528  1.00 0.00 ? 8   PRO A CG   1 
ATOM 113  C CD   . PRO A 1 8   ? 0.134   -9.549  -4.179  1.00 0.00 ? 8   PRO A CD   1 
ATOM 114  H HA   . PRO A 1 8   ? 0.191   -9.106  -7.376  1.00 0.00 ? 8   PRO A HA   1 
ATOM 115  H HB2  . PRO A 1 8   ? -2.278  -9.756  -6.448  1.00 0.00 ? 8   PRO A HB2  1 
ATOM 116  H HB3  . PRO A 1 8   ? -0.931  -10.928 -6.395  1.00 0.00 ? 8   PRO A HB3  1 
ATOM 117  H HG2  . PRO A 1 8   ? -1.978  -9.099  -4.216  1.00 0.00 ? 8   PRO A HG2  1 
ATOM 118  H HG3  . PRO A 1 8   ? -1.623  -10.843 -4.081  1.00 0.00 ? 8   PRO A HG3  1 
ATOM 119  H HD2  . PRO A 1 8   ? 0.165   -8.921  -3.292  1.00 0.00 ? 8   PRO A HD2  1 
ATOM 120  H HD3  . PRO A 1 8   ? 0.687   -10.461 -3.996  1.00 0.00 ? 8   PRO A HD3  1 
ATOM 121  N N    . VAL A 1 9   ? -1.643  -7.228  -7.586  1.00 0.00 ? 9   VAL A N    1 
ATOM 122  C CA   . VAL A 1 9   ? -2.430  -6.033  -7.832  1.00 0.00 ? 9   VAL A CA   1 
ATOM 123  C C    . VAL A 1 9   ? -3.820  -6.538  -8.163  1.00 0.00 ? 9   VAL A C    1 
ATOM 124  O O    . VAL A 1 9   ? -3.982  -7.374  -9.057  1.00 0.00 ? 9   VAL A O    1 
ATOM 125  C CB   . VAL A 1 9   ? -1.851  -5.204  -8.988  1.00 0.00 ? 9   VAL A CB   1 
ATOM 126  C CG1  . VAL A 1 9   ? -2.645  -3.901  -9.165  1.00 0.00 ? 9   VAL A CG1  1 
ATOM 127  C CG2  . VAL A 1 9   ? -0.370  -4.878  -8.773  1.00 0.00 ? 9   VAL A CG2  1 
ATOM 128  H H    . VAL A 1 9   ? -1.651  -7.899  -8.349  1.00 0.00 ? 9   VAL A H    1 
ATOM 129  H HA   . VAL A 1 9   ? -2.454  -5.421  -6.933  1.00 0.00 ? 9   VAL A HA   1 
ATOM 130  H HB   . VAL A 1 9   ? -1.944  -5.781  -9.906  1.00 0.00 ? 9   VAL A HB   1 
ATOM 131  H HG11 . VAL A 1 9   ? -2.278  -3.354  -10.030 1.00 0.00 ? 9   VAL A HG11 1 
ATOM 132  H HG12 . VAL A 1 9   ? -3.699  -4.115  -9.339  1.00 0.00 ? 9   VAL A HG12 1 
ATOM 133  H HG13 . VAL A 1 9   ? -2.557  -3.275  -8.275  1.00 0.00 ? 9   VAL A HG13 1 
ATOM 134  H HG21 . VAL A 1 9   ? 0.204   -5.784  -8.610  1.00 0.00 ? 9   VAL A HG21 1 
ATOM 135  H HG22 . VAL A 1 9   ? 0.018   -4.399  -9.667  1.00 0.00 ? 9   VAL A HG22 1 
ATOM 136  H HG23 . VAL A 1 9   ? -0.255  -4.223  -7.913  1.00 0.00 ? 9   VAL A HG23 1 
ATOM 137  N N    . LEU A 1 10  ? -4.798  -6.054  -7.412  1.00 0.00 ? 10  LEU A N    1 
ATOM 138  C CA   . LEU A 1 10  ? -6.171  -6.521  -7.400  1.00 0.00 ? 10  LEU A CA   1 
ATOM 139  C C    . LEU A 1 10  ? -7.041  -5.330  -7.814  1.00 0.00 ? 10  LEU A C    1 
ATOM 140  O O    . LEU A 1 10  ? -6.615  -4.179  -7.672  1.00 0.00 ? 10  LEU A O    1 
ATOM 141  C CB   . LEU A 1 10  ? -6.504  -7.006  -5.977  1.00 0.00 ? 10  LEU A CB   1 
ATOM 142  C CG   . LEU A 1 10  ? -5.496  -7.983  -5.322  1.00 0.00 ? 10  LEU A CG   1 
ATOM 143  C CD1  . LEU A 1 10  ? -5.792  -8.144  -3.831  1.00 0.00 ? 10  LEU A CD1  1 
ATOM 144  C CD2  . LEU A 1 10  ? -5.493  -9.358  -5.994  1.00 0.00 ? 10  LEU A CD2  1 
ATOM 145  H H    . LEU A 1 10  ? -4.589  -5.294  -6.768  1.00 0.00 ? 10  LEU A H    1 
ATOM 146  H HA   . LEU A 1 10  ? -6.301  -7.341  -8.108  1.00 0.00 ? 10  LEU A HA   1 
ATOM 147  H HB2  . LEU A 1 10  ? -6.555  -6.119  -5.345  1.00 0.00 ? 10  LEU A HB2  1 
ATOM 148  H HB3  . LEU A 1 10  ? -7.488  -7.471  -5.996  1.00 0.00 ? 10  LEU A HB3  1 
ATOM 149  H HG   . LEU A 1 10  ? -4.487  -7.578  -5.391  1.00 0.00 ? 10  LEU A HG   1 
ATOM 150  H HD11 . LEU A 1 10  ? -6.800  -8.533  -3.692  1.00 0.00 ? 10  LEU A HD11 1 
ATOM 151  H HD12 . LEU A 1 10  ? -5.083  -8.836  -3.378  1.00 0.00 ? 10  LEU A HD12 1 
ATOM 152  H HD13 . LEU A 1 10  ? -5.718  -7.177  -3.336  1.00 0.00 ? 10  LEU A HD13 1 
ATOM 153  H HD21 . LEU A 1 10  ? -5.231  -9.247  -7.041  1.00 0.00 ? 10  LEU A HD21 1 
ATOM 154  H HD22 . LEU A 1 10  ? -4.759  -10.003 -5.514  1.00 0.00 ? 10  LEU A HD22 1 
ATOM 155  H HD23 . LEU A 1 10  ? -6.476  -9.823  -5.920  1.00 0.00 ? 10  LEU A HD23 1 
ATOM 156  N N    . GLN A 1 11  ? -8.251  -5.568  -8.321  1.00 0.00 ? 11  GLN A N    1 
ATOM 157  C CA   . GLN A 1 11  ? -9.177  -4.480  -8.626  1.00 0.00 ? 11  GLN A CA   1 
ATOM 158  C C    . GLN A 1 11  ? -9.925  -4.119  -7.349  1.00 0.00 ? 11  GLN A C    1 
ATOM 159  O O    . GLN A 1 11  ? -10.433 -5.010  -6.668  1.00 0.00 ? 11  GLN A O    1 
ATOM 160  C CB   . GLN A 1 11  ? -10.164 -4.879  -9.731  1.00 0.00 ? 11  GLN A CB   1 
ATOM 161  C CG   . GLN A 1 11  ? -9.463  -5.214  -11.043 1.00 0.00 ? 11  GLN A CG   1 
ATOM 162  C CD   . GLN A 1 11  ? -10.438 -5.421  -12.193 1.00 0.00 ? 11  GLN A CD   1 
ATOM 163  O OE1  . GLN A 1 11  ? -10.730 -6.541  -12.602 1.00 0.00 ? 11  GLN A OE1  1 
ATOM 164  N NE2  . GLN A 1 11  ? -10.955 -4.344  -12.768 1.00 0.00 ? 11  GLN A NE2  1 
ATOM 165  H H    . GLN A 1 11  ? -8.600  -6.514  -8.377  1.00 0.00 ? 11  GLN A H    1 
ATOM 166  H HA   . GLN A 1 11  ? -8.616  -3.610  -8.966  1.00 0.00 ? 11  GLN A HA   1 
ATOM 167  H HB2  . GLN A 1 11  ? -10.749 -5.741  -9.423  1.00 0.00 ? 11  GLN A HB2  1 
ATOM 168  H HB3  . GLN A 1 11  ? -10.833 -4.039  -9.906  1.00 0.00 ? 11  GLN A HB3  1 
ATOM 169  H HG2  . GLN A 1 11  ? -8.793  -4.391  -11.286 1.00 0.00 ? 11  GLN A HG2  1 
ATOM 170  H HG3  . GLN A 1 11  ? -8.893  -6.133  -10.911 1.00 0.00 ? 11  GLN A HG3  1 
ATOM 171  H HE21 . GLN A 1 11  ? -10.688 -3.401  -12.507 1.00 0.00 ? 11  GLN A HE21 1 
ATOM 172  H HE22 . GLN A 1 11  ? -11.555 -4.513  -13.560 1.00 0.00 ? 11  GLN A HE22 1 
ATOM 173  N N    . VAL A 1 12  ? -10.099 -2.830  -7.047  1.00 0.00 ? 12  VAL A N    1 
ATOM 174  C CA   . VAL A 1 12  ? -10.840 -2.406  -5.862  1.00 0.00 ? 12  VAL A CA   1 
ATOM 175  C C    . VAL A 1 12  ? -12.291 -2.899  -5.918  1.00 0.00 ? 12  VAL A C    1 
ATOM 176  O O    . VAL A 1 12  ? -12.934 -2.989  -4.872  1.00 0.00 ? 12  VAL A O    1 
ATOM 177  C CB   . VAL A 1 12  ? -10.707 -0.878  -5.665  1.00 0.00 ? 12  VAL A CB   1 
ATOM 178  C CG1  . VAL A 1 12  ? -11.324 -0.033  -6.782  1.00 0.00 ? 12  VAL A CG1  1 
ATOM 179  C CG2  . VAL A 1 12  ? -11.260 -0.396  -4.317  1.00 0.00 ? 12  VAL A CG2  1 
ATOM 180  H H    . VAL A 1 12  ? -9.772  -2.109  -7.673  1.00 0.00 ? 12  VAL A H    1 
ATOM 181  H HA   . VAL A 1 12  ? -10.372 -2.890  -5.005  1.00 0.00 ? 12  VAL A HA   1 
ATOM 182  H HB   . VAL A 1 12  ? -9.645  -0.660  -5.663  1.00 0.00 ? 12  VAL A HB   1 
ATOM 183  H HG11 . VAL A 1 12  ? -10.798 -0.220  -7.713  1.00 0.00 ? 12  VAL A HG11 1 
ATOM 184  H HG12 . VAL A 1 12  ? -12.379 -0.261  -6.906  1.00 0.00 ? 12  VAL A HG12 1 
ATOM 185  H HG13 . VAL A 1 12  ? -11.205 1.026   -6.544  1.00 0.00 ? 12  VAL A HG13 1 
ATOM 186  H HG21 . VAL A 1 12  ? -12.347 -0.479  -4.297  1.00 0.00 ? 12  VAL A HG21 1 
ATOM 187  H HG22 . VAL A 1 12  ? -10.828 -0.995  -3.518  1.00 0.00 ? 12  VAL A HG22 1 
ATOM 188  H HG23 . VAL A 1 12  ? -10.990 0.652   -4.162  1.00 0.00 ? 12  VAL A HG23 1 
ATOM 189  N N    . ARG A 1 13  ? -12.787 -3.264  -7.109  1.00 0.00 ? 13  ARG A N    1 
ATOM 190  C CA   . ARG A 1 13  ? -14.136 -3.774  -7.311  1.00 0.00 ? 13  ARG A CA   1 
ATOM 191  C C    . ARG A 1 13  ? -14.269 -5.276  -7.080  1.00 0.00 ? 13  ARG A C    1 
ATOM 192  O O    . ARG A 1 13  ? -15.384 -5.797  -7.110  1.00 0.00 ? 13  ARG A O    1 
ATOM 193  C CB   . ARG A 1 13  ? -14.674 -3.362  -8.691  1.00 0.00 ? 13  ARG A CB   1 
ATOM 194  C CG   . ARG A 1 13  ? -13.755 -3.727  -9.873  1.00 0.00 ? 13  ARG A CG   1 
ATOM 195  C CD   . ARG A 1 13  ? -14.485 -4.410  -11.033 1.00 0.00 ? 13  ARG A CD   1 
ATOM 196  N NE   . ARG A 1 13  ? -14.355 -5.865  -10.924 1.00 0.00 ? 13  ARG A NE   1 
ATOM 197  C CZ   . ARG A 1 13  ? -15.019 -6.828  -11.559 1.00 0.00 ? 13  ARG A CZ   1 
ATOM 198  N NH1  . ARG A 1 13  ? -16.074 -6.577  -12.325 1.00 0.00 ? 13  ARG A NH1  1 
ATOM 199  N NH2  . ARG A 1 13  ? -14.588 -8.067  -11.406 1.00 0.00 ? 13  ARG A NH2  1 
ATOM 200  H H    . ARG A 1 13  ? -12.170 -3.247  -7.910  1.00 0.00 ? 13  ARG A H    1 
ATOM 201  H HA   . ARG A 1 13  ? -14.753 -3.297  -6.558  1.00 0.00 ? 13  ARG A HA   1 
ATOM 202  H HB2  . ARG A 1 13  ? -15.655 -3.817  -8.822  1.00 0.00 ? 13  ARG A HB2  1 
ATOM 203  H HB3  . ARG A 1 13  ? -14.807 -2.281  -8.691  1.00 0.00 ? 13  ARG A HB3  1 
ATOM 204  H HG2  . ARG A 1 13  ? -13.293 -2.810  -10.246 1.00 0.00 ? 13  ARG A HG2  1 
ATOM 205  H HG3  . ARG A 1 13  ? -12.959 -4.390  -9.536  1.00 0.00 ? 13  ARG A HG3  1 
ATOM 206  H HD2  . ARG A 1 13  ? -15.533 -4.120  -11.054 1.00 0.00 ? 13  ARG A HD2  1 
ATOM 207  H HD3  . ARG A 1 13  ? -14.023 -4.098  -11.968 1.00 0.00 ? 13  ARG A HD3  1 
ATOM 208  H HE   . ARG A 1 13  ? -13.561 -6.208  -10.372 1.00 0.00 ? 13  ARG A HE   1 
ATOM 209  H HH11 . ARG A 1 13  ? -16.444 -5.644  -12.430 1.00 0.00 ? 13  ARG A HH11 1 
ATOM 210  H HH12 . ARG A 1 13  ? -16.596 -7.341  -12.744 1.00 0.00 ? 13  ARG A HH12 1 
ATOM 211  H HH21 . ARG A 1 13  ? -13.798 -8.242  -10.770 1.00 0.00 ? 13  ARG A HH21 1 
ATOM 212  H HH22 . ARG A 1 13  ? -14.927 -8.846  -11.967 1.00 0.00 ? 13  ARG A HH22 1 
ATOM 213  N N    . ASP A 1 14  ? -13.167 -5.983  -6.852  1.00 0.00 ? 14  ASP A N    1 
ATOM 214  C CA   . ASP A 1 14  ? -13.150 -7.414  -6.533  1.00 0.00 ? 14  ASP A CA   1 
ATOM 215  C C    . ASP A 1 14  ? -12.825 -7.613  -5.057  1.00 0.00 ? 14  ASP A C    1 
ATOM 216  O O    . ASP A 1 14  ? -13.364 -8.486  -4.381  1.00 0.00 ? 14  ASP A O    1 
ATOM 217  C CB   . ASP A 1 14  ? -12.095 -8.137  -7.371  1.00 0.00 ? 14  ASP A CB   1 
ATOM 218  C CG   . ASP A 1 14  ? -12.608 -8.379  -8.789  1.00 0.00 ? 14  ASP A CG   1 
ATOM 219  O OD1  . ASP A 1 14  ? -12.558 -7.433  -9.598  1.00 0.00 ? 14  ASP A OD1  1 
ATOM 220  O OD2  . ASP A 1 14  ? -13.143 -9.470  -9.096  1.00 0.00 ? 14  ASP A OD2  1 
ATOM 221  H H    . ASP A 1 14  ? -12.270 -5.513  -6.887  1.00 0.00 ? 14  ASP A H    1 
ATOM 222  H HA   . ASP A 1 14  ? -14.119 -7.862  -6.751  1.00 0.00 ? 14  ASP A HA   1 
ATOM 223  H HB2  . ASP A 1 14  ? -11.173 -7.552  -7.403  1.00 0.00 ? 14  ASP A HB2  1 
ATOM 224  H HB3  . ASP A 1 14  ? -11.871 -9.079  -6.876  1.00 0.00 ? 14  ASP A HB3  1 
ATOM 225  N N    . VAL A 1 15  ? -11.949 -6.756  -4.548  1.00 0.00 ? 15  VAL A N    1 
ATOM 226  C CA   . VAL A 1 15  ? -11.526 -6.580  -3.171  1.00 0.00 ? 15  VAL A CA   1 
ATOM 227  C C    . VAL A 1 15  ? -12.662 -6.089  -2.275  1.00 0.00 ? 15  VAL A C    1 
ATOM 228  O O    . VAL A 1 15  ? -12.726 -4.905  -1.963  1.00 0.00 ? 15  VAL A O    1 
ATOM 229  C CB   . VAL A 1 15  ? -10.216 -5.789  -3.080  1.00 0.00 ? 15  VAL A CB   1 
ATOM 230  C CG1  . VAL A 1 15  ? -9.675  -5.940  -1.666  1.00 0.00 ? 15  VAL A CG1  1 
ATOM 231  C CG2  . VAL A 1 15  ? -9.108  -6.337  -3.989  1.00 0.00 ? 15  VAL A CG2  1 
ATOM 232  H H    . VAL A 1 15  ? -11.546 -6.093  -5.199  1.00 0.00 ? 15  VAL A H    1 
ATOM 233  H HA   . VAL A 1 15  ? -11.307 -7.570  -2.778  1.00 0.00 ? 15  VAL A HA   1 
ATOM 234  H HB   . VAL A 1 15  ? -10.390 -4.737  -3.310  1.00 0.00 ? 15  VAL A HB   1 
ATOM 235  H HG11 . VAL A 1 15  ? -9.424  -6.984  -1.482  1.00 0.00 ? 15  VAL A HG11 1 
ATOM 236  H HG12 . VAL A 1 15  ? -8.798  -5.326  -1.544  1.00 0.00 ? 15  VAL A HG12 1 
ATOM 237  H HG13 . VAL A 1 15  ? -10.420 -5.643  -0.941  1.00 0.00 ? 15  VAL A HG13 1 
ATOM 238  H HG21 . VAL A 1 15  ? -8.836  -7.347  -3.683  1.00 0.00 ? 15  VAL A HG21 1 
ATOM 239  H HG22 . VAL A 1 15  ? -9.424  -6.381  -5.024  1.00 0.00 ? 15  VAL A HG22 1 
ATOM 240  H HG23 . VAL A 1 15  ? -8.235  -5.690  -3.912  1.00 0.00 ? 15  VAL A HG23 1 
ATOM 241  N N    . LEU A 1 16  ? -13.705 -6.895  -2.085  1.00 0.00 ? 16  LEU A N    1 
ATOM 242  C CA   . LEU A 1 16  ? -14.774 -6.669  -1.117  1.00 0.00 ? 16  LEU A CA   1 
ATOM 243  C C    . LEU A 1 16  ? -14.293 -5.995  0.175   1.00 0.00 ? 16  LEU A C    1 
ATOM 244  O O    . LEU A 1 16  ? -14.982 -5.086  0.639   1.00 0.00 ? 16  LEU A O    1 
ATOM 245  C CB   . LEU A 1 16  ? -15.444 -8.011  -0.774  1.00 0.00 ? 16  LEU A CB   1 
ATOM 246  C CG   . LEU A 1 16  ? -16.331 -8.584  -1.896  1.00 0.00 ? 16  LEU A CG   1 
ATOM 247  C CD1  . LEU A 1 16  ? -16.727 -10.028 -1.572  1.00 0.00 ? 16  LEU A CD1  1 
ATOM 248  C CD2  . LEU A 1 16  ? -17.601 -7.746  -2.085  1.00 0.00 ? 16  LEU A CD2  1 
ATOM 249  H H    . LEU A 1 16  ? -13.642 -7.820  -2.493  1.00 0.00 ? 16  LEU A H    1 
ATOM 250  H HA   . LEU A 1 16  ? -15.510 -6.004  -1.568  1.00 0.00 ? 16  LEU A HA   1 
ATOM 251  H HB2  . LEU A 1 16  ? -14.667 -8.732  -0.518  1.00 0.00 ? 16  LEU A HB2  1 
ATOM 252  H HB3  . LEU A 1 16  ? -16.054 -7.876  0.117   1.00 0.00 ? 16  LEU A HB3  1 
ATOM 253  H HG   . LEU A 1 16  ? -15.770 -8.598  -2.828  1.00 0.00 ? 16  LEU A HG   1 
ATOM 254  H HD11 . LEU A 1 16  ? -17.383 -10.420 -2.346  1.00 0.00 ? 16  LEU A HD11 1 
ATOM 255  H HD12 . LEU A 1 16  ? -15.835 -10.652 -1.536  1.00 0.00 ? 16  LEU A HD12 1 
ATOM 256  H HD13 . LEU A 1 16  ? -17.236 -10.074 -0.611  1.00 0.00 ? 16  LEU A HD13 1 
ATOM 257  H HD21 . LEU A 1 16  ? -18.238 -8.207  -2.843  1.00 0.00 ? 16  LEU A HD21 1 
ATOM 258  H HD22 . LEU A 1 16  ? -18.150 -7.674  -1.145  1.00 0.00 ? 16  LEU A HD22 1 
ATOM 259  H HD23 . LEU A 1 16  ? -17.341 -6.747  -2.428  1.00 0.00 ? 16  LEU A HD23 1 
ATOM 260  N N    . VAL A 1 17  ? -13.157 -6.408  0.750   1.00 0.00 ? 17  VAL A N    1 
ATOM 261  C CA   . VAL A 1 17  ? -12.644 -5.852  2.005   1.00 0.00 ? 17  VAL A CA   1 
ATOM 262  C C    . VAL A 1 17  ? -11.319 -5.150  1.762   1.00 0.00 ? 17  VAL A C    1 
ATOM 263  O O    . VAL A 1 17  ? -10.285 -5.782  1.562   1.00 0.00 ? 17  VAL A O    1 
ATOM 264  C CB   . VAL A 1 17  ? -12.491 -6.924  3.105   1.00 0.00 ? 17  VAL A CB   1 
ATOM 265  C CG1  . VAL A 1 17  ? -12.128 -6.287  4.457   1.00 0.00 ? 17  VAL A CG1  1 
ATOM 266  C CG2  . VAL A 1 17  ? -13.756 -7.756  3.310   1.00 0.00 ? 17  VAL A CG2  1 
ATOM 267  H H    . VAL A 1 17  ? -12.629 -7.162  0.320   1.00 0.00 ? 17  VAL A H    1 
ATOM 268  H HA   . VAL A 1 17  ? -13.344 -5.092  2.343   1.00 0.00 ? 17  VAL A HA   1 
ATOM 269  H HB   . VAL A 1 17  ? -11.692 -7.612  2.826   1.00 0.00 ? 17  VAL A HB   1 
ATOM 270  H HG11 . VAL A 1 17  ? -11.158 -5.798  4.395   1.00 0.00 ? 17  VAL A HG11 1 
ATOM 271  H HG12 . VAL A 1 17  ? -12.885 -5.559  4.755   1.00 0.00 ? 17  VAL A HG12 1 
ATOM 272  H HG13 . VAL A 1 17  ? -12.058 -7.053  5.231   1.00 0.00 ? 17  VAL A HG13 1 
ATOM 273  H HG21 . VAL A 1 17  ? -13.987 -8.298  2.394   1.00 0.00 ? 17  VAL A HG21 1 
ATOM 274  H HG22 . VAL A 1 17  ? -13.554 -8.484  4.097   1.00 0.00 ? 17  VAL A HG22 1 
ATOM 275  H HG23 . VAL A 1 17  ? -14.588 -7.110  3.593   1.00 0.00 ? 17  VAL A HG23 1 
ATOM 276  N N    . ARG A 1 18  ? -11.336 -3.821  1.800   1.00 0.00 ? 18  ARG A N    1 
ATOM 277  C CA   . ARG A 1 18  ? -10.151 -3.001  1.610   1.00 0.00 ? 18  ARG A CA   1 
ATOM 278  C C    . ARG A 1 18  ? -9.652  -2.383  2.911   1.00 0.00 ? 18  ARG A C    1 
ATOM 279  O O    . ARG A 1 18  ? -8.689  -1.616  2.881   1.00 0.00 ? 18  ARG A O    1 
ATOM 280  C CB   . ARG A 1 18  ? -10.449 -1.919  0.585   1.00 0.00 ? 18  ARG A CB   1 
ATOM 281  C CG   . ARG A 1 18  ? -11.224 -2.414  -0.642  1.00 0.00 ? 18  ARG A CG   1 
ATOM 282  C CD   . ARG A 1 18  ? -12.705 -2.034  -0.597  1.00 0.00 ? 18  ARG A CD   1 
ATOM 283  N NE   . ARG A 1 18  ? -13.324 -2.031  -1.921  1.00 0.00 ? 18  ARG A NE   1 
ATOM 284  C CZ   . ARG A 1 18  ? -14.635 -1.966  -2.148  1.00 0.00 ? 18  ARG A CZ   1 
ATOM 285  N NH1  . ARG A 1 18  ? -15.515 -1.993  -1.150  1.00 0.00 ? 18  ARG A NH1  1 
ATOM 286  N NH2  . ARG A 1 18  ? -15.046 -1.888  -3.402  1.00 0.00 ? 18  ARG A NH2  1 
ATOM 287  H H    . ARG A 1 18  ? -12.224 -3.329  1.881   1.00 0.00 ? 18  ARG A H    1 
ATOM 288  H HA   . ARG A 1 18  ? -9.350  -3.618  1.204   1.00 0.00 ? 18  ARG A HA   1 
ATOM 289  H HB2  . ARG A 1 18  ? -10.976 -1.089  1.059   1.00 0.00 ? 18  ARG A HB2  1 
ATOM 290  H HB3  . ARG A 1 18  ? -9.481  -1.563  0.249   1.00 0.00 ? 18  ARG A HB3  1 
ATOM 291  H HG2  . ARG A 1 18  ? -10.783 -1.965  -1.508  1.00 0.00 ? 18  ARG A HG2  1 
ATOM 292  H HG3  . ARG A 1 18  ? -11.104 -3.485  -0.768  1.00 0.00 ? 18  ARG A HG3  1 
ATOM 293  H HD2  . ARG A 1 18  ? -13.224 -2.745  0.031   1.00 0.00 ? 18  ARG A HD2  1 
ATOM 294  H HD3  . ARG A 1 18  ? -12.828 -1.043  -0.169  1.00 0.00 ? 18  ARG A HD3  1 
ATOM 295  H HE   . ARG A 1 18  ? -12.716 -2.215  -2.708  1.00 0.00 ? 18  ARG A HE   1 
ATOM 296  H HH11 . ARG A 1 18  ? -15.187 -2.026  -0.194  1.00 0.00 ? 18  ARG A HH11 1 
ATOM 297  H HH12 . ARG A 1 18  ? -16.521 -1.951  -1.292  1.00 0.00 ? 18  ARG A HH12 1 
ATOM 298  H HH21 . ARG A 1 18  ? -14.376 -1.998  -4.161  1.00 0.00 ? 18  ARG A HH21 1 
ATOM 299  H HH22 . ARG A 1 18  ? -16.024 -1.983  -3.656  1.00 0.00 ? 18  ARG A HH22 1 
ATOM 300  N N    . GLY A 1 19  ? -10.314 -2.648  4.034   1.00 0.00 ? 19  GLY A N    1 
ATOM 301  C CA   . GLY A 1 19  ? -9.877  -2.197  5.334   1.00 0.00 ? 19  GLY A CA   1 
ATOM 302  C C    . GLY A 1 19  ? -9.070  -3.323  5.947   1.00 0.00 ? 19  GLY A C    1 
ATOM 303  O O    . GLY A 1 19  ? -9.540  -4.458  5.967   1.00 0.00 ? 19  GLY A O    1 
ATOM 304  H H    . GLY A 1 19  ? -11.022 -3.364  4.040   1.00 0.00 ? 19  GLY A H    1 
ATOM 305  H HA2  . GLY A 1 19  ? -9.290  -1.287  5.234   1.00 0.00 ? 19  GLY A HA2  1 
ATOM 306  H HA3  . GLY A 1 19  ? -10.738 -2.006  5.971   1.00 0.00 ? 19  GLY A HA3  1 
ATOM 307  N N    . PHE A 1 20  ? -7.879  -3.025  6.454   1.00 0.00 ? 20  PHE A N    1 
ATOM 308  C CA   . PHE A 1 20  ? -7.229  -3.911  7.415   1.00 0.00 ? 20  PHE A CA   1 
ATOM 309  C C    . PHE A 1 20  ? -7.744  -3.670  8.837   1.00 0.00 ? 20  PHE A C    1 
ATOM 310  O O    . PHE A 1 20  ? -7.495  -4.489  9.724   1.00 0.00 ? 20  PHE A O    1 
ATOM 311  C CB   . PHE A 1 20  ? -5.723  -3.692  7.394   1.00 0.00 ? 20  PHE A CB   1 
ATOM 312  C CG   . PHE A 1 20  ? -5.008  -4.121  6.138   1.00 0.00 ? 20  PHE A CG   1 
ATOM 313  C CD1  . PHE A 1 20  ? -4.758  -5.483  5.888   1.00 0.00 ? 20  PHE A CD1  1 
ATOM 314  C CD2  . PHE A 1 20  ? -4.525  -3.146  5.252   1.00 0.00 ? 20  PHE A CD2  1 
ATOM 315  C CE1  . PHE A 1 20  ? -3.961  -5.853  4.793   1.00 0.00 ? 20  PHE A CE1  1 
ATOM 316  C CE2  . PHE A 1 20  ? -3.754  -3.527  4.147   1.00 0.00 ? 20  PHE A CE2  1 
ATOM 317  C CZ   . PHE A 1 20  ? -3.440  -4.880  3.930   1.00 0.00 ? 20  PHE A CZ   1 
ATOM 318  H H    . PHE A 1 20  ? -7.524  -2.078  6.336   1.00 0.00 ? 20  PHE A H    1 
ATOM 319  H HA   . PHE A 1 20  ? -7.425  -4.951  7.158   1.00 0.00 ? 20  PHE A HA   1 
ATOM 320  H HB2  . PHE A 1 20  ? -5.518  -2.642  7.583   1.00 0.00 ? 20  PHE A HB2  1 
ATOM 321  H HB3  . PHE A 1 20  ? -5.306  -4.264  8.213   1.00 0.00 ? 20  PHE A HB3  1 
ATOM 322  H HD1  . PHE A 1 20  ? -5.175  -6.244  6.534   1.00 0.00 ? 20  PHE A HD1  1 
ATOM 323  H HD2  . PHE A 1 20  ? -4.735  -2.102  5.432   1.00 0.00 ? 20  PHE A HD2  1 
ATOM 324  H HE1  . PHE A 1 20  ? -3.765  -6.892  4.604   1.00 0.00 ? 20  PHE A HE1  1 
ATOM 325  H HE2  . PHE A 1 20  ? -3.409  -2.756  3.488   1.00 0.00 ? 20  PHE A HE2  1 
ATOM 326  H HZ   . PHE A 1 20  ? -2.835  -5.195  3.091   1.00 0.00 ? 20  PHE A HZ   1 
ATOM 327  N N    . GLY A 1 21  ? -8.444  -2.560  9.062   1.00 0.00 ? 21  GLY A N    1 
ATOM 328  C CA   . GLY A 1 21  ? -8.906  -2.084  10.353  1.00 0.00 ? 21  GLY A CA   1 
ATOM 329  C C    . GLY A 1 21  ? -9.571  -0.726  10.162  1.00 0.00 ? 21  GLY A C    1 
ATOM 330  O O    . GLY A 1 21  ? -9.674  -0.247  9.028   1.00 0.00 ? 21  GLY A O    1 
ATOM 331  H H    . GLY A 1 21  ? -8.661  -1.937  8.295   1.00 0.00 ? 21  GLY A H    1 
ATOM 332  H HA2  . GLY A 1 21  ? -9.626  -2.784  10.775  1.00 0.00 ? 21  GLY A HA2  1 
ATOM 333  H HA3  . GLY A 1 21  ? -8.061  -1.986  11.034  1.00 0.00 ? 21  GLY A HA3  1 
ATOM 334  N N    . ASP A 1 22  ? -10.007 -0.110  11.258  1.00 0.00 ? 22  ASP A N    1 
ATOM 335  C CA   . ASP A 1 22  ? -10.720 1.170   11.290  1.00 0.00 ? 22  ASP A CA   1 
ATOM 336  C C    . ASP A 1 22  ? -10.070 2.121   12.306  1.00 0.00 ? 22  ASP A C    1 
ATOM 337  O O    . ASP A 1 22  ? -10.726 2.835   13.067  1.00 0.00 ? 22  ASP A O    1 
ATOM 338  C CB   . ASP A 1 22  ? -12.217 0.940   11.526  1.00 0.00 ? 22  ASP A CB   1 
ATOM 339  C CG   . ASP A 1 22  ? -13.019 2.244   11.420  1.00 0.00 ? 22  ASP A CG   1 
ATOM 340  O OD1  . ASP A 1 22  ? -12.940 2.935   10.377  1.00 0.00 ? 22  ASP A OD1  1 
ATOM 341  O OD2  . ASP A 1 22  ? -13.742 2.566   12.390  1.00 0.00 ? 22  ASP A OD2  1 
ATOM 342  H H    . ASP A 1 22  ? -9.892  -0.603  12.144  1.00 0.00 ? 22  ASP A H    1 
ATOM 343  H HA   . ASP A 1 22  ? -10.634 1.639   10.310  1.00 0.00 ? 22  ASP A HA   1 
ATOM 344  H HB2  . ASP A 1 22  ? -12.595 0.237   10.783  1.00 0.00 ? 22  ASP A HB2  1 
ATOM 345  H HB3  . ASP A 1 22  ? -12.351 0.497   12.513  1.00 0.00 ? 22  ASP A HB3  1 
ATOM 346  N N    . SER A 1 23  ? -8.737  2.137   12.331  1.00 0.00 ? 23  SER A N    1 
ATOM 347  C CA   . SER A 1 23  ? -7.947  3.330   12.621  1.00 0.00 ? 23  SER A CA   1 
ATOM 348  C C    . SER A 1 23  ? -6.650  3.255   11.818  1.00 0.00 ? 23  SER A C    1 
ATOM 349  O O    . SER A 1 23  ? -6.287  2.186   11.319  1.00 0.00 ? 23  SER A O    1 
ATOM 350  C CB   . SER A 1 23  ? -7.721  3.512   14.128  1.00 0.00 ? 23  SER A CB   1 
ATOM 351  O OG   . SER A 1 23  ? -8.909  4.050   14.689  1.00 0.00 ? 23  SER A OG   1 
ATOM 352  H H    . SER A 1 23  ? -8.250  1.463   11.750  1.00 0.00 ? 23  SER A H    1 
ATOM 353  H HA   . SER A 1 23  ? -8.492  4.197   12.268  1.00 0.00 ? 23  SER A HA   1 
ATOM 354  H HB2  . SER A 1 23  ? -7.480  2.556   14.591  1.00 0.00 ? 23  SER A HB2  1 
ATOM 355  H HB3  . SER A 1 23  ? -6.902  4.213   14.303  1.00 0.00 ? 23  SER A HB3  1 
ATOM 356  H HG   . SER A 1 23  ? -9.643  3.531   14.307  1.00 0.00 ? 23  SER A HG   1 
ATOM 357  N N    . VAL A 1 24  ? -5.970  4.393   11.677  1.00 0.00 ? 24  VAL A N    1 
ATOM 358  C CA   . VAL A 1 24  ? -4.740  4.540   10.906  1.00 0.00 ? 24  VAL A CA   1 
ATOM 359  C C    . VAL A 1 24  ? -3.717  3.536   11.393  1.00 0.00 ? 24  VAL A C    1 
ATOM 360  O O    . VAL A 1 24  ? -3.267  2.698   10.614  1.00 0.00 ? 24  VAL A O    1 
ATOM 361  C CB   . VAL A 1 24  ? -4.256  5.997   11.016  1.00 0.00 ? 24  VAL A CB   1 
ATOM 362  C CG1  . VAL A 1 24  ? -2.798  6.251   10.613  1.00 0.00 ? 24  VAL A CG1  1 
ATOM 363  C CG2  . VAL A 1 24  ? -5.149  6.854   10.128  1.00 0.00 ? 24  VAL A CG2  1 
ATOM 364  H H    . VAL A 1 24  ? -6.357  5.232   12.105  1.00 0.00 ? 24  VAL A H    1 
ATOM 365  H HA   . VAL A 1 24  ? -4.945  4.313   9.864   1.00 0.00 ? 24  VAL A HA   1 
ATOM 366  H HB   . VAL A 1 24  ? -4.376  6.328   12.040  1.00 0.00 ? 24  VAL A HB   1 
ATOM 367  H HG11 . VAL A 1 24  ? -2.553  7.295   10.787  1.00 0.00 ? 24  VAL A HG11 1 
ATOM 368  H HG12 . VAL A 1 24  ? -2.113  5.647   11.210  1.00 0.00 ? 24  VAL A HG12 1 
ATOM 369  H HG13 . VAL A 1 24  ? -2.666  6.031   9.562   1.00 0.00 ? 24  VAL A HG13 1 
ATOM 370  H HG21 . VAL A 1 24  ? -4.861  7.894   10.241  1.00 0.00 ? 24  VAL A HG21 1 
ATOM 371  H HG22 . VAL A 1 24  ? -5.022  6.533   9.096   1.00 0.00 ? 24  VAL A HG22 1 
ATOM 372  H HG23 . VAL A 1 24  ? -6.186  6.733   10.432  1.00 0.00 ? 24  VAL A HG23 1 
ATOM 373  N N    . GLU A 1 25  ? -3.346  3.634   12.669  1.00 0.00 ? 25  GLU A N    1 
ATOM 374  C CA   . GLU A 1 25  ? -2.241  2.859   13.191  1.00 0.00 ? 25  GLU A CA   1 
ATOM 375  C C    . GLU A 1 25  ? -2.557  1.360   13.191  1.00 0.00 ? 25  GLU A C    1 
ATOM 376  O O    . GLU A 1 25  ? -1.639  0.556   13.044  1.00 0.00 ? 25  GLU A O    1 
ATOM 377  C CB   . GLU A 1 25  ? -1.921  3.337   14.613  1.00 0.00 ? 25  GLU A CB   1 
ATOM 378  C CG   . GLU A 1 25  ? -0.945  4.516   14.646  1.00 0.00 ? 25  GLU A CG   1 
ATOM 379  C CD   . GLU A 1 25  ? -0.964  5.193   16.018  1.00 0.00 ? 25  GLU A CD   1 
ATOM 380  O OE1  . GLU A 1 25  ? -1.944  5.917   16.334  1.00 0.00 ? 25  GLU A OE1  1 
ATOM 381  O OE2  . GLU A 1 25  ? -0.006  5.044   16.804  1.00 0.00 ? 25  GLU A OE2  1 
ATOM 382  H H    . GLU A 1 25  ? -3.718  4.373   13.252  1.00 0.00 ? 25  GLU A H    1 
ATOM 383  H HA   . GLU A 1 25  ? -1.401  3.052   12.524  1.00 0.00 ? 25  GLU A HA   1 
ATOM 384  H HB2  . GLU A 1 25  ? -2.864  3.636   15.069  1.00 0.00 ? 25  GLU A HB2  1 
ATOM 385  H HB3  . GLU A 1 25  ? -1.494  2.524   15.199  1.00 0.00 ? 25  GLU A HB3  1 
ATOM 386  H HG2  . GLU A 1 25  ? 0.059   4.158   14.416  1.00 0.00 ? 25  GLU A HG2  1 
ATOM 387  H HG3  . GLU A 1 25  ? -1.218  5.238   13.880  1.00 0.00 ? 25  GLU A HG3  1 
ATOM 388  N N    . GLU A 1 26  ? -3.836  0.992   13.332  1.00 0.00 ? 26  GLU A N    1 
ATOM 389  C CA   . GLU A 1 26  ? -4.312  -0.382  13.227  1.00 0.00 ? 26  GLU A CA   1 
ATOM 390  C C    . GLU A 1 26  ? -3.986  -0.916  11.846  1.00 0.00 ? 26  GLU A C    1 
ATOM 391  O O    . GLU A 1 26  ? -3.201  -1.853  11.701  1.00 0.00 ? 26  GLU A O    1 
ATOM 392  C CB   . GLU A 1 26  ? -5.832  -0.469  13.457  1.00 0.00 ? 26  GLU A CB   1 
ATOM 393  C CG   . GLU A 1 26  ? -6.217  -0.260  14.916  1.00 0.00 ? 26  GLU A CG   1 
ATOM 394  C CD   . GLU A 1 26  ? -5.555  -1.305  15.830  1.00 0.00 ? 26  GLU A CD   1 
ATOM 395  O OE1  . GLU A 1 26  ? -5.476  -2.505  15.459  1.00 0.00 ? 26  GLU A OE1  1 
ATOM 396  O OE2  . GLU A 1 26  ? -5.089  -0.954  16.935  1.00 0.00 ? 26  GLU A OE2  1 
ATOM 397  H H    . GLU A 1 26  ? -4.525  1.723   13.400  1.00 0.00 ? 26  GLU A H    1 
ATOM 398  H HA   . GLU A 1 26  ? -3.793  -0.997  13.958  1.00 0.00 ? 26  GLU A HA   1 
ATOM 399  H HB2  . GLU A 1 26  ? -6.357  0.258   12.839  1.00 0.00 ? 26  GLU A HB2  1 
ATOM 400  H HB3  . GLU A 1 26  ? -6.188  -1.453  13.148  1.00 0.00 ? 26  GLU A HB3  1 
ATOM 401  H HG2  . GLU A 1 26  ? -5.961  0.764   15.203  1.00 0.00 ? 26  GLU A HG2  1 
ATOM 402  H HG3  . GLU A 1 26  ? -7.297  -0.353  14.992  1.00 0.00 ? 26  GLU A HG3  1 
ATOM 403  N N    . ALA A 1 27  ? -4.579  -0.290  10.831  1.00 0.00 ? 27  ALA A N    1 
ATOM 404  C CA   . ALA A 1 27  ? -4.468  -0.750  9.469   1.00 0.00 ? 27  ALA A CA   1 
ATOM 405  C C    . ALA A 1 27  ? -3.002  -0.772  9.036   1.00 0.00 ? 27  ALA A C    1 
ATOM 406  O O    . ALA A 1 27  ? -2.585  -1.725  8.386   1.00 0.00 ? 27  ALA A O    1 
ATOM 407  C CB   . ALA A 1 27  ? -5.332  0.136   8.576   1.00 0.00 ? 27  ALA A CB   1 
ATOM 408  H H    . ALA A 1 27  ? -5.146  0.530   11.026  1.00 0.00 ? 27  ALA A H    1 
ATOM 409  H HA   . ALA A 1 27  ? -4.857  -1.772  9.431   1.00 0.00 ? 27  ALA A HA   1 
ATOM 410  H HB1  . ALA A 1 27  ? -4.940  1.153   8.566   1.00 0.00 ? 27  ALA A HB1  1 
ATOM 411  H HB2  . ALA A 1 27  ? -5.330  -0.266  7.566   1.00 0.00 ? 27  ALA A HB2  1 
ATOM 412  H HB3  . ALA A 1 27  ? -6.356  0.134   8.950   1.00 0.00 ? 27  ALA A HB3  1 
ATOM 413  N N    . LEU A 1 28  ? -2.200  0.225   9.428   1.00 0.00 ? 28  LEU A N    1 
ATOM 414  C CA   . LEU A 1 28  ? -0.769  0.277   9.142   1.00 0.00 ? 28  LEU A CA   1 
ATOM 415  C C    . LEU A 1 28  ? -0.044  -0.963  9.682   1.00 0.00 ? 28  LEU A C    1 
ATOM 416  O O    . LEU A 1 28  ? 0.829   -1.514  9.007   1.00 0.00 ? 28  LEU A O    1 
ATOM 417  C CB   . LEU A 1 28  ? -0.165  1.561   9.751   1.00 0.00 ? 28  LEU A CB   1 
ATOM 418  C CG   . LEU A 1 28  ? 0.814   2.289   8.819   1.00 0.00 ? 28  LEU A CG   1 
ATOM 419  C CD1  . LEU A 1 28  ? 1.324   3.563   9.501   1.00 0.00 ? 28  LEU A CD1  1 
ATOM 420  C CD2  . LEU A 1 28  ? 2.021   1.443   8.412   1.00 0.00 ? 28  LEU A CD2  1 
ATOM 421  H H    . LEU A 1 28  ? -2.614  0.984   9.962   1.00 0.00 ? 28  LEU A H    1 
ATOM 422  H HA   . LEU A 1 28  ? -0.654  0.297   8.059   1.00 0.00 ? 28  LEU A HA   1 
ATOM 423  H HB2  . LEU A 1 28  ? -0.963  2.266   9.969   1.00 0.00 ? 28  LEU A HB2  1 
ATOM 424  H HB3  . LEU A 1 28  ? 0.325   1.326   10.699  1.00 0.00 ? 28  LEU A HB3  1 
ATOM 425  H HG   . LEU A 1 28  ? 0.278   2.575   7.917   1.00 0.00 ? 28  LEU A HG   1 
ATOM 426  H HD11 . LEU A 1 28  ? 0.479   4.194   9.781   1.00 0.00 ? 28  LEU A HD11 1 
ATOM 427  H HD12 . LEU A 1 28  ? 1.882   3.314   10.403  1.00 0.00 ? 28  LEU A HD12 1 
ATOM 428  H HD13 . LEU A 1 28  ? 1.958   4.125   8.820   1.00 0.00 ? 28  LEU A HD13 1 
ATOM 429  H HD21 . LEU A 1 28  ? 2.525   1.053   9.298   1.00 0.00 ? 28  LEU A HD21 1 
ATOM 430  H HD22 . LEU A 1 28  ? 1.685   0.613   7.793   1.00 0.00 ? 28  LEU A HD22 1 
ATOM 431  H HD23 . LEU A 1 28  ? 2.702   2.051   7.825   1.00 0.00 ? 28  LEU A HD23 1 
ATOM 432  N N    . SER A 1 29  ? -0.380  -1.385  10.901  1.00 0.00 ? 29  SER A N    1 
ATOM 433  C CA   . SER A 1 29  ? 0.252   -2.496  11.593  1.00 0.00 ? 29  SER A CA   1 
ATOM 434  C C    . SER A 1 29  ? -0.129  -3.819  10.946  1.00 0.00 ? 29  SER A C    1 
ATOM 435  O O    . SER A 1 29  ? 0.731   -4.638  10.620  1.00 0.00 ? 29  SER A O    1 
ATOM 436  C CB   . SER A 1 29  ? -0.206  -2.488  13.051  1.00 0.00 ? 29  SER A CB   1 
ATOM 437  O OG   . SER A 1 29  ? 0.141   -1.253  13.657  1.00 0.00 ? 29  SER A OG   1 
ATOM 438  H H    . SER A 1 29  ? -1.182  -0.959  11.357  1.00 0.00 ? 29  SER A H    1 
ATOM 439  H HA   . SER A 1 29  ? 1.335   -2.385  11.543  1.00 0.00 ? 29  SER A HA   1 
ATOM 440  H HB2  . SER A 1 29  ? -1.286  -2.647  13.089  1.00 0.00 ? 29  SER A HB2  1 
ATOM 441  H HB3  . SER A 1 29  ? 0.277   -3.307  13.576  1.00 0.00 ? 29  SER A HB3  1 
ATOM 442  H HG   . SER A 1 29  ? -0.616  -0.648  13.488  1.00 0.00 ? 29  SER A HG   1 
ATOM 443  N N    . GLU A 1 30  ? -1.423  -4.010  10.738  1.00 0.00 ? 30  GLU A N    1 
ATOM 444  C CA   . GLU A 1 30  ? -2.004  -5.188  10.133  1.00 0.00 ? 30  GLU A CA   1 
ATOM 445  C C    . GLU A 1 30  ? -1.504  -5.352  8.716   1.00 0.00 ? 30  GLU A C    1 
ATOM 446  O O    . GLU A 1 30  ? -1.186  -6.461  8.322   1.00 0.00 ? 30  GLU A O    1 
ATOM 447  C CB   . GLU A 1 30  ? -3.493  -4.937  10.028  1.00 0.00 ? 30  GLU A CB   1 
ATOM 448  C CG   . GLU A 1 30  ? -4.252  -4.996  11.338  1.00 0.00 ? 30  GLU A CG   1 
ATOM 449  C CD   . GLU A 1 30  ? -4.557  -6.435  11.793  1.00 0.00 ? 30  GLU A CD   1 
ATOM 450  O OE1  . GLU A 1 30  ? -4.596  -7.369  10.954  1.00 0.00 ? 30  GLU A OE1  1 
ATOM 451  O OE2  . GLU A 1 30  ? -4.775  -6.665  13.002  1.00 0.00 ? 30  GLU A OE2  1 
ATOM 452  H H    . GLU A 1 30  ? -2.076  -3.281  11.023  1.00 0.00 ? 30  GLU A H    1 
ATOM 453  H HA   . GLU A 1 30  ? -1.763  -6.098  10.706  1.00 0.00 ? 30  GLU A HA   1 
ATOM 454  H HB2  . GLU A 1 30  ? -3.641  -3.941  9.609   1.00 0.00 ? 30  GLU A HB2  1 
ATOM 455  H HB3  . GLU A 1 30  ? -3.918  -5.645  9.330   1.00 0.00 ? 30  GLU A HB3  1 
ATOM 456  H HG2  . GLU A 1 30  ? -3.709  -4.465  12.123  1.00 0.00 ? 30  GLU A HG2  1 
ATOM 457  H HG3  . GLU A 1 30  ? -5.148  -4.432  11.097  1.00 0.00 ? 30  GLU A HG3  1 
ATOM 458  N N    . ALA A 1 31  ? -1.421  -4.270  7.947   1.00 0.00 ? 31  ALA A N    1 
ATOM 459  C CA   . ALA A 1 31  ? -0.827  -4.242  6.627   1.00 0.00 ? 31  ALA A CA   1 
ATOM 460  C C    . ALA A 1 31  ? 0.578   -4.806  6.723   1.00 0.00 ? 31  ALA A C    1 
ATOM 461  O O    . ALA A 1 31  ? 0.824   -5.862  6.146   1.00 0.00 ? 31  ALA A O    1 
ATOM 462  C CB   . ALA A 1 31  ? -0.885  -2.808  6.122   1.00 0.00 ? 31  ALA A CB   1 
ATOM 463  H H    . ALA A 1 31  ? -1.755  -3.390  8.330   1.00 0.00 ? 31  ALA A H    1 
ATOM 464  H HA   . ALA A 1 31  ? -1.386  -4.884  5.941   1.00 0.00 ? 31  ALA A HA   1 
ATOM 465  H HB1  . ALA A 1 31  ? -0.369  -2.148  6.818   1.00 0.00 ? 31  ALA A HB1  1 
ATOM 466  H HB2  . ALA A 1 31  ? -0.432  -2.717  5.133   1.00 0.00 ? 31  ALA A HB2  1 
ATOM 467  H HB3  . ALA A 1 31  ? -1.937  -2.516  6.105   1.00 0.00 ? 31  ALA A HB3  1 
ATOM 468  N N    . ARG A 1 32  ? 1.466   -4.188  7.509   1.00 0.00 ? 32  ARG A N    1 
ATOM 469  C CA   . ARG A 1 32  ? 2.817   -4.698  7.764   1.00 0.00 ? 32  ARG A CA   1 
ATOM 470  C C    . ARG A 1 32  ? 2.810   -6.193  8.069   1.00 0.00 ? 32  ARG A C    1 
ATOM 471  O O    . ARG A 1 32  ? 3.721   -6.889  7.624   1.00 0.00 ? 32  ARG A O    1 
ATOM 472  C CB   . ARG A 1 32  ? 3.433   -3.912  8.939   1.00 0.00 ? 32  ARG A CB   1 
ATOM 473  C CG   . ARG A 1 32  ? 4.757   -3.203  8.652   1.00 0.00 ? 32  ARG A CG   1 
ATOM 474  C CD   . ARG A 1 32  ? 4.960   -2.068  9.664   1.00 0.00 ? 32  ARG A CD   1 
ATOM 475  N NE   . ARG A 1 32  ? 6.335   -1.554  9.616   1.00 0.00 ? 32  ARG A NE   1 
ATOM 476  C CZ   . ARG A 1 32  ? 7.393   -2.113  10.214  1.00 0.00 ? 32  ARG A CZ   1 
ATOM 477  N NH1  . ARG A 1 32  ? 7.231   -3.158  11.023  1.00 0.00 ? 32  ARG A NH1  1 
ATOM 478  N NH2  . ARG A 1 32  ? 8.604   -1.612  9.998   1.00 0.00 ? 32  ARG A NH2  1 
ATOM 479  H H    . ARG A 1 32  ? 1.153   -3.368  8.021   1.00 0.00 ? 32  ARG A H    1 
ATOM 480  H HA   . ARG A 1 32  ? 3.419   -4.579  6.861   1.00 0.00 ? 32  ARG A HA   1 
ATOM 481  H HB2  . ARG A 1 32  ? 2.713   -3.185  9.316   1.00 0.00 ? 32  ARG A HB2  1 
ATOM 482  H HB3  . ARG A 1 32  ? 3.634   -4.604  9.748   1.00 0.00 ? 32  ARG A HB3  1 
ATOM 483  H HG2  . ARG A 1 32  ? 5.563   -3.930  8.731   1.00 0.00 ? 32  ARG A HG2  1 
ATOM 484  H HG3  . ARG A 1 32  ? 4.768   -2.785  7.653   1.00 0.00 ? 32  ARG A HG3  1 
ATOM 485  H HD2  . ARG A 1 32  ? 4.266   -1.259  9.434   1.00 0.00 ? 32  ARG A HD2  1 
ATOM 486  H HD3  . ARG A 1 32  ? 4.735   -2.424  10.670  1.00 0.00 ? 32  ARG A HD3  1 
ATOM 487  H HE   . ARG A 1 32  ? 6.464   -0.683  9.107   1.00 0.00 ? 32  ARG A HE   1 
ATOM 488  H HH11 . ARG A 1 32  ? 6.326   -3.591  11.161  1.00 0.00 ? 32  ARG A HH11 1 
ATOM 489  H HH12 . ARG A 1 32  ? 7.971   -3.540  11.602  1.00 0.00 ? 32  ARG A HH12 1 
ATOM 490  H HH21 . ARG A 1 32  ? 8.768   -0.845  9.350   1.00 0.00 ? 32  ARG A HH21 1 
ATOM 491  H HH22 . ARG A 1 32  ? 9.434   -2.108  10.316  1.00 0.00 ? 32  ARG A HH22 1 
ATOM 492  N N    . GLU A 1 33  ? 1.801   -6.712  8.765   1.00 0.00 ? 33  GLU A N    1 
ATOM 493  C CA   . GLU A 1 33  ? 1.705   -8.094  9.136   1.00 0.00 ? 33  GLU A CA   1 
ATOM 494  C C    . GLU A 1 33  ? 1.113   -8.956  8.006   1.00 0.00 ? 33  GLU A C    1 
ATOM 495  O O    . GLU A 1 33  ? 1.589   -10.067 7.798   1.00 0.00 ? 33  GLU A O    1 
ATOM 496  C CB   . GLU A 1 33  ? 0.926   -8.114  10.455  1.00 0.00 ? 33  GLU A CB   1 
ATOM 497  C CG   . GLU A 1 33  ? 0.163   -9.394  10.719  1.00 0.00 ? 33  GLU A CG   1 
ATOM 498  C CD   . GLU A 1 33  ? 0.095   -9.729  12.206  1.00 0.00 ? 33  GLU A CD   1 
ATOM 499  O OE1  . GLU A 1 33  ? -0.346  -8.894  13.032  1.00 0.00 ? 33  GLU A OE1  1 
ATOM 500  O OE2  . GLU A 1 33  ? 0.624   -10.796 12.593  1.00 0.00 ? 33  GLU A OE2  1 
ATOM 501  H H    . GLU A 1 33  ? 1.012   -6.177  9.112   1.00 0.00 ? 33  GLU A H    1 
ATOM 502  H HA   . GLU A 1 33  ? 2.717   -8.443  9.327   1.00 0.00 ? 33  GLU A HA   1 
ATOM 503  H HB2  . GLU A 1 33  ? 1.612   -7.900  11.269  1.00 0.00 ? 33  GLU A HB2  1 
ATOM 504  H HB3  . GLU A 1 33  ? 0.176   -7.328  10.456  1.00 0.00 ? 33  GLU A HB3  1 
ATOM 505  H HG2  . GLU A 1 33  ? -0.808  -9.218  10.278  1.00 0.00 ? 33  GLU A HG2  1 
ATOM 506  H HG3  . GLU A 1 33  ? 0.632   -10.224 10.210  1.00 0.00 ? 33  GLU A HG3  1 
ATOM 507  N N    . HIS A 1 34  ? 0.168   -8.470  7.196   1.00 0.00 ? 34  HIS A N    1 
ATOM 508  C CA   . HIS A 1 34  ? -0.373  -9.199  6.055   1.00 0.00 ? 34  HIS A CA   1 
ATOM 509  C C    . HIS A 1 34  ? 0.707   -9.260  4.991   1.00 0.00 ? 34  HIS A C    1 
ATOM 510  O O    . HIS A 1 34  ? 0.775   -10.217 4.237   1.00 0.00 ? 34  HIS A O    1 
ATOM 511  C CB   . HIS A 1 34  ? -1.619  -8.518  5.475   1.00 0.00 ? 34  HIS A CB   1 
ATOM 512  C CG   . HIS A 1 34  ? -2.887  -8.764  6.249   1.00 0.00 ? 34  HIS A CG   1 
ATOM 513  N ND1  . HIS A 1 34  ? -3.181  -8.270  7.496   1.00 0.00 ? 34  HIS A ND1  1 
ATOM 514  C CD2  . HIS A 1 34  ? -3.996  -9.431  5.802   1.00 0.00 ? 34  HIS A CD2  1 
ATOM 515  C CE1  . HIS A 1 34  ? -4.434  -8.635  7.804   1.00 0.00 ? 34  HIS A CE1  1 
ATOM 516  N NE2  . HIS A 1 34  ? -4.950  -9.380  6.816   1.00 0.00 ? 34  HIS A NE2  1 
ATOM 517  H H    . HIS A 1 34  ? -0.064  -7.483  7.246   1.00 0.00 ? 34  HIS A H    1 
ATOM 518  H HA   . HIS A 1 34  ? -0.634  -10.213 6.358   1.00 0.00 ? 34  HIS A HA   1 
ATOM 519  H HB2  . HIS A 1 34  ? -1.449  -7.445  5.391   1.00 0.00 ? 34  HIS A HB2  1 
ATOM 520  H HB3  . HIS A 1 34  ? -1.786  -8.911  4.473   1.00 0.00 ? 34  HIS A HB3  1 
ATOM 521  H HD1  . HIS A 1 34  ? -2.561  -7.722  8.094   1.00 0.00 ? 34  HIS A HD1  1 
ATOM 522  H HD2  . HIS A 1 34  ? -4.161  -9.874  4.831   1.00 0.00 ? 34  HIS A HD2  1 
ATOM 523  H HE1  . HIS A 1 34  ? -4.938  -8.396  8.729   1.00 0.00 ? 34  HIS A HE1  1 
ATOM 524  N N    . LEU A 1 35  ? 1.595   -8.272  4.935   1.00 0.00 ? 35  LEU A N    1 
ATOM 525  C CA   . LEU A 1 35  ? 2.827   -8.337  4.179   1.00 0.00 ? 35  LEU A CA   1 
ATOM 526  C C    . LEU A 1 35  ? 3.758   -9.412  4.752   1.00 0.00 ? 35  LEU A C    1 
ATOM 527  O O    . LEU A 1 35  ? 4.297   -10.219 3.996   1.00 0.00 ? 35  LEU A O    1 
ATOM 528  C CB   . LEU A 1 35  ? 3.486   -6.954  4.181   1.00 0.00 ? 35  LEU A CB   1 
ATOM 529  C CG   . LEU A 1 35  ? 2.911   -6.013  3.113   1.00 0.00 ? 35  LEU A CG   1 
ATOM 530  C CD1  . LEU A 1 35  ? 1.799   -5.082  3.557   1.00 0.00 ? 35  LEU A CD1  1 
ATOM 531  C CD2  . LEU A 1 35  ? 4.046   -5.140  2.582   1.00 0.00 ? 35  LEU A CD2  1 
ATOM 532  H H    . LEU A 1 35  ? 1.448   -7.485  5.562   1.00 0.00 ? 35  LEU A H    1 
ATOM 533  H HA   . LEU A 1 35  ? 2.598   -8.625  3.153   1.00 0.00 ? 35  LEU A HA   1 
ATOM 534  H HB2  . LEU A 1 35  ? 3.436   -6.491  5.162   1.00 0.00 ? 35  LEU A HB2  1 
ATOM 535  H HB3  . LEU A 1 35  ? 4.534   -7.121  3.957   1.00 0.00 ? 35  LEU A HB3  1 
ATOM 536  H HG   . LEU A 1 35  ? 2.462   -6.614  2.335   1.00 0.00 ? 35  LEU A HG   1 
ATOM 537  H HD11 . LEU A 1 35  ? 1.564   -4.388  2.756   1.00 0.00 ? 35  LEU A HD11 1 
ATOM 538  H HD12 . LEU A 1 35  ? 0.917   -5.685  3.771   1.00 0.00 ? 35  LEU A HD12 1 
ATOM 539  H HD13 . LEU A 1 35  ? 2.111   -4.523  4.440   1.00 0.00 ? 35  LEU A HD13 1 
ATOM 540  H HD21 . LEU A 1 35  ? 3.667   -4.455  1.827   1.00 0.00 ? 35  LEU A HD21 1 
ATOM 541  H HD22 . LEU A 1 35  ? 4.480   -4.579  3.412   1.00 0.00 ? 35  LEU A HD22 1 
ATOM 542  H HD23 . LEU A 1 35  ? 4.813   -5.772  2.140   1.00 0.00 ? 35  LEU A HD23 1 
ATOM 543  N N    . LYS A 1 36  ? 3.946   -9.442  6.074   1.00 0.00 ? 36  LYS A N    1 
ATOM 544  C CA   . LYS A 1 36  ? 4.823   -10.385 6.775   1.00 0.00 ? 36  LYS A CA   1 
ATOM 545  C C    . LYS A 1 36  ? 4.362   -11.830 6.584   1.00 0.00 ? 36  LYS A C    1 
ATOM 546  O O    . LYS A 1 36  ? 5.186   -12.749 6.549   1.00 0.00 ? 36  LYS A O    1 
ATOM 547  C CB   . LYS A 1 36  ? 4.867   -10.010 8.256   1.00 0.00 ? 36  LYS A CB   1 
ATOM 548  C CG   . LYS A 1 36  ? 6.128   -10.524 8.957   1.00 0.00 ? 36  LYS A CG   1 
ATOM 549  C CD   . LYS A 1 36  ? 6.304   -9.815  10.303  1.00 0.00 ? 36  LYS A CD   1 
ATOM 550  C CE   . LYS A 1 36  ? 5.155   -10.205 11.233  1.00 0.00 ? 36  LYS A CE   1 
ATOM 551  N NZ   . LYS A 1 36  ? 5.353   -9.795  12.643  1.00 0.00 ? 36  LYS A NZ   1 
ATOM 552  H H    . LYS A 1 36  ? 3.429   -8.775  6.630   1.00 0.00 ? 36  LYS A H    1 
ATOM 553  H HA   . LYS A 1 36  ? 5.836   -10.277 6.400   1.00 0.00 ? 36  LYS A HA   1 
ATOM 554  H HB2  . LYS A 1 36  ? 4.879   -8.927  8.335   1.00 0.00 ? 36  LYS A HB2  1 
ATOM 555  H HB3  . LYS A 1 36  ? 3.982   -10.386 8.764   1.00 0.00 ? 36  LYS A HB3  1 
ATOM 556  H HG2  . LYS A 1 36  ? 6.065   -11.600 9.100   1.00 0.00 ? 36  LYS A HG2  1 
ATOM 557  H HG3  . LYS A 1 36  ? 6.996   -10.308 8.337   1.00 0.00 ? 36  LYS A HG3  1 
ATOM 558  H HD2  . LYS A 1 36  ? 7.261   -10.094 10.736  1.00 0.00 ? 36  LYS A HD2  1 
ATOM 559  H HD3  . LYS A 1 36  ? 6.299   -8.742  10.125  1.00 0.00 ? 36  LYS A HD3  1 
ATOM 560  H HE2  . LYS A 1 36  ? 4.235   -9.769  10.840  1.00 0.00 ? 36  LYS A HE2  1 
ATOM 561  H HE3  . LYS A 1 36  ? 5.048   -11.289 11.185  1.00 0.00 ? 36  LYS A HE3  1 
ATOM 562  H HZ1  . LYS A 1 36  ? 5.373   -8.787  12.762  1.00 0.00 ? 36  LYS A HZ1  1 
ATOM 563  H HZ2  . LYS A 1 36  ? 4.555   -10.129 13.181  1.00 0.00 ? 36  LYS A HZ2  1 
ATOM 564  H HZ3  . LYS A 1 36  ? 6.181   -10.217 13.052  1.00 0.00 ? 36  LYS A HZ3  1 
ATOM 565  N N    . ASN A 1 37  ? 3.050   -12.035 6.498   1.00 0.00 ? 37  ASN A N    1 
ATOM 566  C CA   . ASN A 1 37  ? 2.394   -13.285 6.148   1.00 0.00 ? 37  ASN A CA   1 
ATOM 567  C C    . ASN A 1 37  ? 2.532   -13.522 4.649   1.00 0.00 ? 37  ASN A C    1 
ATOM 568  O O    . ASN A 1 37  ? 2.935   -14.602 4.217   1.00 0.00 ? 37  ASN A O    1 
ATOM 569  C CB   . ASN A 1 37  ? 0.908   -13.230 6.555   1.00 0.00 ? 37  ASN A CB   1 
ATOM 570  C CG   . ASN A 1 37  ? 0.731   -13.266 8.072   1.00 0.00 ? 37  ASN A CG   1 
ATOM 571  O OD1  . ASN A 1 37  ? 1.536   -13.871 8.774   1.00 0.00 ? 37  ASN A OD1  1 
ATOM 572  N ND2  . ASN A 1 37  ? -0.278  -12.617 8.624   1.00 0.00 ? 37  ASN A ND2  1 
ATOM 573  H H    . ASN A 1 37  ? 2.453   -11.239 6.698   1.00 0.00 ? 37  ASN A H    1 
ATOM 574  H HA   . ASN A 1 37  ? 2.870   -14.107 6.681   1.00 0.00 ? 37  ASN A HA   1 
ATOM 575  H HB2  . ASN A 1 37  ? 0.443   -12.333 6.150   1.00 0.00 ? 37  ASN A HB2  1 
ATOM 576  H HB3  . ASN A 1 37  ? 0.399   -14.093 6.128   1.00 0.00 ? 37  ASN A HB3  1 
ATOM 577  H HD21 . ASN A 1 37  ? -0.991  -12.102 8.112   1.00 0.00 ? 37  ASN A HD21 1 
ATOM 578  H HD22 . ASN A 1 37  ? -0.356  -12.632 9.632   1.00 0.00 ? 37  ASN A HD22 1 
ATOM 579  N N    . GLY A 1 38  ? 2.237   -12.491 3.861   1.00 0.00 ? 38  GLY A N    1 
ATOM 580  C CA   . GLY A 1 38  ? 2.191   -12.453 2.409   1.00 0.00 ? 38  GLY A CA   1 
ATOM 581  C C    . GLY A 1 38  ? 0.754   -12.430 1.874   1.00 0.00 ? 38  GLY A C    1 
ATOM 582  O O    . GLY A 1 38  ? 0.556   -12.539 0.663   1.00 0.00 ? 38  GLY A O    1 
ATOM 583  H H    . GLY A 1 38  ? 1.938   -11.632 4.308   1.00 0.00 ? 38  GLY A H    1 
ATOM 584  H HA2  . GLY A 1 38  ? 2.686   -11.532 2.084   1.00 0.00 ? 38  GLY A HA2  1 
ATOM 585  H HA3  . GLY A 1 38  ? 2.719   -13.308 1.997   1.00 0.00 ? 38  GLY A HA3  1 
ATOM 586  N N    . THR A 1 39  ? -0.251  -12.265 2.731   1.00 0.00 ? 39  THR A N    1 
ATOM 587  C CA   . THR A 1 39  ? -1.676  -12.207 2.425   1.00 0.00 ? 39  THR A CA   1 
ATOM 588  C C    . THR A 1 39  ? -2.128  -10.749 2.257   1.00 0.00 ? 39  THR A C    1 
ATOM 589  O O    . THR A 1 39  ? -3.240  -10.373 2.620   1.00 0.00 ? 39  THR A O    1 
ATOM 590  C CB   . THR A 1 39  ? -2.416  -12.925 3.572   1.00 0.00 ? 39  THR A CB   1 
ATOM 591  O OG1  . THR A 1 39  ? -2.010  -12.395 4.819   1.00 0.00 ? 39  THR A OG1  1 
ATOM 592  C CG2  . THR A 1 39  ? -2.125  -14.430 3.597   1.00 0.00 ? 39  THR A CG2  1 
ATOM 593  H H    . THR A 1 39  ? -0.024  -12.016 3.689   1.00 0.00 ? 39  THR A H    1 
ATOM 594  H HA   . THR A 1 39  ? -1.891  -12.711 1.480   1.00 0.00 ? 39  THR A HA   1 
ATOM 595  H HB   . THR A 1 39  ? -3.487  -12.787 3.447   1.00 0.00 ? 39  THR A HB   1 
ATOM 596  H HG1  . THR A 1 39  ? -2.669  -12.710 5.469   1.00 0.00 ? 39  THR A HG1  1 
ATOM 597  H HG21 . THR A 1 39  ? -1.080  -14.614 3.854   1.00 0.00 ? 39  THR A HG21 1 
ATOM 598  H HG22 . THR A 1 39  ? -2.761  -14.906 4.344   1.00 0.00 ? 39  THR A HG22 1 
ATOM 599  H HG23 . THR A 1 39  ? -2.355  -14.869 2.625   1.00 0.00 ? 39  THR A HG23 1 
ATOM 600  N N    . CYS A 1 40  ? -1.295  -9.918  1.633   1.00 0.00 ? 40  CYS A N    1 
ATOM 601  C CA   . CYS A 1 40  ? -1.622  -8.556  1.243   1.00 0.00 ? 40  CYS A CA   1 
ATOM 602  C C    . CYS A 1 40  ? -1.618  -8.505  -0.285  1.00 0.00 ? 40  CYS A C    1 
ATOM 603  O O    . CYS A 1 40  ? -0.947  -9.314  -0.939  1.00 0.00 ? 40  CYS A O    1 
ATOM 604  C CB   . CYS A 1 40  ? -0.616  -7.610  1.917   1.00 0.00 ? 40  CYS A CB   1 
ATOM 605  S SG   . CYS A 1 40  ? -0.718  -5.904  1.316   1.00 0.00 ? 40  CYS A SG   1 
ATOM 606  H H    . CYS A 1 40  ? -0.429  -10.295 1.286   1.00 0.00 ? 40  CYS A H    1 
ATOM 607  H HA   . CYS A 1 40  ? -2.621  -8.296  1.592   1.00 0.00 ? 40  CYS A HA   1 
ATOM 608  H HB2  . CYS A 1 40  ? -0.807  -7.605  2.989   1.00 0.00 ? 40  CYS A HB2  1 
ATOM 609  H HB3  . CYS A 1 40  ? 0.390   -7.973  1.749   1.00 0.00 ? 40  CYS A HB3  1 
ATOM 610  H HG   . CYS A 1 40  ? 0.268   -5.422  2.079   1.00 0.00 ? 40  CYS A HG   1 
ATOM 611  N N    . GLY A 1 41  ? -2.350  -7.549  -0.849  1.00 0.00 ? 41  GLY A N    1 
ATOM 612  C CA   . GLY A 1 41  ? -2.285  -7.161  -2.242  1.00 0.00 ? 41  GLY A CA   1 
ATOM 613  C C    . GLY A 1 41  ? -2.337  -5.638  -2.358  1.00 0.00 ? 41  GLY A C    1 
ATOM 614  O O    . GLY A 1 41  ? -2.490  -4.931  -1.356  1.00 0.00 ? 41  GLY A O    1 
ATOM 615  H H    . GLY A 1 41  ? -2.866  -6.907  -0.249  1.00 0.00 ? 41  GLY A H    1 
ATOM 616  H HA2  . GLY A 1 41  ? -1.353  -7.529  -2.656  1.00 0.00 ? 41  GLY A HA2  1 
ATOM 617  H HA3  . GLY A 1 41  ? -3.100  -7.620  -2.798  1.00 0.00 ? 41  GLY A HA3  1 
ATOM 618  N N    . LEU A 1 42  ? -2.181  -5.118  -3.575  1.00 0.00 ? 42  LEU A N    1 
ATOM 619  C CA   . LEU A 1 42  ? -2.135  -3.690  -3.873  1.00 0.00 ? 42  LEU A CA   1 
ATOM 620  C C    . LEU A 1 42  ? -3.370  -3.294  -4.680  1.00 0.00 ? 42  LEU A C    1 
ATOM 621  O O    . LEU A 1 42  ? -3.851  -4.070  -5.504  1.00 0.00 ? 42  LEU A O    1 
ATOM 622  C CB   . LEU A 1 42  ? -0.848  -3.393  -4.670  1.00 0.00 ? 42  LEU A CB   1 
ATOM 623  C CG   . LEU A 1 42  ? -0.575  -1.895  -4.923  1.00 0.00 ? 42  LEU A CG   1 
ATOM 624  C CD1  . LEU A 1 42  ? -0.134  -1.178  -3.641  1.00 0.00 ? 42  LEU A CD1  1 
ATOM 625  C CD2  . LEU A 1 42  ? 0.501   -1.733  -5.998  1.00 0.00 ? 42  LEU A CD2  1 
ATOM 626  H H    . LEU A 1 42  ? -2.054  -5.740  -4.368  1.00 0.00 ? 42  LEU A H    1 
ATOM 627  H HA   . LEU A 1 42  ? -2.120  -3.124  -2.942  1.00 0.00 ? 42  LEU A HA   1 
ATOM 628  H HB2  . LEU A 1 42  ? 0.006   -3.824  -4.144  1.00 0.00 ? 42  LEU A HB2  1 
ATOM 629  H HB3  . LEU A 1 42  ? -0.930  -3.900  -5.631  1.00 0.00 ? 42  LEU A HB3  1 
ATOM 630  H HG   . LEU A 1 42  ? -1.468  -1.406  -5.303  1.00 0.00 ? 42  LEU A HG   1 
ATOM 631  H HD11 . LEU A 1 42  ? 0.759   -1.648  -3.229  1.00 0.00 ? 42  LEU A HD11 1 
ATOM 632  H HD12 . LEU A 1 42  ? 0.073   -0.130  -3.848  1.00 0.00 ? 42  LEU A HD12 1 
ATOM 633  H HD13 . LEU A 1 42  ? -0.933  -1.215  -2.904  1.00 0.00 ? 42  LEU A HD13 1 
ATOM 634  H HD21 . LEU A 1 42  ? 1.403   -2.290  -5.742  1.00 0.00 ? 42  LEU A HD21 1 
ATOM 635  H HD22 . LEU A 1 42  ? 0.109   -2.118  -6.938  1.00 0.00 ? 42  LEU A HD22 1 
ATOM 636  H HD23 . LEU A 1 42  ? 0.734   -0.679  -6.135  1.00 0.00 ? 42  LEU A HD23 1 
ATOM 637  N N    . VAL A 1 43  ? -3.820  -2.059  -4.498  1.00 0.00 ? 43  VAL A N    1 
ATOM 638  C CA   . VAL A 1 43  ? -4.847  -1.379  -5.260  1.00 0.00 ? 43  VAL A CA   1 
ATOM 639  C C    . VAL A 1 43  ? -4.221  -0.076  -5.750  1.00 0.00 ? 43  VAL A C    1 
ATOM 640  O O    . VAL A 1 43  ? -3.618  0.662   -4.966  1.00 0.00 ? 43  VAL A O    1 
ATOM 641  C CB   . VAL A 1 43  ? -6.084  -1.195  -4.353  1.00 0.00 ? 43  VAL A CB   1 
ATOM 642  C CG1  . VAL A 1 43  ? -7.066  -0.157  -4.893  1.00 0.00 ? 43  VAL A CG1  1 
ATOM 643  C CG2  . VAL A 1 43  ? -6.828  -2.531  -4.180  1.00 0.00 ? 43  VAL A CG2  1 
ATOM 644  H H    . VAL A 1 43  ? -3.419  -1.495  -3.755  1.00 0.00 ? 43  VAL A H    1 
ATOM 645  H HA   . VAL A 1 43  ? -5.106  -1.975  -6.130  1.00 0.00 ? 43  VAL A HA   1 
ATOM 646  H HB   . VAL A 1 43  ? -5.762  -0.854  -3.368  1.00 0.00 ? 43  VAL A HB   1 
ATOM 647  H HG11 . VAL A 1 43  ? -7.926  -0.075  -4.227  1.00 0.00 ? 43  VAL A HG11 1 
ATOM 648  H HG12 . VAL A 1 43  ? -6.592  0.824   -4.951  1.00 0.00 ? 43  VAL A HG12 1 
ATOM 649  H HG13 . VAL A 1 43  ? -7.393  -0.458  -5.886  1.00 0.00 ? 43  VAL A HG13 1 
ATOM 650  H HG21 . VAL A 1 43  ? -7.176  -2.896  -5.149  1.00 0.00 ? 43  VAL A HG21 1 
ATOM 651  H HG22 . VAL A 1 43  ? -6.161  -3.276  -3.748  1.00 0.00 ? 43  VAL A HG22 1 
ATOM 652  H HG23 . VAL A 1 43  ? -7.682  -2.402  -3.516  1.00 0.00 ? 43  VAL A HG23 1 
ATOM 653  N N    . GLU A 1 44  ? -4.301  0.191   -7.053  1.00 0.00 ? 44  GLU A N    1 
ATOM 654  C CA   . GLU A 1 44  ? -3.783  1.427   -7.628  1.00 0.00 ? 44  GLU A CA   1 
ATOM 655  C C    . GLU A 1 44  ? -4.674  2.605   -7.215  1.00 0.00 ? 44  GLU A C    1 
ATOM 656  O O    . GLU A 1 44  ? -5.902  2.483   -7.186  1.00 0.00 ? 44  GLU A O    1 
ATOM 657  C CB   . GLU A 1 44  ? -3.701  1.306   -9.155  1.00 0.00 ? 44  GLU A CB   1 
ATOM 658  C CG   . GLU A 1 44  ? -2.667  0.246   -9.571  1.00 0.00 ? 44  GLU A CG   1 
ATOM 659  C CD   . GLU A 1 44  ? -2.389  0.253   -11.073 1.00 0.00 ? 44  GLU A CD   1 
ATOM 660  O OE1  . GLU A 1 44  ? -2.191  1.335   -11.672 1.00 0.00 ? 44  GLU A OE1  1 
ATOM 661  O OE2  . GLU A 1 44  ? -2.247  -0.819  -11.699 1.00 0.00 ? 44  GLU A OE2  1 
ATOM 662  H H    . GLU A 1 44  ? -4.798  -0.445  -7.668  1.00 0.00 ? 44  GLU A H    1 
ATOM 663  H HA   . GLU A 1 44  ? -2.777  1.599   -7.238  1.00 0.00 ? 44  GLU A HA   1 
ATOM 664  H HB2  . GLU A 1 44  ? -4.677  1.046   -9.565  1.00 0.00 ? 44  GLU A HB2  1 
ATOM 665  H HB3  . GLU A 1 44  ? -3.403  2.277   -9.554  1.00 0.00 ? 44  GLU A HB3  1 
ATOM 666  H HG2  . GLU A 1 44  ? -1.727  0.442   -9.053  1.00 0.00 ? 44  GLU A HG2  1 
ATOM 667  H HG3  . GLU A 1 44  ? -3.023  -0.743  -9.279  1.00 0.00 ? 44  GLU A HG3  1 
ATOM 668  N N    . LEU A 1 45  ? -4.056  3.749   -6.903  1.00 0.00 ? 45  LEU A N    1 
ATOM 669  C CA   . LEU A 1 45  ? -4.749  4.985   -6.559  1.00 0.00 ? 45  LEU A CA   1 
ATOM 670  C C    . LEU A 1 45  ? -5.196  5.665   -7.841  1.00 0.00 ? 45  LEU A C    1 
ATOM 671  O O    . LEU A 1 45  ? -4.375  6.231   -8.571  1.00 0.00 ? 45  LEU A O    1 
ATOM 672  C CB   . LEU A 1 45  ? -3.843  5.928   -5.753  1.00 0.00 ? 45  LEU A CB   1 
ATOM 673  C CG   . LEU A 1 45  ? -3.924  5.665   -4.243  1.00 0.00 ? 45  LEU A CG   1 
ATOM 674  C CD1  . LEU A 1 45  ? -2.760  6.382   -3.565  1.00 0.00 ? 45  LEU A CD1  1 
ATOM 675  C CD2  . LEU A 1 45  ? -5.249  6.166   -3.650  1.00 0.00 ? 45  LEU A CD2  1 
ATOM 676  H H    . LEU A 1 45  ? -3.055  3.820   -7.063  1.00 0.00 ? 45  LEU A H    1 
ATOM 677  H HA   . LEU A 1 45  ? -5.625  4.747   -5.961  1.00 0.00 ? 45  LEU A HA   1 
ATOM 678  H HB2  . LEU A 1 45  ? -2.815  5.822   -6.103  1.00 0.00 ? 45  LEU A HB2  1 
ATOM 679  H HB3  . LEU A 1 45  ? -4.146  6.962   -5.931  1.00 0.00 ? 45  LEU A HB3  1 
ATOM 680  H HG   . LEU A 1 45  ? -3.821  4.597   -4.056  1.00 0.00 ? 45  LEU A HG   1 
ATOM 681  H HD11 . LEU A 1 45  ? -2.827  7.454   -3.752  1.00 0.00 ? 45  LEU A HD11 1 
ATOM 682  H HD12 . LEU A 1 45  ? -2.791  6.197   -2.492  1.00 0.00 ? 45  LEU A HD12 1 
ATOM 683  H HD13 . LEU A 1 45  ? -1.823  6.000   -3.966  1.00 0.00 ? 45  LEU A HD13 1 
ATOM 684  H HD21 . LEU A 1 45  ? -5.410  7.215   -3.901  1.00 0.00 ? 45  LEU A HD21 1 
ATOM 685  H HD22 . LEU A 1 45  ? -6.085  5.579   -4.026  1.00 0.00 ? 45  LEU A HD22 1 
ATOM 686  H HD23 . LEU A 1 45  ? -5.234  6.066   -2.567  1.00 0.00 ? 45  LEU A HD23 1 
ATOM 687  N N    . GLU A 1 46  ? -6.496  5.651   -8.102  1.00 0.00 ? 46  GLU A N    1 
ATOM 688  C CA   . GLU A 1 46  ? -7.124  6.362   -9.207  1.00 0.00 ? 46  GLU A CA   1 
ATOM 689  C C    . GLU A 1 46  ? -8.202  7.291   -8.637  1.00 0.00 ? 46  GLU A C    1 
ATOM 690  O O    . GLU A 1 46  ? -8.457  7.303   -7.427  1.00 0.00 ? 46  GLU A O    1 
ATOM 691  C CB   . GLU A 1 46  ? -7.652  5.380   -10.266 1.00 0.00 ? 46  GLU A CB   1 
ATOM 692  C CG   . GLU A 1 46  ? -6.562  4.412   -10.747 1.00 0.00 ? 46  GLU A CG   1 
ATOM 693  C CD   . GLU A 1 46  ? -7.063  3.518   -11.874 1.00 0.00 ? 46  GLU A CD   1 
ATOM 694  O OE1  . GLU A 1 46  ? -7.968  2.684   -11.634 1.00 0.00 ? 46  GLU A OE1  1 
ATOM 695  O OE2  . GLU A 1 46  ? -6.536  3.645   -13.004 1.00 0.00 ? 46  GLU A OE2  1 
ATOM 696  H H    . GLU A 1 46  ? -7.118  5.175   -7.464  1.00 0.00 ? 46  GLU A H    1 
ATOM 697  H HA   . GLU A 1 46  ? -6.377  6.992   -9.684  1.00 0.00 ? 46  GLU A HA   1 
ATOM 698  H HB2  . GLU A 1 46  ? -8.480  4.805   -9.859  1.00 0.00 ? 46  GLU A HB2  1 
ATOM 699  H HB3  . GLU A 1 46  ? -8.017  5.949   -11.120 1.00 0.00 ? 46  GLU A HB3  1 
ATOM 700  H HG2  . GLU A 1 46  ? -5.703  4.990   -11.096 1.00 0.00 ? 46  GLU A HG2  1 
ATOM 701  H HG3  . GLU A 1 46  ? -6.234  3.775   -9.925  1.00 0.00 ? 46  GLU A HG3  1 
ATOM 702  N N    . LYS A 1 47  ? -8.808  8.128   -9.481  1.00 0.00 ? 47  LYS A N    1 
ATOM 703  C CA   . LYS A 1 47  ? -9.565  9.271   -8.985  1.00 0.00 ? 47  LYS A CA   1 
ATOM 704  C C    . LYS A 1 47  ? -10.793 8.858   -8.170  1.00 0.00 ? 47  LYS A C    1 
ATOM 705  O O    . LYS A 1 47  ? -11.091 9.519   -7.172  1.00 0.00 ? 47  LYS A O    1 
ATOM 706  C CB   . LYS A 1 47  ? -9.928  10.208  -10.141 1.00 0.00 ? 47  LYS A CB   1 
ATOM 707  C CG   . LYS A 1 47  ? -10.364 11.578  -9.603  1.00 0.00 ? 47  LYS A CG   1 
ATOM 708  C CD   . LYS A 1 47  ? -10.532 12.569  -10.752 1.00 0.00 ? 47  LYS A CD   1 
ATOM 709  C CE   . LYS A 1 47  ? -10.953 13.940  -10.214 1.00 0.00 ? 47  LYS A CE   1 
ATOM 710  N NZ   . LYS A 1 47  ? -11.342 14.850  -11.306 1.00 0.00 ? 47  LYS A NZ   1 
ATOM 711  H H    . LYS A 1 47  ? -8.618  8.052   -10.472 1.00 0.00 ? 47  LYS A H    1 
ATOM 712  H HA   . LYS A 1 47  ? -8.899  9.814   -8.313  1.00 0.00 ? 47  LYS A HA   1 
ATOM 713  H HB2  . LYS A 1 47  ? -9.052  10.347  -10.775 1.00 0.00 ? 47  LYS A HB2  1 
ATOM 714  H HB3  . LYS A 1 47  ? -10.729 9.773   -10.740 1.00 0.00 ? 47  LYS A HB3  1 
ATOM 715  H HG2  . LYS A 1 47  ? -11.312 11.483  -9.074  1.00 0.00 ? 47  LYS A HG2  1 
ATOM 716  H HG3  . LYS A 1 47  ? -9.609  11.958  -8.915  1.00 0.00 ? 47  LYS A HG3  1 
ATOM 717  H HD2  . LYS A 1 47  ? -9.589  12.665  -11.291 1.00 0.00 ? 47  LYS A HD2  1 
ATOM 718  H HD3  . LYS A 1 47  ? -11.296 12.184  -11.431 1.00 0.00 ? 47  LYS A HD3  1 
ATOM 719  H HE2  . LYS A 1 47  ? -11.808 13.812  -9.545  1.00 0.00 ? 47  LYS A HE2  1 
ATOM 720  H HE3  . LYS A 1 47  ? -10.127 14.376  -9.649  1.00 0.00 ? 47  LYS A HE3  1 
ATOM 721  H HZ1  . LYS A 1 47  ? -10.630 14.903  -12.028 1.00 0.00 ? 47  LYS A HZ1  1 
ATOM 722  H HZ2  . LYS A 1 47  ? -12.206 14.524  -11.727 1.00 0.00 ? 47  LYS A HZ2  1 
ATOM 723  H HZ3  . LYS A 1 47  ? -11.488 15.784  -10.930 1.00 0.00 ? 47  LYS A HZ3  1 
ATOM 724  N N    . GLY A 1 48  ? -11.471 7.770   -8.520  1.00 0.00 ? 48  GLY A N    1 
ATOM 725  C CA   . GLY A 1 48  ? -12.699 7.343   -7.864  1.00 0.00 ? 48  GLY A CA   1 
ATOM 726  C C    . GLY A 1 48  ? -12.484 6.307   -6.768  1.00 0.00 ? 48  GLY A C    1 
ATOM 727  O O    . GLY A 1 48  ? -13.423 5.599   -6.415  1.00 0.00 ? 48  GLY A O    1 
ATOM 728  H H    . GLY A 1 48  ? -11.188 7.214   -9.320  1.00 0.00 ? 48  GLY A H    1 
ATOM 729  H HA2  . GLY A 1 48  ? -13.223 8.200   -7.444  1.00 0.00 ? 48  GLY A HA2  1 
ATOM 730  H HA3  . GLY A 1 48  ? -13.336 6.901   -8.623  1.00 0.00 ? 48  GLY A HA3  1 
ATOM 731  N N    . VAL A 1 49  ? -11.264 6.146   -6.250  1.00 0.00 ? 49  VAL A N    1 
ATOM 732  C CA   . VAL A 1 49  ? -10.903 4.965   -5.466  1.00 0.00 ? 49  VAL A CA   1 
ATOM 733  C C    . VAL A 1 49  ? -11.157 5.151   -3.975  1.00 0.00 ? 49  VAL A C    1 
ATOM 734  O O    . VAL A 1 49  ? -11.771 4.286   -3.355  1.00 0.00 ? 49  VAL A O    1 
ATOM 735  C CB   . VAL A 1 49  ? -9.456  4.578   -5.815  1.00 0.00 ? 49  VAL A CB   1 
ATOM 736  C CG1  . VAL A 1 49  ? -8.886  3.446   -4.959  1.00 0.00 ? 49  VAL A CG1  1 
ATOM 737  C CG2  . VAL A 1 49  ? -9.410  4.155   -7.290  1.00 0.00 ? 49  VAL A CG2  1 
ATOM 738  H H    . VAL A 1 49  ? -10.506 6.729   -6.579  1.00 0.00 ? 49  VAL A H    1 
ATOM 739  H HA   . VAL A 1 49  ? -11.550 4.148   -5.759  1.00 0.00 ? 49  VAL A HA   1 
ATOM 740  H HB   . VAL A 1 49  ? -8.829  5.457   -5.661  1.00 0.00 ? 49  VAL A HB   1 
ATOM 741  H HG11 . VAL A 1 49  ? -9.528  2.566   -5.016  1.00 0.00 ? 49  VAL A HG11 1 
ATOM 742  H HG12 . VAL A 1 49  ? -7.890  3.175   -5.309  1.00 0.00 ? 49  VAL A HG12 1 
ATOM 743  H HG13 . VAL A 1 49  ? -8.814  3.779   -3.928  1.00 0.00 ? 49  VAL A HG13 1 
ATOM 744  H HG21 . VAL A 1 49  ? -9.722  4.962   -7.944  1.00 0.00 ? 49  VAL A HG21 1 
ATOM 745  H HG22 . VAL A 1 49  ? -8.404  3.848   -7.563  1.00 0.00 ? 49  VAL A HG22 1 
ATOM 746  H HG23 . VAL A 1 49  ? -10.074 3.308   -7.458  1.00 0.00 ? 49  VAL A HG23 1 
ATOM 747  N N    . LEU A 1 50  ? -10.706 6.270   -3.401  1.00 0.00 ? 50  LEU A N    1 
ATOM 748  C CA   . LEU A 1 50  ? -10.846 6.569   -1.976  1.00 0.00 ? 50  LEU A CA   1 
ATOM 749  C C    . LEU A 1 50  ? -12.283 6.347   -1.466  1.00 0.00 ? 50  LEU A C    1 
ATOM 750  O O    . LEU A 1 50  ? -12.419 5.609   -0.488  1.00 0.00 ? 50  LEU A O    1 
ATOM 751  C CB   . LEU A 1 50  ? -10.354 8.003   -1.713  1.00 0.00 ? 50  LEU A CB   1 
ATOM 752  C CG   . LEU A 1 50  ? -8.830  8.204   -1.520  1.00 0.00 ? 50  LEU A CG   1 
ATOM 753  C CD1  . LEU A 1 50  ? -8.560  9.447   -0.664  1.00 0.00 ? 50  LEU A CD1  1 
ATOM 754  C CD2  . LEU A 1 50  ? -8.068  7.013   -0.923  1.00 0.00 ? 50  LEU A CD2  1 
ATOM 755  H H    . LEU A 1 50  ? -10.204 6.932   -3.974  1.00 0.00 ? 50  LEU A H    1 
ATOM 756  H HA   . LEU A 1 50  ? -10.249 5.875   -1.389  1.00 0.00 ? 50  LEU A HA   1 
ATOM 757  H HB2  . LEU A 1 50  ? -10.685 8.627   -2.542  1.00 0.00 ? 50  LEU A HB2  1 
ATOM 758  H HB3  . LEU A 1 50  ? -10.850 8.349   -0.805  1.00 0.00 ? 50  LEU A HB3  1 
ATOM 759  H HG   . LEU A 1 50  ? -8.401  8.383   -2.502  1.00 0.00 ? 50  LEU A HG   1 
ATOM 760  H HD11 . LEU A 1 50  ? -7.493  9.670   -0.654  1.00 0.00 ? 50  LEU A HD11 1 
ATOM 761  H HD12 . LEU A 1 50  ? -9.086  10.306  -1.085  1.00 0.00 ? 50  LEU A HD12 1 
ATOM 762  H HD13 . LEU A 1 50  ? -8.902  9.286   0.360   1.00 0.00 ? 50  LEU A HD13 1 
ATOM 763  H HD21 . LEU A 1 50  ? -8.035  6.197   -1.642  1.00 0.00 ? 50  LEU A HD21 1 
ATOM 764  H HD22 . LEU A 1 50  ? -7.043  7.301   -0.697  1.00 0.00 ? 50  LEU A HD22 1 
ATOM 765  H HD23 . LEU A 1 50  ? -8.557  6.677   -0.011  1.00 0.00 ? 50  LEU A HD23 1 
ATOM 766  N N    . PRO A 1 51  ? -13.358 6.885   -2.083  1.00 0.00 ? 51  PRO A N    1 
ATOM 767  C CA   . PRO A 1 51  ? -14.715 6.773   -1.546  1.00 0.00 ? 51  PRO A CA   1 
ATOM 768  C C    . PRO A 1 51  ? -15.360 5.443   -1.966  1.00 0.00 ? 51  PRO A C    1 
ATOM 769  O O    . PRO A 1 51  ? -16.529 5.387   -2.354  1.00 0.00 ? 51  PRO A O    1 
ATOM 770  C CB   . PRO A 1 51  ? -15.425 8.009   -2.107  1.00 0.00 ? 51  PRO A CB   1 
ATOM 771  C CG   . PRO A 1 51  ? -14.832 8.126   -3.511  1.00 0.00 ? 51  PRO A CG   1 
ATOM 772  C CD   . PRO A 1 51  ? -13.393 7.620   -3.341  1.00 0.00 ? 51  PRO A CD   1 
ATOM 773  H HA   . PRO A 1 51  ? -14.708 6.821   -0.456  1.00 0.00 ? 51  PRO A HA   1 
ATOM 774  H HB2  . PRO A 1 51  ? -16.507 7.903   -2.123  1.00 0.00 ? 51  PRO A HB2  1 
ATOM 775  H HB3  . PRO A 1 51  ? -15.147 8.884   -1.517  1.00 0.00 ? 51  PRO A HB3  1 
ATOM 776  H HG2  . PRO A 1 51  ? -15.374 7.467   -4.195  1.00 0.00 ? 51  PRO A HG2  1 
ATOM 777  H HG3  . PRO A 1 51  ? -14.863 9.159   -3.866  1.00 0.00 ? 51  PRO A HG3  1 
ATOM 778  H HD2  . PRO A 1 51  ? -13.161 6.951   -4.170  1.00 0.00 ? 51  PRO A HD2  1 
ATOM 779  H HD3  . PRO A 1 51  ? -12.682 8.445   -3.317  1.00 0.00 ? 51  PRO A HD3  1 
ATOM 780  N N    . GLN A 1 52  ? -14.589 4.363   -1.872  1.00 0.00 ? 52  GLN A N    1 
ATOM 781  C CA   . GLN A 1 52  ? -14.997 2.968   -1.998  1.00 0.00 ? 52  GLN A CA   1 
ATOM 782  C C    . GLN A 1 52  ? -14.235 2.079   -1.009  1.00 0.00 ? 52  GLN A C    1 
ATOM 783  O O    . GLN A 1 52  ? -14.642 0.947   -0.756  1.00 0.00 ? 52  GLN A O    1 
ATOM 784  C CB   . GLN A 1 52  ? -14.723 2.427   -3.409  1.00 0.00 ? 52  GLN A CB   1 
ATOM 785  C CG   . GLN A 1 52  ? -15.144 3.366   -4.542  1.00 0.00 ? 52  GLN A CG   1 
ATOM 786  C CD   . GLN A 1 52  ? -15.232 2.613   -5.862  1.00 0.00 ? 52  GLN A CD   1 
ATOM 787  O OE1  . GLN A 1 52  ? -15.970 1.640   -5.987  1.00 0.00 ? 52  GLN A OE1  1 
ATOM 788  N NE2  . GLN A 1 52  ? -14.467 2.989   -6.872  1.00 0.00 ? 52  GLN A NE2  1 
ATOM 789  H H    . GLN A 1 52  ? -13.646 4.544   -1.566  1.00 0.00 ? 52  GLN A H    1 
ATOM 790  H HA   . GLN A 1 52  ? -16.064 2.900   -1.790  1.00 0.00 ? 52  GLN A HA   1 
ATOM 791  H HB2  . GLN A 1 52  ? -13.658 2.223   -3.520  1.00 0.00 ? 52  GLN A HB2  1 
ATOM 792  H HB3  . GLN A 1 52  ? -15.246 1.476   -3.511  1.00 0.00 ? 52  GLN A HB3  1 
ATOM 793  H HG2  . GLN A 1 52  ? -16.128 3.788   -4.333  1.00 0.00 ? 52  GLN A HG2  1 
ATOM 794  H HG3  . GLN A 1 52  ? -14.390 4.156   -4.587  1.00 0.00 ? 52  GLN A HG3  1 
ATOM 795  H HE21 . GLN A 1 52  ? -13.885 3.818   -6.750  1.00 0.00 ? 52  GLN A HE21 1 
ATOM 796  H HE22 . GLN A 1 52  ? -14.444 2.381   -7.684  1.00 0.00 ? 52  GLN A HE22 1 
ATOM 797  N N    . LEU A 1 53  ? -13.118 2.579   -0.471  1.00 0.00 ? 53  LEU A N    1 
ATOM 798  C CA   . LEU A 1 53  ? -12.293 1.959   0.557   1.00 0.00 ? 53  LEU A CA   1 
ATOM 799  C C    . LEU A 1 53  ? -12.976 2.205   1.907   1.00 0.00 ? 53  LEU A C    1 
ATOM 800  O O    . LEU A 1 53  ? -14.123 2.661   1.925   1.00 0.00 ? 53  LEU A O    1 
ATOM 801  C CB   . LEU A 1 53  ? -10.873 2.530   0.412   1.00 0.00 ? 53  LEU A CB   1 
ATOM 802  C CG   . LEU A 1 53  ? -10.216 2.263   -0.957  1.00 0.00 ? 53  LEU A CG   1 
ATOM 803  C CD1  . LEU A 1 53  ? -8.916  3.040   -1.106  1.00 0.00 ? 53  LEU A CD1  1 
ATOM 804  C CD2  . LEU A 1 53  ? -9.922  0.789   -1.184  1.00 0.00 ? 53  LEU A CD2  1 
ATOM 805  H H    . LEU A 1 53  ? -12.890 3.548   -0.664  1.00 0.00 ? 53  LEU A H    1 
ATOM 806  H HA   . LEU A 1 53  ? -12.253 0.884   0.455   1.00 0.00 ? 53  LEU A HA   1 
ATOM 807  H HB2  . LEU A 1 53  ? -10.948 3.603   0.516   1.00 0.00 ? 53  LEU A HB2  1 
ATOM 808  H HB3  . LEU A 1 53  ? -10.245 2.133   1.207   1.00 0.00 ? 53  LEU A HB3  1 
ATOM 809  H HG   . LEU A 1 53  ? -10.882 2.594   -1.747  1.00 0.00 ? 53  LEU A HG   1 
ATOM 810  H HD11 . LEU A 1 53  ? -8.244  2.821   -0.279  1.00 0.00 ? 53  LEU A HD11 1 
ATOM 811  H HD12 . LEU A 1 53  ? -8.448  2.774   -2.048  1.00 0.00 ? 53  LEU A HD12 1 
ATOM 812  H HD13 . LEU A 1 53  ? -9.150  4.098   -1.123  1.00 0.00 ? 53  LEU A HD13 1 
ATOM 813  H HD21 . LEU A 1 53  ? -10.865 0.251   -1.214  1.00 0.00 ? 53  LEU A HD21 1 
ATOM 814  H HD22 . LEU A 1 53  ? -9.408  0.646   -2.132  1.00 0.00 ? 53  LEU A HD22 1 
ATOM 815  H HD23 . LEU A 1 53  ? -9.300  0.430   -0.367  1.00 0.00 ? 53  LEU A HD23 1 
ATOM 816  N N    . GLU A 1 54  ? -12.376 1.821   3.033   1.00 0.00 ? 54  GLU A N    1 
ATOM 817  C CA   . GLU A 1 54  ? -12.967 2.110   4.332   1.00 0.00 ? 54  GLU A CA   1 
ATOM 818  C C    . GLU A 1 54  ? -12.582 3.537   4.692   1.00 0.00 ? 54  GLU A C    1 
ATOM 819  O O    . GLU A 1 54  ? -13.277 4.479   4.324   1.00 0.00 ? 54  GLU A O    1 
ATOM 820  C CB   . GLU A 1 54  ? -12.538 1.065   5.372   1.00 0.00 ? 54  GLU A CB   1 
ATOM 821  C CG   . GLU A 1 54  ? -13.072 -0.353  5.129   1.00 0.00 ? 54  GLU A CG   1 
ATOM 822  C CD   . GLU A 1 54  ? -14.596 -0.546  5.157   1.00 0.00 ? 54  GLU A CD   1 
ATOM 823  O OE1  . GLU A 1 54  ? -15.348 0.199   4.490   1.00 0.00 ? 54  GLU A OE1  1 
ATOM 824  O OE2  . GLU A 1 54  ? -15.033 -1.593  5.680   1.00 0.00 ? 54  GLU A OE2  1 
ATOM 825  H H    . GLU A 1 54  ? -11.436 1.452   3.070   1.00 0.00 ? 54  GLU A H    1 
ATOM 826  H HA   . GLU A 1 54  ? -14.051 2.107   4.281   1.00 0.00 ? 54  GLU A HA   1 
ATOM 827  H HB2  . GLU A 1 54  ? -11.446 1.012   5.397   1.00 0.00 ? 54  GLU A HB2  1 
ATOM 828  H HB3  . GLU A 1 54  ? -12.866 1.401   6.347   1.00 0.00 ? 54  GLU A HB3  1 
ATOM 829  H HG2  . GLU A 1 54  ? -12.686 -0.708  4.176   1.00 0.00 ? 54  GLU A HG2  1 
ATOM 830  H HG3  . GLU A 1 54  ? -12.647 -0.979  5.906   1.00 0.00 ? 54  GLU A HG3  1 
ATOM 831  N N    . GLN A 1 55  ? -11.437 3.707   5.337   1.00 0.00 ? 55  GLN A N    1 
ATOM 832  C CA   . GLN A 1 55  ? -10.956 4.976   5.782   1.00 0.00 ? 55  GLN A CA   1 
ATOM 833  C C    . GLN A 1 55  ? -9.452  4.952   5.945   1.00 0.00 ? 55  GLN A C    1 
ATOM 834  O O    . GLN A 1 55  ? -8.821  5.764   5.297   1.00 0.00 ? 55  GLN A O    1 
ATOM 835  C CB   . GLN A 1 55  ? -11.629 5.403   7.094   1.00 0.00 ? 55  GLN A CB   1 
ATOM 836  C CG   . GLN A 1 55  ? -11.852 6.898   7.056   1.00 0.00 ? 55  GLN A CG   1 
ATOM 837  C CD   . GLN A 1 55  ? -13.054 7.288   6.224   1.00 0.00 ? 55  GLN A CD   1 
ATOM 838  O OE1  . GLN A 1 55  ? -14.202 7.276   6.668   1.00 0.00 ? 55  GLN A OE1  1 
ATOM 839  N NE2  . GLN A 1 55  ? -12.786 7.638   4.983   1.00 0.00 ? 55  GLN A NE2  1 
ATOM 840  H H    . GLN A 1 55  ? -10.824 2.930   5.454   1.00 0.00 ? 55  GLN A H    1 
ATOM 841  H HA   . GLN A 1 55  ? -11.185 5.685   4.991   1.00 0.00 ? 55  GLN A HA   1 
ATOM 842  H HB2  . GLN A 1 55  ? -12.570 4.871   7.263   1.00 0.00 ? 55  GLN A HB2  1 
ATOM 843  H HB3  . GLN A 1 55  ? -10.925 5.244   7.904   1.00 0.00 ? 55  GLN A HB3  1 
ATOM 844  H HG2  . GLN A 1 55  ? -11.968 7.297   8.046   1.00 0.00 ? 55  GLN A HG2  1 
ATOM 845  H HG3  . GLN A 1 55  ? -10.949 7.306   6.623   1.00 0.00 ? 55  GLN A HG3  1 
ATOM 846  H HE21 . GLN A 1 55  ? -11.803 7.552   4.734   1.00 0.00 ? 55  GLN A HE21 1 
ATOM 847  H HE22 . GLN A 1 55  ? -13.519 7.665   4.291   1.00 0.00 ? 55  GLN A HE22 1 
ATOM 848  N N    . PRO A 1 56  ? -8.843  4.101   6.789   1.00 0.00 ? 56  PRO A N    1 
ATOM 849  C CA   . PRO A 1 56  ? -7.422  4.189   7.005   1.00 0.00 ? 56  PRO A CA   1 
ATOM 850  C C    . PRO A 1 56  ? -6.746  3.513   5.823   1.00 0.00 ? 56  PRO A C    1 
ATOM 851  O O    . PRO A 1 56  ? -6.449  2.315   5.844   1.00 0.00 ? 56  PRO A O    1 
ATOM 852  C CB   . PRO A 1 56  ? -7.163  3.566   8.363   1.00 0.00 ? 56  PRO A CB   1 
ATOM 853  C CG   . PRO A 1 56  ? -8.299  2.556   8.531   1.00 0.00 ? 56  PRO A CG   1 
ATOM 854  C CD   . PRO A 1 56  ? -9.406  3.013   7.571   1.00 0.00 ? 56  PRO A CD   1 
ATOM 855  H HA   . PRO A 1 56  ? -7.112  5.227   7.066   1.00 0.00 ? 56  PRO A HA   1 
ATOM 856  H HB2  . PRO A 1 56  ? -6.168  3.115   8.410   1.00 0.00 ? 56  PRO A HB2  1 
ATOM 857  H HB3  . PRO A 1 56  ? -7.273  4.356   9.109   1.00 0.00 ? 56  PRO A HB3  1 
ATOM 858  H HG2  . PRO A 1 56  ? -7.949  1.562   8.263   1.00 0.00 ? 56  PRO A HG2  1 
ATOM 859  H HG3  . PRO A 1 56  ? -8.653  2.555   9.559   1.00 0.00 ? 56  PRO A HG3  1 
ATOM 860  H HD2  . PRO A 1 56  ? -9.682  2.186   6.919   1.00 0.00 ? 56  PRO A HD2  1 
ATOM 861  H HD3  . PRO A 1 56  ? -10.287 3.362   8.103   1.00 0.00 ? 56  PRO A HD3  1 
ATOM 862  N N    . TYR A 1 57  ? -6.555  4.292   4.767   1.00 0.00 ? 57  TYR A N    1 
ATOM 863  C CA   . TYR A 1 57  ? -6.057  3.844   3.492   1.00 0.00 ? 57  TYR A CA   1 
ATOM 864  C C    . TYR A 1 57  ? -4.548  3.706   3.689   1.00 0.00 ? 57  TYR A C    1 
ATOM 865  O O    . TYR A 1 57  ? -3.830  4.699   3.813   1.00 0.00 ? 57  TYR A O    1 
ATOM 866  C CB   . TYR A 1 57  ? -6.379  4.902   2.420   1.00 0.00 ? 57  TYR A CB   1 
ATOM 867  C CG   . TYR A 1 57  ? -7.766  5.524   2.439   1.00 0.00 ? 57  TYR A CG   1 
ATOM 868  C CD1  . TYR A 1 57  ? -8.926  4.737   2.287   1.00 0.00 ? 57  TYR A CD1  1 
ATOM 869  C CD2  . TYR A 1 57  ? -7.883  6.916   2.635   1.00 0.00 ? 57  TYR A CD2  1 
ATOM 870  C CE1  . TYR A 1 57  ? -10.199 5.346   2.298   1.00 0.00 ? 57  TYR A CE1  1 
ATOM 871  C CE2  . TYR A 1 57  ? -9.151  7.517   2.661   1.00 0.00 ? 57  TYR A CE2  1 
ATOM 872  C CZ   . TYR A 1 57  ? -10.306 6.744   2.451   1.00 0.00 ? 57  TYR A CZ   1 
ATOM 873  O OH   . TYR A 1 57  ? -11.514 7.365   2.398   1.00 0.00 ? 57  TYR A OH   1 
ATOM 874  H H    . TYR A 1 57  ? -7.005  5.206   4.799   1.00 0.00 ? 57  TYR A H    1 
ATOM 875  H HA   . TYR A 1 57  ? -6.513  2.890   3.228   1.00 0.00 ? 57  TYR A HA   1 
ATOM 876  H HB2  . TYR A 1 57  ? -5.670  5.716   2.542   1.00 0.00 ? 57  TYR A HB2  1 
ATOM 877  H HB3  . TYR A 1 57  ? -6.205  4.476   1.435   1.00 0.00 ? 57  TYR A HB3  1 
ATOM 878  H HD1  . TYR A 1 57  ? -8.838  3.665   2.196   1.00 0.00 ? 57  TYR A HD1  1 
ATOM 879  H HD2  . TYR A 1 57  ? -7.009  7.520   2.834   1.00 0.00 ? 57  TYR A HD2  1 
ATOM 880  H HE1  . TYR A 1 57  ? -11.107 4.762   2.222   1.00 0.00 ? 57  TYR A HE1  1 
ATOM 881  H HE2  . TYR A 1 57  ? -9.255  8.556   2.921   1.00 0.00 ? 57  TYR A HE2  1 
ATOM 882  H HH   . TYR A 1 57  ? -11.422 8.301   2.601   1.00 0.00 ? 57  TYR A HH   1 
ATOM 883  N N    . VAL A 1 58  ? -4.075  2.464   3.814   1.00 0.00 ? 58  VAL A N    1 
ATOM 884  C CA   . VAL A 1 58  ? -2.671  2.191   4.051   1.00 0.00 ? 58  VAL A CA   1 
ATOM 885  C C    . VAL A 1 58  ? -1.918  2.412   2.740   1.00 0.00 ? 58  VAL A C    1 
ATOM 886  O O    . VAL A 1 58  ? -1.899  1.544   1.865   1.00 0.00 ? 58  VAL A O    1 
ATOM 887  C CB   . VAL A 1 58  ? -2.457  0.789   4.635   1.00 0.00 ? 58  VAL A CB   1 
ATOM 888  C CG1  . VAL A 1 58  ? -1.013  0.695   5.143   1.00 0.00 ? 58  VAL A CG1  1 
ATOM 889  C CG2  . VAL A 1 58  ? -3.381  0.509   5.821   1.00 0.00 ? 58  VAL A CG2  1 
ATOM 890  H H    . VAL A 1 58  ? -4.718  1.681   3.763   1.00 0.00 ? 58  VAL A H    1 
ATOM 891  H HA   . VAL A 1 58  ? -2.315  2.911   4.787   1.00 0.00 ? 58  VAL A HA   1 
ATOM 892  H HB   . VAL A 1 58  ? -2.644  0.032   3.868   1.00 0.00 ? 58  VAL A HB   1 
ATOM 893  H HG11 . VAL A 1 58  ? -0.793  -0.320  5.448   1.00 0.00 ? 58  VAL A HG11 1 
ATOM 894  H HG12 . VAL A 1 58  ? -0.320  0.989   4.355   1.00 0.00 ? 58  VAL A HG12 1 
ATOM 895  H HG13 . VAL A 1 58  ? -0.869  1.366   5.991   1.00 0.00 ? 58  VAL A HG13 1 
ATOM 896  H HG21 . VAL A 1 58  ? -3.261  1.273   6.588   1.00 0.00 ? 58  VAL A HG21 1 
ATOM 897  H HG22 . VAL A 1 58  ? -4.416  0.493   5.498   1.00 0.00 ? 58  VAL A HG22 1 
ATOM 898  H HG23 . VAL A 1 58  ? -3.149  -0.468  6.236   1.00 0.00 ? 58  VAL A HG23 1 
ATOM 899  N N    . PHE A 1 59  ? -1.361  3.602   2.570   1.00 0.00 ? 59  PHE A N    1 
ATOM 900  C CA   . PHE A 1 59  ? -0.641  4.014   1.388   1.00 0.00 ? 59  PHE A CA   1 
ATOM 901  C C    . PHE A 1 59  ? 0.772   3.482   1.367   1.00 0.00 ? 59  PHE A C    1 
ATOM 902  O O    . PHE A 1 59  ? 1.361   3.086   2.375   1.00 0.00 ? 59  PHE A O    1 
ATOM 903  C CB   . PHE A 1 59  ? -0.603  5.546   1.335   1.00 0.00 ? 59  PHE A CB   1 
ATOM 904  C CG   . PHE A 1 59  ? -1.948  6.228   1.253   1.00 0.00 ? 59  PHE A CG   1 
ATOM 905  C CD1  . PHE A 1 59  ? -2.950  5.718   0.412   1.00 0.00 ? 59  PHE A CD1  1 
ATOM 906  C CD2  . PHE A 1 59  ? -2.187  7.390   2.002   1.00 0.00 ? 59  PHE A CD2  1 
ATOM 907  C CE1  . PHE A 1 59  ? -4.199  6.351   0.325   1.00 0.00 ? 59  PHE A CE1  1 
ATOM 908  C CE2  . PHE A 1 59  ? -3.424  8.050   1.884   1.00 0.00 ? 59  PHE A CE2  1 
ATOM 909  C CZ   . PHE A 1 59  ? -4.434  7.525   1.062   1.00 0.00 ? 59  PHE A CZ   1 
ATOM 910  H H    . PHE A 1 59  ? -1.390  4.237   3.356   1.00 0.00 ? 59  PHE A H    1 
ATOM 911  H HA   . PHE A 1 59  ? -1.112  3.606   0.495   1.00 0.00 ? 59  PHE A HA   1 
ATOM 912  H HB2  . PHE A 1 59  ? -0.068  5.907   2.214   1.00 0.00 ? 59  PHE A HB2  1 
ATOM 913  H HB3  . PHE A 1 59  ? -0.032  5.853   0.462   1.00 0.00 ? 59  PHE A HB3  1 
ATOM 914  H HD1  . PHE A 1 59  ? -2.770  4.814   -0.143  1.00 0.00 ? 59  PHE A HD1  1 
ATOM 915  H HD2  . PHE A 1 59  ? -1.415  7.758   2.667   1.00 0.00 ? 59  PHE A HD2  1 
ATOM 916  H HE1  . PHE A 1 59  ? -4.986  5.918   -0.275  1.00 0.00 ? 59  PHE A HE1  1 
ATOM 917  H HE2  . PHE A 1 59  ? -3.609  8.957   2.436   1.00 0.00 ? 59  PHE A HE2  1 
ATOM 918  H HZ   . PHE A 1 59  ? -5.396  8.015   1.008   1.00 0.00 ? 59  PHE A HZ   1 
ATOM 919  N N    . ILE A 1 60  ? 1.330   3.577   0.166   1.00 0.00 ? 60  ILE A N    1 
ATOM 920  C CA   . ILE A 1 60  ? 2.732   3.390   -0.100  1.00 0.00 ? 60  ILE A CA   1 
ATOM 921  C C    . ILE A 1 60  ? 3.214   4.638   -0.803  1.00 0.00 ? 60  ILE A C    1 
ATOM 922  O O    . ILE A 1 60  ? 2.623   5.010   -1.809  1.00 0.00 ? 60  ILE A O    1 
ATOM 923  C CB   . ILE A 1 60  ? 2.966   2.102   -0.902  1.00 0.00 ? 60  ILE A CB   1 
ATOM 924  C CG1  . ILE A 1 60  ? 2.292   2.007   -2.283  1.00 0.00 ? 60  ILE A CG1  1 
ATOM 925  C CG2  . ILE A 1 60  ? 2.488   0.940   -0.056  1.00 0.00 ? 60  ILE A CG2  1 
ATOM 926  C CD1  . ILE A 1 60  ? 2.695   0.776   -3.099  1.00 0.00 ? 60  ILE A CD1  1 
ATOM 927  H H    . ILE A 1 60  ? 0.757   3.885   -0.609  1.00 0.00 ? 60  ILE A H    1 
ATOM 928  H HA   . ILE A 1 60  ? 3.250   3.302   0.849   1.00 0.00 ? 60  ILE A HA   1 
ATOM 929  H HB   . ILE A 1 60  ? 4.021   2.017   -1.036  1.00 0.00 ? 60  ILE A HB   1 
ATOM 930  H HG12 . ILE A 1 60  ? 1.211   2.001   -2.163  1.00 0.00 ? 60  ILE A HG12 1 
ATOM 931  H HG13 . ILE A 1 60  ? 2.574   2.878   -2.857  1.00 0.00 ? 60  ILE A HG13 1 
ATOM 932  H HG21 . ILE A 1 60  ? 1.402   0.946   -0.139  1.00 0.00 ? 60  ILE A HG21 1 
ATOM 933  H HG22 . ILE A 1 60  ? 2.896   -0.002  -0.417  1.00 0.00 ? 60  ILE A HG22 1 
ATOM 934  H HG23 . ILE A 1 60  ? 2.800   1.080   0.978   1.00 0.00 ? 60  ILE A HG23 1 
ATOM 935  H HD11 . ILE A 1 60  ? 2.163   0.798   -4.051  1.00 0.00 ? 60  ILE A HD11 1 
ATOM 936  H HD12 . ILE A 1 60  ? 3.764   0.786   -3.291  1.00 0.00 ? 60  ILE A HD12 1 
ATOM 937  H HD13 . ILE A 1 60  ? 2.432   -0.142  -2.579  1.00 0.00 ? 60  ILE A HD13 1 
ATOM 938  N N    . LYS A 1 61  ? 4.261   5.295   -0.309  1.00 0.00 ? 61  LYS A N    1 
ATOM 939  C CA   . LYS A 1 61  ? 4.888   6.441   -0.983  1.00 0.00 ? 61  LYS A CA   1 
ATOM 940  C C    . LYS A 1 61  ? 6.369   6.166   -1.166  1.00 0.00 ? 61  LYS A C    1 
ATOM 941  O O    . LYS A 1 61  ? 6.930   5.390   -0.405  1.00 0.00 ? 61  LYS A O    1 
ATOM 942  C CB   . LYS A 1 61  ? 4.577   7.764   -0.259  1.00 0.00 ? 61  LYS A CB   1 
ATOM 943  C CG   . LYS A 1 61  ? 4.733   7.729   1.249   1.00 0.00 ? 61  LYS A CG   1 
ATOM 944  C CD   . LYS A 1 61  ? 5.473   8.945   1.840   1.00 0.00 ? 61  LYS A CD   1 
ATOM 945  C CE   . LYS A 1 61  ? 6.020   8.474   3.175   1.00 0.00 ? 61  LYS A CE   1 
ATOM 946  N NZ   . LYS A 1 61  ? 6.956   9.394   3.862   1.00 0.00 ? 61  LYS A NZ   1 
ATOM 947  H H    . LYS A 1 61  ? 4.707   4.921   0.528   1.00 0.00 ? 61  LYS A H    1 
ATOM 948  H HA   . LYS A 1 61  ? 4.484   6.513   -1.983  1.00 0.00 ? 61  LYS A HA   1 
ATOM 949  H HB2  . LYS A 1 61  ? 5.253   8.525   -0.591  1.00 0.00 ? 61  LYS A HB2  1 
ATOM 950  H HB3  . LYS A 1 61  ? 3.560   8.076   -0.503  1.00 0.00 ? 61  LYS A HB3  1 
ATOM 951  H HG2  . LYS A 1 61  ? 3.720   7.701   1.648   1.00 0.00 ? 61  LYS A HG2  1 
ATOM 952  H HG3  . LYS A 1 61  ? 5.269   6.819   1.525   1.00 0.00 ? 61  LYS A HG3  1 
ATOM 953  H HD2  . LYS A 1 61  ? 6.303   9.251   1.202   1.00 0.00 ? 61  LYS A HD2  1 
ATOM 954  H HD3  . LYS A 1 61  ? 4.771   9.754   2.003   1.00 0.00 ? 61  LYS A HD3  1 
ATOM 955  H HE2  . LYS A 1 61  ? 5.173   8.262   3.823   1.00 0.00 ? 61  LYS A HE2  1 
ATOM 956  H HE3  . LYS A 1 61  ? 6.546   7.550   2.934   1.00 0.00 ? 61  LYS A HE3  1 
ATOM 957  H HZ1  . LYS A 1 61  ? 6.991   10.331  3.476   1.00 0.00 ? 61  LYS A HZ1  1 
ATOM 958  H HZ2  . LYS A 1 61  ? 6.689   9.509   4.836   1.00 0.00 ? 61  LYS A HZ2  1 
ATOM 959  H HZ3  . LYS A 1 61  ? 7.889   8.975   3.878   1.00 0.00 ? 61  LYS A HZ3  1 
ATOM 960  N N    . ARG A 1 62  ? 7.002   6.749   -2.192  1.00 0.00 ? 62  ARG A N    1 
ATOM 961  C CA   . ARG A 1 62  ? 8.357   6.388   -2.637  1.00 0.00 ? 62  ARG A CA   1 
ATOM 962  C C    . ARG A 1 62  ? 9.456   6.985   -1.761  1.00 0.00 ? 62  ARG A C    1 
ATOM 963  O O    . ARG A 1 62  ? 10.342  7.677   -2.249  1.00 0.00 ? 62  ARG A O    1 
ATOM 964  C CB   . ARG A 1 62  ? 8.591   6.625   -4.142  1.00 0.00 ? 62  ARG A CB   1 
ATOM 965  C CG   . ARG A 1 62  ? 8.066   7.975   -4.613  1.00 0.00 ? 62  ARG A CG   1 
ATOM 966  C CD   . ARG A 1 62  ? 8.631   8.428   -5.975  1.00 0.00 ? 62  ARG A CD   1 
ATOM 967  N NE   . ARG A 1 62  ? 9.374   9.698   -5.846  1.00 0.00 ? 62  ARG A NE   1 
ATOM 968  C CZ   . ARG A 1 62  ? 10.494  9.908   -5.139  1.00 0.00 ? 62  ARG A CZ   1 
ATOM 969  N NH1  . ARG A 1 62  ? 11.307  8.909   -4.825  1.00 0.00 ? 62  ARG A NH1  1 
ATOM 970  N NH2  . ARG A 1 62  ? 10.773  11.132  -4.713  1.00 0.00 ? 62  ARG A NH2  1 
ATOM 971  H H    . ARG A 1 62  ? 6.492   7.400   -2.765  1.00 0.00 ? 62  ARG A H    1 
ATOM 972  H HA   . ARG A 1 62  ? 8.448   5.321   -2.519  1.00 0.00 ? 62  ARG A HA   1 
ATOM 973  H HB2  . ARG A 1 62  ? 9.655   6.536   -4.346  1.00 0.00 ? 62  ARG A HB2  1 
ATOM 974  H HB3  . ARG A 1 62  ? 8.089   5.842   -4.711  1.00 0.00 ? 62  ARG A HB3  1 
ATOM 975  H HG2  . ARG A 1 62  ? 6.990   7.826   -4.655  1.00 0.00 ? 62  ARG A HG2  1 
ATOM 976  H HG3  . ARG A 1 62  ? 8.257   8.753   -3.867  1.00 0.00 ? 62  ARG A HG3  1 
ATOM 977  H HD2  . ARG A 1 62  ? 9.280   7.661   -6.399  1.00 0.00 ? 62  ARG A HD2  1 
ATOM 978  H HD3  . ARG A 1 62  ? 7.801   8.589   -6.666  1.00 0.00 ? 62  ARG A HD3  1 
ATOM 979  H HE   . ARG A 1 62  ? 8.899   10.506  -6.243  1.00 0.00 ? 62  ARG A HE   1 
ATOM 980  H HH11 . ARG A 1 62  ? 11.205  8.004   -5.273  1.00 0.00 ? 62  ARG A HH11 1 
ATOM 981  H HH12 . ARG A 1 62  ? 12.082  9.022   -4.172  1.00 0.00 ? 62  ARG A HH12 1 
ATOM 982  H HH21 . ARG A 1 62  ? 10.136  11.888  -4.963  1.00 0.00 ? 62  ARG A HH21 1 
ATOM 983  H HH22 . ARG A 1 62  ? 11.542  11.336  -4.075  1.00 0.00 ? 62  ARG A HH22 1 
ATOM 984  N N    . SER A 1 63  ? 9.396   6.657   -0.479  1.00 0.00 ? 63  SER A N    1 
ATOM 985  C CA   . SER A 1 63  ? 10.373  6.914   0.564   1.00 0.00 ? 63  SER A CA   1 
ATOM 986  C C    . SER A 1 63  ? 10.943  8.331   0.485   1.00 0.00 ? 63  SER A C    1 
ATOM 987  O O    . SER A 1 63  ? 12.048  8.554   -0.021  1.00 0.00 ? 63  SER A O    1 
ATOM 988  C CB   . SER A 1 63  ? 11.417  5.789   0.617   1.00 0.00 ? 63  SER A CB   1 
ATOM 989  O OG   . SER A 1 63  ? 11.819  5.333   -0.661  1.00 0.00 ? 63  SER A OG   1 
ATOM 990  H H    . SER A 1 63  ? 8.604   6.078   -0.256  1.00 0.00 ? 63  SER A H    1 
ATOM 991  H HA   . SER A 1 63  ? 9.850   6.856   1.511   1.00 0.00 ? 63  SER A HA   1 
ATOM 992  H HB2  . SER A 1 63  ? 12.278  6.135   1.180   1.00 0.00 ? 63  SER A HB2  1 
ATOM 993  H HB3  . SER A 1 63  ? 10.980  4.940   1.142   1.00 0.00 ? 63  SER A HB3  1 
ATOM 994  H HG   . SER A 1 63  ? 12.263  6.050   -1.133  1.00 0.00 ? 63  SER A HG   1 
ATOM 995  N N    . ASP A 1 64  ? 10.161  9.290   0.982   1.00 0.00 ? 64  ASP A N    1 
ATOM 996  C CA   . ASP A 1 64  ? 10.623  10.658  1.176   1.00 0.00 ? 64  ASP A CA   1 
ATOM 997  C C    . ASP A 1 64  ? 11.436  10.660  2.472   1.00 0.00 ? 64  ASP A C    1 
ATOM 998  O O    . ASP A 1 64  ? 10.910  10.879  3.567   1.00 0.00 ? 64  ASP A O    1 
ATOM 999  C CB   . ASP A 1 64  ? 9.456   11.657  1.194   1.00 0.00 ? 64  ASP A CB   1 
ATOM 1000 C CG   . ASP A 1 64  ? 9.931   13.116  1.296   1.00 0.00 ? 64  ASP A CG   1 
ATOM 1001 O OD1  . ASP A 1 64  ? 10.889  13.415  2.044   1.00 0.00 ? 64  ASP A OD1  1 
ATOM 1002 O OD2  . ASP A 1 64  ? 9.339   13.986  0.612   1.00 0.00 ? 64  ASP A OD2  1 
ATOM 1003 H H    . ASP A 1 64  ? 9.359   8.990   1.517   1.00 0.00 ? 64  ASP A H    1 
ATOM 1004 H HA   . ASP A 1 64  ? 11.272  10.929  0.342   1.00 0.00 ? 64  ASP A HA   1 
ATOM 1005 H HB2  . ASP A 1 64  ? 8.877   11.537  0.277   1.00 0.00 ? 64  ASP A HB2  1 
ATOM 1006 H HB3  . ASP A 1 64  ? 8.799   11.427  2.029   1.00 0.00 ? 64  ASP A HB3  1 
ATOM 1007 N N    . ALA A 1 65  ? 12.710  10.293  2.345   1.00 0.00 ? 65  ALA A N    1 
ATOM 1008 C CA   . ALA A 1 65  ? 13.677  10.223  3.433   1.00 0.00 ? 65  ALA A CA   1 
ATOM 1009 C C    . ALA A 1 65  ? 15.116  10.169  2.892   1.00 0.00 ? 65  ALA A C    1 
ATOM 1010 O O    . ALA A 1 65  ? 16.005  9.642   3.563   1.00 0.00 ? 65  ALA A O    1 
ATOM 1011 C CB   . ALA A 1 65  ? 13.382  8.972   4.272   1.00 0.00 ? 65  ALA A CB   1 
ATOM 1012 H H    . ALA A 1 65  ? 13.024  10.017  1.423   1.00 0.00 ? 65  ALA A H    1 
ATOM 1013 H HA   . ALA A 1 65  ? 13.578  11.105  4.066   1.00 0.00 ? 65  ALA A HA   1 
ATOM 1014 H HB1  . ALA A 1 65  ? 12.330  8.914   4.545   1.00 0.00 ? 65  ALA A HB1  1 
ATOM 1015 H HB2  . ALA A 1 65  ? 13.642  8.077   3.707   1.00 0.00 ? 65  ALA A HB2  1 
ATOM 1016 H HB3  . ALA A 1 65  ? 13.977  9.016   5.184   1.00 0.00 ? 65  ALA A HB3  1 
ATOM 1017 N N    . LEU A 1 66  ? 15.329  10.566  1.636   1.00 0.00 ? 66  LEU A N    1 
ATOM 1018 C CA   . LEU A 1 66  ? 16.528  10.281  0.853   1.00 0.00 ? 66  LEU A CA   1 
ATOM 1019 C C    . LEU A 1 66  ? 16.773  11.447  -0.092  1.00 0.00 ? 66  LEU A C    1 
ATOM 1020 O O    . LEU A 1 66  ? 15.865  12.244  -0.323  1.00 0.00 ? 66  LEU A O    1 
ATOM 1021 C CB   . LEU A 1 66  ? 16.298  9.020   0.004   1.00 0.00 ? 66  LEU A CB   1 
ATOM 1022 C CG   . LEU A 1 66  ? 16.208  7.710   0.801   1.00 0.00 ? 66  LEU A CG   1 
ATOM 1023 C CD1  . LEU A 1 66  ? 15.634  6.635   -0.115  1.00 0.00 ? 66  LEU A CD1  1 
ATOM 1024 C CD2  . LEU A 1 66  ? 17.577  7.271   1.334   1.00 0.00 ? 66  LEU A CD2  1 
ATOM 1025 H H    . LEU A 1 66  ? 14.631  11.130  1.164   1.00 0.00 ? 66  LEU A H    1 
ATOM 1026 H HA   . LEU A 1 66  ? 17.391  10.155  1.509   1.00 0.00 ? 66  LEU A HA   1 
ATOM 1027 H HB2  . LEU A 1 66  ? 15.376  9.163   -0.560  1.00 0.00 ? 66  LEU A HB2  1 
ATOM 1028 H HB3  . LEU A 1 66  ? 17.108  8.923   -0.721  1.00 0.00 ? 66  LEU A HB3  1 
ATOM 1029 H HG   . LEU A 1 66  ? 15.518  7.816   1.636   1.00 0.00 ? 66  LEU A HG   1 
ATOM 1030 H HD11 . LEU A 1 66  ? 14.620  6.905   -0.412  1.00 0.00 ? 66  LEU A HD11 1 
ATOM 1031 H HD12 . LEU A 1 66  ? 16.253  6.525   -1.004  1.00 0.00 ? 66  LEU A HD12 1 
ATOM 1032 H HD13 . LEU A 1 66  ? 15.607  5.691   0.413   1.00 0.00 ? 66  LEU A HD13 1 
ATOM 1033 H HD21 . LEU A 1 66  ? 17.488  6.307   1.832   1.00 0.00 ? 66  LEU A HD21 1 
ATOM 1034 H HD22 . LEU A 1 66  ? 18.284  7.172   0.510   1.00 0.00 ? 66  LEU A HD22 1 
ATOM 1035 H HD23 . LEU A 1 66  ? 17.950  8.003   2.050   1.00 0.00 ? 66  LEU A HD23 1 
ATOM 1036 N N    . SER A 1 67  ? 17.956  11.515  -0.699  1.00 0.00 ? 67  SER A N    1 
ATOM 1037 C CA   . SER A 1 67  ? 18.288  12.496  -1.719  1.00 0.00 ? 67  SER A CA   1 
ATOM 1038 C C    . SER A 1 67  ? 19.324  11.837  -2.629  1.00 0.00 ? 67  SER A C    1 
ATOM 1039 O O    . SER A 1 67  ? 20.536  11.950  -2.427  1.00 0.00 ? 67  SER A O    1 
ATOM 1040 C CB   . SER A 1 67  ? 18.769  13.773  -1.021  1.00 0.00 ? 67  SER A CB   1 
ATOM 1041 O OG   . SER A 1 67  ? 18.701  14.924  -1.834  1.00 0.00 ? 67  SER A OG   1 
ATOM 1042 H H    . SER A 1 67  ? 18.675  10.836  -0.471  1.00 0.00 ? 67  SER A H    1 
ATOM 1043 H HA   . SER A 1 67  ? 17.395  12.733  -2.299  1.00 0.00 ? 67  SER A HA   1 
ATOM 1044 H HB2  . SER A 1 67  ? 18.140  13.948  -0.151  1.00 0.00 ? 67  SER A HB2  1 
ATOM 1045 H HB3  . SER A 1 67  ? 19.788  13.638  -0.679  1.00 0.00 ? 67  SER A HB3  1 
ATOM 1046 H HG   . SER A 1 67  ? 18.816  15.675  -1.232  1.00 0.00 ? 67  SER A HG   1 
ATOM 1047 N N    . THR A 1 68  ? 18.842  11.030  -3.567  1.00 0.00 ? 68  THR A N    1 
ATOM 1048 C CA   . THR A 1 68  ? 19.621  10.285  -4.544  1.00 0.00 ? 68  THR A CA   1 
ATOM 1049 C C    . THR A 1 68  ? 18.629  9.882   -5.652  1.00 0.00 ? 68  THR A C    1 
ATOM 1050 O O    . THR A 1 68  ? 17.411  9.934   -5.429  1.00 0.00 ? 68  THR A O    1 
ATOM 1051 C CB   . THR A 1 68  ? 20.328  9.108   -3.827  1.00 0.00 ? 68  THR A CB   1 
ATOM 1052 O OG1  . THR A 1 68  ? 21.246  8.451   -4.676  1.00 0.00 ? 68  THR A OG1  1 
ATOM 1053 C CG2  . THR A 1 68  ? 19.384  8.085   -3.190  1.00 0.00 ? 68  THR A CG2  1 
ATOM 1054 H H    . THR A 1 68  ? 17.842  10.945  -3.703  1.00 0.00 ? 68  THR A H    1 
ATOM 1055 H HA   . THR A 1 68  ? 20.376  10.951  -4.964  1.00 0.00 ? 68  THR A HA   1 
ATOM 1056 H HB   . THR A 1 68  ? 20.922  9.531   -3.018  1.00 0.00 ? 68  THR A HB   1 
ATOM 1057 H HG1  . THR A 1 68  ? 20.926  7.529   -4.816  1.00 0.00 ? 68  THR A HG1  1 
ATOM 1058 H HG21 . THR A 1 68  ? 18.778  7.604   -3.958  1.00 0.00 ? 68  THR A HG21 1 
ATOM 1059 H HG22 . THR A 1 68  ? 19.967  7.324   -2.668  1.00 0.00 ? 68  THR A HG22 1 
ATOM 1060 H HG23 . THR A 1 68  ? 18.731  8.575   -2.468  1.00 0.00 ? 68  THR A HG23 1 
ATOM 1061 N N    . ASN A 1 69  ? 19.110  9.495   -6.837  1.00 0.00 ? 69  ASN A N    1 
ATOM 1062 C CA   . ASN A 1 69  ? 18.256  9.277   -8.015  1.00 0.00 ? 69  ASN A CA   1 
ATOM 1063 C C    . ASN A 1 69  ? 18.323  7.852   -8.566  1.00 0.00 ? 69  ASN A C    1 
ATOM 1064 O O    . ASN A 1 69  ? 17.606  7.517   -9.509  1.00 0.00 ? 69  ASN A O    1 
ATOM 1065 C CB   . ASN A 1 69  ? 18.650  10.280  -9.112  1.00 0.00 ? 69  ASN A CB   1 
ATOM 1066 C CG   . ASN A 1 69  ? 17.434  10.896  -9.794  1.00 0.00 ? 69  ASN A CG   1 
ATOM 1067 O OD1  . ASN A 1 69  ? 16.528  10.212  -10.263 1.00 0.00 ? 69  ASN A OD1  1 
ATOM 1068 N ND2  . ASN A 1 69  ? 17.391  12.210  -9.864  1.00 0.00 ? 69  ASN A ND2  1 
ATOM 1069 H H    . ASN A 1 69  ? 20.115  9.450   -6.958  1.00 0.00 ? 69  ASN A H    1 
ATOM 1070 H HA   . ASN A 1 69  ? 17.216  9.465   -7.750  1.00 0.00 ? 69  ASN A HA   1 
ATOM 1071 H HB2  . ASN A 1 69  ? 19.248  11.079  -8.679  1.00 0.00 ? 69  ASN A HB2  1 
ATOM 1072 H HB3  . ASN A 1 69  ? 19.269  9.790   -9.866  1.00 0.00 ? 69  ASN A HB3  1 
ATOM 1073 H HD21 . ASN A 1 69  ? 18.153  12.758  -9.474  1.00 0.00 ? 69  ASN A HD21 1 
ATOM 1074 H HD22 . ASN A 1 69  ? 16.619  12.689  -10.314 1.00 0.00 ? 69  ASN A HD22 1 
ATOM 1075 N N    . HIS A 1 70  ? 19.216  7.023   -8.034  1.00 0.00 ? 70  HIS A N    1 
ATOM 1076 C CA   . HIS A 1 70  ? 19.743  5.863   -8.726  1.00 0.00 ? 70  HIS A CA   1 
ATOM 1077 C C    . HIS A 1 70  ? 19.243  4.609   -8.017  1.00 0.00 ? 70  HIS A C    1 
ATOM 1078 O O    . HIS A 1 70  ? 19.897  4.111   -7.096  1.00 0.00 ? 70  HIS A O    1 
ATOM 1079 C CB   . HIS A 1 70  ? 21.271  6.004   -8.745  1.00 0.00 ? 70  HIS A CB   1 
ATOM 1080 C CG   . HIS A 1 70  ? 22.001  4.927   -9.491  1.00 0.00 ? 70  HIS A CG   1 
ATOM 1081 N ND1  . HIS A 1 70  ? 22.988  4.122   -8.970  1.00 0.00 ? 70  HIS A ND1  1 
ATOM 1082 C CD2  . HIS A 1 70  ? 21.909  4.671   -10.832 1.00 0.00 ? 70  HIS A CD2  1 
ATOM 1083 C CE1  . HIS A 1 70  ? 23.479  3.378   -9.972  1.00 0.00 ? 70  HIS A CE1  1 
ATOM 1084 N NE2  . HIS A 1 70  ? 22.859  3.689   -11.122 1.00 0.00 ? 70  HIS A NE2  1 
ATOM 1085 H H    . HIS A 1 70  ? 19.697  7.287   -7.187  1.00 0.00 ? 70  HIS A H    1 
ATOM 1086 H HA   . HIS A 1 70  ? 19.390  5.849   -9.759  1.00 0.00 ? 70  HIS A HA   1 
ATOM 1087 H HB2  . HIS A 1 70  ? 21.523  6.958   -9.206  1.00 0.00 ? 70  HIS A HB2  1 
ATOM 1088 H HB3  . HIS A 1 70  ? 21.646  6.031   -7.721  1.00 0.00 ? 70  HIS A HB3  1 
ATOM 1089 H HD1  . HIS A 1 70  ? 23.313  4.104   -8.001  1.00 0.00 ? 70  HIS A HD1  1 
ATOM 1090 H HD2  . HIS A 1 70  ? 21.264  5.173   -11.543 1.00 0.00 ? 70  HIS A HD2  1 
ATOM 1091 H HE1  . HIS A 1 70  ? 24.288  2.665   -9.874  1.00 0.00 ? 70  HIS A HE1  1 
ATOM 1092 N N    . GLY A 1 71  ? 18.075  4.100   -8.405  1.00 0.00 ? 71  GLY A N    1 
ATOM 1093 C CA   . GLY A 1 71  ? 17.475  2.943   -7.759  1.00 0.00 ? 71  GLY A CA   1 
ATOM 1094 C C    . GLY A 1 71  ? 16.165  2.541   -8.420  1.00 0.00 ? 71  GLY A C    1 
ATOM 1095 O O    . GLY A 1 71  ? 15.629  3.254   -9.272  1.00 0.00 ? 71  GLY A O    1 
ATOM 1096 H H    . GLY A 1 71  ? 17.590  4.464   -9.218  1.00 0.00 ? 71  GLY A H    1 
ATOM 1097 H HA2  . GLY A 1 71  ? 18.166  2.103   -7.803  1.00 0.00 ? 71  GLY A HA2  1 
ATOM 1098 H HA3  . GLY A 1 71  ? 17.281  3.186   -6.712  1.00 0.00 ? 71  GLY A HA3  1 
ATOM 1099 N N    . HIS A 1 72  ? 15.652  1.386   -7.993  1.00 0.00 ? 72  HIS A N    1 
ATOM 1100 C CA   . HIS A 1 72  ? 14.286  0.926   -8.231  1.00 0.00 ? 72  HIS A CA   1 
ATOM 1101 C C    . HIS A 1 72  ? 13.289  1.884   -7.576  1.00 0.00 ? 72  HIS A C    1 
ATOM 1102 O O    . HIS A 1 72  ? 13.667  2.734   -6.766  1.00 0.00 ? 72  HIS A O    1 
ATOM 1103 C CB   . HIS A 1 72  ? 14.145  -0.484  -7.648  1.00 0.00 ? 72  HIS A CB   1 
ATOM 1104 C CG   . HIS A 1 72  ? 14.738  -1.568  -8.509  1.00 0.00 ? 72  HIS A CG   1 
ATOM 1105 N ND1  . HIS A 1 72  ? 15.904  -1.519  -9.246  1.00 0.00 ? 72  HIS A ND1  1 
ATOM 1106 C CD2  . HIS A 1 72  ? 14.180  -2.801  -8.702  1.00 0.00 ? 72  HIS A CD2  1 
ATOM 1107 C CE1  . HIS A 1 72  ? 16.038  -2.702  -9.860  1.00 0.00 ? 72  HIS A CE1  1 
ATOM 1108 N NE2  . HIS A 1 72  ? 15.024  -3.525  -9.550  1.00 0.00 ? 72  HIS A NE2  1 
ATOM 1109 H H    . HIS A 1 72  ? 16.158  0.907   -7.265  1.00 0.00 ? 72  HIS A H    1 
ATOM 1110 H HA   . HIS A 1 72  ? 14.071  0.882   -9.296  1.00 0.00 ? 72  HIS A HA   1 
ATOM 1111 H HB2  . HIS A 1 72  ? 14.604  -0.519  -6.661  1.00 0.00 ? 72  HIS A HB2  1 
ATOM 1112 H HB3  . HIS A 1 72  ? 13.089  -0.715  -7.518  1.00 0.00 ? 72  HIS A HB3  1 
ATOM 1113 H HD1  . HIS A 1 72  ? 16.561  -0.756  -9.363  1.00 0.00 ? 72  HIS A HD1  1 
ATOM 1114 H HD2  . HIS A 1 72  ? 13.244  -3.129  -8.273  1.00 0.00 ? 72  HIS A HD2  1 
ATOM 1115 H HE1  . HIS A 1 72  ? 16.886  -2.971  -10.472 1.00 0.00 ? 72  HIS A HE1  1 
ATOM 1116 N N    . LYS A 1 73  ? 11.992  1.725   -7.865  1.00 0.00 ? 73  LYS A N    1 
ATOM 1117 C CA   . LYS A 1 73  ? 10.961  2.403   -7.089  1.00 0.00 ? 73  LYS A CA   1 
ATOM 1118 C C    . LYS A 1 73  ? 10.882  1.730   -5.719  1.00 0.00 ? 73  LYS A C    1 
ATOM 1119 O O    . LYS A 1 73  ? 10.240  0.691   -5.553  1.00 0.00 ? 73  LYS A O    1 
ATOM 1120 C CB   . LYS A 1 73  ? 9.608   2.460   -7.821  1.00 0.00 ? 73  LYS A CB   1 
ATOM 1121 C CG   . LYS A 1 73  ? 9.708   3.285   -9.118  1.00 0.00 ? 73  LYS A CG   1 
ATOM 1122 C CD   . LYS A 1 73  ? 8.320   3.606   -9.682  1.00 0.00 ? 73  LYS A CD   1 
ATOM 1123 C CE   . LYS A 1 73  ? 8.452   4.377   -11.000 1.00 0.00 ? 73  LYS A CE   1 
ATOM 1124 N NZ   . LYS A 1 73  ? 7.142   4.743   -11.569 1.00 0.00 ? 73  LYS A NZ   1 
ATOM 1125 H H    . LYS A 1 73  ? 11.703  0.991   -8.501  1.00 0.00 ? 73  LYS A H    1 
ATOM 1126 H HA   . LYS A 1 73  ? 11.296  3.428   -6.944  1.00 0.00 ? 73  LYS A HA   1 
ATOM 1127 H HB2  . LYS A 1 73  ? 9.252   1.455   -8.052  1.00 0.00 ? 73  LYS A HB2  1 
ATOM 1128 H HB3  . LYS A 1 73  ? 8.883   2.933   -7.155  1.00 0.00 ? 73  LYS A HB3  1 
ATOM 1129 H HG2  . LYS A 1 73  ? 10.224  4.226   -8.913  1.00 0.00 ? 73  LYS A HG2  1 
ATOM 1130 H HG3  . LYS A 1 73  ? 10.278  2.721   -9.860  1.00 0.00 ? 73  LYS A HG3  1 
ATOM 1131 H HD2  . LYS A 1 73  ? 7.774   2.681   -9.854  1.00 0.00 ? 73  LYS A HD2  1 
ATOM 1132 H HD3  . LYS A 1 73  ? 7.775   4.213   -8.955  1.00 0.00 ? 73  LYS A HD3  1 
ATOM 1133 H HE2  . LYS A 1 73  ? 9.025   5.287   -10.814 1.00 0.00 ? 73  LYS A HE2  1 
ATOM 1134 H HE3  . LYS A 1 73  ? 8.990   3.765   -11.722 1.00 0.00 ? 73  LYS A HE3  1 
ATOM 1135 H HZ1  . LYS A 1 73  ? 7.231   5.456   -12.287 1.00 0.00 ? 73  LYS A HZ1  1 
ATOM 1136 H HZ2  . LYS A 1 73  ? 6.646   3.946   -11.966 1.00 0.00 ? 73  LYS A HZ2  1 
ATOM 1137 H HZ3  . LYS A 1 73  ? 6.543   5.154   -10.859 1.00 0.00 ? 73  LYS A HZ3  1 
ATOM 1138 N N    . VAL A 1 74  ? 11.619  2.279   -4.760  1.00 0.00 ? 74  VAL A N    1 
ATOM 1139 C CA   . VAL A 1 74  ? 11.484  2.003   -3.338  1.00 0.00 ? 74  VAL A CA   1 
ATOM 1140 C C    . VAL A 1 74  ? 10.172  2.645   -2.881  1.00 0.00 ? 74  VAL A C    1 
ATOM 1141 O O    . VAL A 1 74  ? 9.792   3.676   -3.437  1.00 0.00 ? 74  VAL A O    1 
ATOM 1142 C CB   . VAL A 1 74  ? 12.690  2.619   -2.596  1.00 0.00 ? 74  VAL A CB   1 
ATOM 1143 C CG1  . VAL A 1 74  ? 12.649  2.277   -1.104  1.00 0.00 ? 74  VAL A CG1  1 
ATOM 1144 C CG2  . VAL A 1 74  ? 14.036  2.162   -3.187  1.00 0.00 ? 74  VAL A CG2  1 
ATOM 1145 H H    . VAL A 1 74  ? 12.194  3.070   -5.013  1.00 0.00 ? 74  VAL A H    1 
ATOM 1146 H HA   . VAL A 1 74  ? 11.447  0.925   -3.184  1.00 0.00 ? 74  VAL A HA   1 
ATOM 1147 H HB   . VAL A 1 74  ? 12.638  3.702   -2.692  1.00 0.00 ? 74  VAL A HB   1 
ATOM 1148 H HG11 . VAL A 1 74  ? 12.696  1.203   -0.951  1.00 0.00 ? 74  VAL A HG11 1 
ATOM 1149 H HG12 . VAL A 1 74  ? 13.485  2.761   -0.607  1.00 0.00 ? 74  VAL A HG12 1 
ATOM 1150 H HG13 . VAL A 1 74  ? 11.743  2.682   -0.656  1.00 0.00 ? 74  VAL A HG13 1 
ATOM 1151 H HG21 . VAL A 1 74  ? 14.097  1.077   -3.214  1.00 0.00 ? 74  VAL A HG21 1 
ATOM 1152 H HG22 . VAL A 1 74  ? 14.164  2.560   -4.192  1.00 0.00 ? 74  VAL A HG22 1 
ATOM 1153 H HG23 . VAL A 1 74  ? 14.849  2.555   -2.577  1.00 0.00 ? 74  VAL A HG23 1 
ATOM 1154 N N    . VAL A 1 75  ? 9.487   2.080   -1.876  1.00 0.00 ? 75  VAL A N    1 
ATOM 1155 C CA   . VAL A 1 75  ? 8.347   2.726   -1.222  1.00 0.00 ? 75  VAL A CA   1 
ATOM 1156 C C    . VAL A 1 75  ? 8.385   2.461   0.286   1.00 0.00 ? 75  VAL A C    1 
ATOM 1157 O O    . VAL A 1 75  ? 9.217   1.674   0.735   1.00 0.00 ? 75  VAL A O    1 
ATOM 1158 C CB   . VAL A 1 75  ? 7.006   2.335   -1.893  1.00 0.00 ? 75  VAL A CB   1 
ATOM 1159 C CG1  . VAL A 1 75  ? 7.064   2.252   -3.427  1.00 0.00 ? 75  VAL A CG1  1 
ATOM 1160 C CG2  . VAL A 1 75  ? 6.456   1.006   -1.378  1.00 0.00 ? 75  VAL A CG2  1 
ATOM 1161 H H    . VAL A 1 75  ? 9.830   1.248   -1.414  1.00 0.00 ? 75  VAL A H    1 
ATOM 1162 H HA   . VAL A 1 75  ? 8.483   3.791   -1.320  1.00 0.00 ? 75  VAL A HA   1 
ATOM 1163 H HB   . VAL A 1 75  ? 6.275   3.099   -1.635  1.00 0.00 ? 75  VAL A HB   1 
ATOM 1164 H HG11 . VAL A 1 75  ? 6.081   2.006   -3.821  1.00 0.00 ? 75  VAL A HG11 1 
ATOM 1165 H HG12 . VAL A 1 75  ? 7.374   3.211   -3.844  1.00 0.00 ? 75  VAL A HG12 1 
ATOM 1166 H HG13 . VAL A 1 75  ? 7.759   1.480   -3.753  1.00 0.00 ? 75  VAL A HG13 1 
ATOM 1167 H HG21 . VAL A 1 75  ? 7.200   0.220   -1.471  1.00 0.00 ? 75  VAL A HG21 1 
ATOM 1168 H HG22 . VAL A 1 75  ? 6.152   1.102   -0.337  1.00 0.00 ? 75  VAL A HG22 1 
ATOM 1169 H HG23 . VAL A 1 75  ? 5.569   0.745   -1.949  1.00 0.00 ? 75  VAL A HG23 1 
ATOM 1170 N N    . GLU A 1 76  ? 7.503   3.063   1.080   1.00 0.00 ? 76  GLU A N    1 
ATOM 1171 C CA   . GLU A 1 76  ? 7.358   2.794   2.509   1.00 0.00 ? 76  GLU A CA   1 
ATOM 1172 C C    . GLU A 1 76  ? 5.868   2.824   2.867   1.00 0.00 ? 76  GLU A C    1 
ATOM 1173 O O    . GLU A 1 76  ? 5.100   3.503   2.184   1.00 0.00 ? 76  GLU A O    1 
ATOM 1174 C CB   . GLU A 1 76  ? 8.177   3.803   3.338   1.00 0.00 ? 76  GLU A CB   1 
ATOM 1175 C CG   . GLU A 1 76  ? 7.785   5.276   3.124   1.00 0.00 ? 76  GLU A CG   1 
ATOM 1176 C CD   . GLU A 1 76  ? 8.525   6.277   4.023   1.00 0.00 ? 76  GLU A CD   1 
ATOM 1177 O OE1  . GLU A 1 76  ? 8.677   6.001   5.240   1.00 0.00 ? 76  GLU A OE1  1 
ATOM 1178 O OE2  . GLU A 1 76  ? 8.820   7.388   3.532   1.00 0.00 ? 76  GLU A OE2  1 
ATOM 1179 H H    . GLU A 1 76  ? 6.789   3.673   0.689   1.00 0.00 ? 76  GLU A H    1 
ATOM 1180 H HA   . GLU A 1 76  ? 7.752   1.793   2.711   1.00 0.00 ? 76  GLU A HA   1 
ATOM 1181 H HB2  . GLU A 1 76  ? 8.059   3.554   4.391   1.00 0.00 ? 76  GLU A HB2  1 
ATOM 1182 H HB3  . GLU A 1 76  ? 9.227   3.679   3.083   1.00 0.00 ? 76  GLU A HB3  1 
ATOM 1183 H HG2  . GLU A 1 76  ? 7.972   5.543   2.084   1.00 0.00 ? 76  GLU A HG2  1 
ATOM 1184 H HG3  . GLU A 1 76  ? 6.721   5.396   3.311   1.00 0.00 ? 76  GLU A HG3  1 
ATOM 1185 N N    . LEU A 1 77  ? 5.494   2.075   3.907   1.00 0.00 ? 77  LEU A N    1 
ATOM 1186 C CA   . LEU A 1 77  ? 4.147   1.856   4.452   1.00 0.00 ? 77  LEU A CA   1 
ATOM 1187 C C    . LEU A 1 77  ? 3.738   3.045   5.321   1.00 0.00 ? 77  LEU A C    1 
ATOM 1188 O O    . LEU A 1 77  ? 4.473   3.409   6.249   1.00 0.00 ? 77  LEU A O    1 
ATOM 1189 C CB   . LEU A 1 77  ? 4.152   0.564   5.296   1.00 0.00 ? 77  LEU A CB   1 
ATOM 1190 C CG   . LEU A 1 77  ? 3.610   -0.642  4.510   1.00 0.00 ? 77  LEU A CG   1 
ATOM 1191 C CD1  . LEU A 1 77  ? 3.968   -1.958  5.194   1.00 0.00 ? 77  LEU A CD1  1 
ATOM 1192 C CD2  . LEU A 1 77  ? 2.088   -0.583  4.413   1.00 0.00 ? 77  LEU A CD2  1 
ATOM 1193 H H    . LEU A 1 77  ? 6.242   1.578   4.374   1.00 0.00 ? 77  LEU A H    1 
ATOM 1194 H HA   . LEU A 1 77  ? 3.412   1.735   3.651   1.00 0.00 ? 77  LEU A HA   1 
ATOM 1195 H HB2  . LEU A 1 77  ? 5.165   0.358   5.644   1.00 0.00 ? 77  LEU A HB2  1 
ATOM 1196 H HB3  . LEU A 1 77  ? 3.533   0.698   6.181   1.00 0.00 ? 77  LEU A HB3  1 
ATOM 1197 H HG   . LEU A 1 77  ? 4.035   -0.641  3.508   1.00 0.00 ? 77  LEU A HG   1 
ATOM 1198 H HD11 . LEU A 1 77  ? 5.046   -2.011  5.357   1.00 0.00 ? 77  LEU A HD11 1 
ATOM 1199 H HD12 . LEU A 1 77  ? 3.432   -2.024  6.141   1.00 0.00 ? 77  LEU A HD12 1 
ATOM 1200 H HD13 . LEU A 1 77  ? 3.668   -2.786  4.555   1.00 0.00 ? 77  LEU A HD13 1 
ATOM 1201 H HD21 . LEU A 1 77  ? 1.715   -1.471  3.907   1.00 0.00 ? 77  LEU A HD21 1 
ATOM 1202 H HD22 . LEU A 1 77  ? 1.645   -0.530  5.406   1.00 0.00 ? 77  LEU A HD22 1 
ATOM 1203 H HD23 . LEU A 1 77  ? 1.786   0.294   3.845   1.00 0.00 ? 77  LEU A HD23 1 
ATOM 1204 N N    . VAL A 1 78  ? 2.576   3.635   5.030   1.00 0.00 ? 78  VAL A N    1 
ATOM 1205 C CA   . VAL A 1 78  ? 2.022   4.855   5.629   1.00 0.00 ? 78  VAL A CA   1 
ATOM 1206 C C    . VAL A 1 78  ? 0.488   4.671   5.669   1.00 0.00 ? 78  VAL A C    1 
ATOM 1207 O O    . VAL A 1 78  ? -0.020  3.740   5.049   1.00 0.00 ? 78  VAL A O    1 
ATOM 1208 C CB   . VAL A 1 78  ? 2.483   6.107   4.820   1.00 0.00 ? 78  VAL A CB   1 
ATOM 1209 C CG1  . VAL A 1 78  ? 2.923   7.271   5.716   1.00 0.00 ? 78  VAL A CG1  1 
ATOM 1210 C CG2  . VAL A 1 78  ? 3.643   5.849   3.861   1.00 0.00 ? 78  VAL A CG2  1 
ATOM 1211 H H    . VAL A 1 78  ? 2.002   3.261   4.276   1.00 0.00 ? 78  VAL A H    1 
ATOM 1212 H HA   . VAL A 1 78  ? 2.391   4.929   6.652   1.00 0.00 ? 78  VAL A HA   1 
ATOM 1213 H HB   . VAL A 1 78  ? 1.694   6.485   4.175   1.00 0.00 ? 78  VAL A HB   1 
ATOM 1214 H HG11 . VAL A 1 78  ? 3.182   8.129   5.091   1.00 0.00 ? 78  VAL A HG11 1 
ATOM 1215 H HG12 . VAL A 1 78  ? 2.118   7.555   6.388   1.00 0.00 ? 78  VAL A HG12 1 
ATOM 1216 H HG13 . VAL A 1 78  ? 3.791   6.987   6.302   1.00 0.00 ? 78  VAL A HG13 1 
ATOM 1217 H HG21 . VAL A 1 78  ? 3.295   5.222   3.038   1.00 0.00 ? 78  VAL A HG21 1 
ATOM 1218 H HG22 . VAL A 1 78  ? 3.945   6.797   3.469   1.00 0.00 ? 78  VAL A HG22 1 
ATOM 1219 H HG23 . VAL A 1 78  ? 4.492   5.401   4.374   1.00 0.00 ? 78  VAL A HG23 1 
ATOM 1220 N N    . ALA A 1 79  ? -0.280  5.490   6.395   1.00 0.00 ? 79  ALA A N    1 
ATOM 1221 C CA   . ALA A 1 79  ? -1.745  5.378   6.476   1.00 0.00 ? 79  ALA A CA   1 
ATOM 1222 C C    . ALA A 1 79  ? -2.345  6.743   6.820   1.00 0.00 ? 79  ALA A C    1 
ATOM 1223 O O    . ALA A 1 79  ? -1.731  7.490   7.584   1.00 0.00 ? 79  ALA A O    1 
ATOM 1224 C CB   . ALA A 1 79  ? -2.128  4.320   7.522   1.00 0.00 ? 79  ALA A CB   1 
ATOM 1225 H H    . ALA A 1 79  ? 0.134   6.276   6.876   1.00 0.00 ? 79  ALA A H    1 
ATOM 1226 H HA   . ALA A 1 79  ? -2.153  5.059   5.521   1.00 0.00 ? 79  ALA A HA   1 
ATOM 1227 H HB1  . ALA A 1 79  ? -3.202  4.351   7.708   1.00 0.00 ? 79  ALA A HB1  1 
ATOM 1228 H HB2  . ALA A 1 79  ? -1.862  3.328   7.157   1.00 0.00 ? 79  ALA A HB2  1 
ATOM 1229 H HB3  . ALA A 1 79  ? -1.597  4.493   8.458   1.00 0.00 ? 79  ALA A HB3  1 
ATOM 1230 N N    . GLU A 1 80  ? -3.536  7.056   6.303   1.00 0.00 ? 80  GLU A N    1 
ATOM 1231 C CA   . GLU A 1 80  ? -4.294  8.296   6.526   1.00 0.00 ? 80  GLU A CA   1 
ATOM 1232 C C    . GLU A 1 80  ? -5.770  7.944   6.614   1.00 0.00 ? 80  GLU A C    1 
ATOM 1233 O O    . GLU A 1 80  ? -6.197  7.030   5.920   1.00 0.00 ? 80  GLU A O    1 
ATOM 1234 C CB   . GLU A 1 80  ? -4.169  9.229   5.321   1.00 0.00 ? 80  GLU A CB   1 
ATOM 1235 C CG   . GLU A 1 80  ? -2.800  9.879   5.167   1.00 0.00 ? 80  GLU A CG   1 
ATOM 1236 C CD   . GLU A 1 80  ? -2.665  11.189  5.938   1.00 0.00 ? 80  GLU A CD   1 
ATOM 1237 O OE1  . GLU A 1 80  ? -3.265  12.183  5.487   1.00 0.00 ? 80  GLU A OE1  1 
ATOM 1238 O OE2  . GLU A 1 80  ? -1.898  11.238  6.927   1.00 0.00 ? 80  GLU A OE2  1 
ATOM 1239 H H    . GLU A 1 80  ? -4.013  6.389   5.703   1.00 0.00 ? 80  GLU A H    1 
ATOM 1240 H HA   . GLU A 1 80  ? -3.972  8.820   7.419   1.00 0.00 ? 80  GLU A HA   1 
ATOM 1241 H HB2  . GLU A 1 80  ? -4.385  8.641   4.432   1.00 0.00 ? 80  GLU A HB2  1 
ATOM 1242 H HB3  . GLU A 1 80  ? -4.921  10.016  5.390   1.00 0.00 ? 80  GLU A HB3  1 
ATOM 1243 H HG2  . GLU A 1 80  ? -2.033  9.187   5.486   1.00 0.00 ? 80  GLU A HG2  1 
ATOM 1244 H HG3  . GLU A 1 80  ? -2.643  10.086  4.110   1.00 0.00 ? 80  GLU A HG3  1 
ATOM 1245 N N    . MET A 1 81  ? -6.544  8.705   7.391   1.00 0.00 ? 81  MET A N    1 
ATOM 1246 C CA   . MET A 1 81  ? -7.984  8.574   7.521   1.00 0.00 ? 81  MET A CA   1 
ATOM 1247 C C    . MET A 1 81  ? -8.685  9.216   6.314   1.00 0.00 ? 81  MET A C    1 
ATOM 1248 O O    . MET A 1 81  ? -9.226  8.514   5.473   1.00 0.00 ? 81  MET A O    1 
ATOM 1249 C CB   . MET A 1 81  ? -8.397  9.186   8.869   1.00 0.00 ? 81  MET A CB   1 
ATOM 1250 C CG   . MET A 1 81  ? -9.872  9.570   8.907   1.00 0.00 ? 81  MET A CG   1 
ATOM 1251 S SD   . MET A 1 81  ? -10.602 9.718   10.560  1.00 0.00 ? 81  MET A SD   1 
ATOM 1252 C CE   . MET A 1 81  ? -10.647 7.970   11.066  1.00 0.00 ? 81  MET A CE   1 
ATOM 1253 H H    . MET A 1 81  ? -6.117  9.436   7.948   1.00 0.00 ? 81  MET A H    1 
ATOM 1254 H HA   . MET A 1 81  ? -8.232  7.506   7.538   1.00 0.00 ? 81  MET A HA   1 
ATOM 1255 H HB2  . MET A 1 81  ? -8.173  8.466   9.657   1.00 0.00 ? 81  MET A HB2  1 
ATOM 1256 H HB3  . MET A 1 81  ? -7.821  10.088  9.058   1.00 0.00 ? 81  MET A HB3  1 
ATOM 1257 H HG2  . MET A 1 81  ? -9.963  10.527  8.377   1.00 0.00 ? 81  MET A HG2  1 
ATOM 1258 H HG3  . MET A 1 81  ? -10.427 8.822   8.354   1.00 0.00 ? 81  MET A HG3  1 
ATOM 1259 H HE1  . MET A 1 81  ? -11.188 7.379   10.324  1.00 0.00 ? 81  MET A HE1  1 
ATOM 1260 H HE2  . MET A 1 81  ? -9.635  7.582   11.168  1.00 0.00 ? 81  MET A HE2  1 
ATOM 1261 H HE3  . MET A 1 81  ? -11.157 7.877   12.025  1.00 0.00 ? 81  MET A HE3  1 
ATOM 1262 N N    . ASP A 1 82  ? -8.719  10.548  6.182   1.00 0.00 ? 82  ASP A N    1 
ATOM 1263 C CA   . ASP A 1 82  ? -9.450  11.132  5.040   1.00 0.00 ? 82  ASP A CA   1 
ATOM 1264 C C    . ASP A 1 82  ? -8.607  11.027  3.761   1.00 0.00 ? 82  ASP A C    1 
ATOM 1265 O O    . ASP A 1 82  ? -9.055  11.412  2.681   1.00 0.00 ? 82  ASP A O    1 
ATOM 1266 C CB   . ASP A 1 82  ? -9.834  12.605  5.234   1.00 0.00 ? 82  ASP A CB   1 
ATOM 1267 C CG   . ASP A 1 82  ? -10.763 12.945  6.395   1.00 0.00 ? 82  ASP A CG   1 
ATOM 1268 O OD1  . ASP A 1 82  ? -11.539 12.092  6.864   1.00 0.00 ? 82  ASP A OD1  1 
ATOM 1269 O OD2  . ASP A 1 82  ? -10.743 14.128  6.834   1.00 0.00 ? 82  ASP A OD2  1 
ATOM 1270 H H    . ASP A 1 82  ? -8.337  11.137  6.907   1.00 0.00 ? 82  ASP A H    1 
ATOM 1271 H HA   . ASP A 1 82  ? -10.380 10.578  4.892   1.00 0.00 ? 82  ASP A HA   1 
ATOM 1272 H HB2  . ASP A 1 82  ? -8.928  13.189  5.314   1.00 0.00 ? 82  ASP A HB2  1 
ATOM 1273 H HB3  . ASP A 1 82  ? -10.347 12.919  4.330   1.00 0.00 ? 82  ASP A HB3  1 
ATOM 1274 N N    . GLY A 1 83  ? -7.358  10.564  3.871   1.00 0.00 ? 83  GLY A N    1 
ATOM 1275 C CA   . GLY A 1 83  ? -6.352  10.718  2.836   1.00 0.00 ? 83  GLY A CA   1 
ATOM 1276 C C    . GLY A 1 83  ? -5.999  12.193  2.619   1.00 0.00 ? 83  GLY A C    1 
ATOM 1277 O O    . GLY A 1 83  ? -5.635  12.568  1.502   1.00 0.00 ? 83  GLY A O    1 
ATOM 1278 H H    . GLY A 1 83  ? -7.088  10.172  4.760   1.00 0.00 ? 83  GLY A H    1 
ATOM 1279 H HA2  . GLY A 1 83  ? -5.453  10.190  3.159   1.00 0.00 ? 83  GLY A HA2  1 
ATOM 1280 H HA3  . GLY A 1 83  ? -6.717  10.289  1.901   1.00 0.00 ? 83  GLY A HA3  1 
ATOM 1281 N N    . ILE A 1 84  ? -6.104  13.009  3.685   1.00 0.00 ? 84  ILE A N    1 
ATOM 1282 C CA   . ILE A 1 84  ? -5.658  14.406  3.771   1.00 0.00 ? 84  ILE A CA   1 
ATOM 1283 C C    . ILE A 1 84  ? -4.397  14.636  2.937   1.00 0.00 ? 84  ILE A C    1 
ATOM 1284 O O    . ILE A 1 84  ? -4.344  15.520  2.070   1.00 0.00 ? 84  ILE A O    1 
ATOM 1285 C CB   . ILE A 1 84  ? -5.422  14.745  5.269   1.00 0.00 ? 84  ILE A CB   1 
ATOM 1286 C CG1  . ILE A 1 84  ? -6.760  14.830  6.029   1.00 0.00 ? 84  ILE A CG1  1 
ATOM 1287 C CG2  . ILE A 1 84  ? -4.551  15.985  5.525   1.00 0.00 ? 84  ILE A CG2  1 
ATOM 1288 C CD1  . ILE A 1 84  ? -6.919  13.669  7.018   1.00 0.00 ? 84  ILE A CD1  1 
ATOM 1289 H H    . ILE A 1 84  ? -6.471  12.604  4.542   1.00 0.00 ? 84  ILE A H    1 
ATOM 1290 H HA   . ILE A 1 84  ? -6.443  15.049  3.373   1.00 0.00 ? 84  ILE A HA   1 
ATOM 1291 H HB   . ILE A 1 84  ? -4.859  13.929  5.707   1.00 0.00 ? 84  ILE A HB   1 
ATOM 1292 H HG12 . ILE A 1 84  ? -6.824  15.760  6.583   1.00 0.00 ? 84  ILE A HG12 1 
ATOM 1293 H HG13 . ILE A 1 84  ? -7.590  14.834  5.325   1.00 0.00 ? 84  ILE A HG13 1 
ATOM 1294 H HG21 . ILE A 1 84  ? -3.538  15.808  5.157   1.00 0.00 ? 84  ILE A HG21 1 
ATOM 1295 H HG22 . ILE A 1 84  ? -4.972  16.854  5.035   1.00 0.00 ? 84  ILE A HG22 1 
ATOM 1296 H HG23 . ILE A 1 84  ? -4.487  16.173  6.596   1.00 0.00 ? 84  ILE A HG23 1 
ATOM 1297 H HD11 . ILE A 1 84  ? -6.815  12.712  6.504   1.00 0.00 ? 84  ILE A HD11 1 
ATOM 1298 H HD12 . ILE A 1 84  ? -6.162  13.744  7.795   1.00 0.00 ? 84  ILE A HD12 1 
ATOM 1299 H HD13 . ILE A 1 84  ? -7.899  13.714  7.489   1.00 0.00 ? 84  ILE A HD13 1 
ATOM 1300 N N    . GLN A 1 85  ? -3.364  13.867  3.236   1.00 0.00 ? 85  GLN A N    1 
ATOM 1301 C CA   . GLN A 1 85  ? -2.077  13.890  2.594   1.00 0.00 ? 85  GLN A CA   1 
ATOM 1302 C C    . GLN A 1 85  ? -1.879  12.560  1.875   1.00 0.00 ? 85  GLN A C    1 
ATOM 1303 O O    . GLN A 1 85  ? -2.667  11.623  2.012   1.00 0.00 ? 85  GLN A O    1 
ATOM 1304 C CB   . GLN A 1 85  ? -1.027  14.140  3.684   1.00 0.00 ? 85  GLN A CB   1 
ATOM 1305 C CG   . GLN A 1 85  ? -0.898  15.621  4.075   1.00 0.00 ? 85  GLN A CG   1 
ATOM 1306 C CD   . GLN A 1 85  ? 0.458   16.145  3.630   1.00 0.00 ? 85  GLN A CD   1 
ATOM 1307 O OE1  . GLN A 1 85  ? 1.488   15.650  4.077   1.00 0.00 ? 85  GLN A OE1  1 
ATOM 1308 N NE2  . GLN A 1 85  ? 0.521   17.048  2.666   1.00 0.00 ? 85  GLN A NE2  1 
ATOM 1309 H H    . GLN A 1 85  ? -3.478  13.158  3.964   1.00 0.00 ? 85  GLN A H    1 
ATOM 1310 H HA   . GLN A 1 85  ? -2.030  14.687  1.851   1.00 0.00 ? 85  GLN A HA   1 
ATOM 1311 H HB2  . GLN A 1 85  ? -1.267  13.560  4.574   1.00 0.00 ? 85  GLN A HB2  1 
ATOM 1312 H HB3  . GLN A 1 85  ? -0.062  13.780  3.335   1.00 0.00 ? 85  GLN A HB3  1 
ATOM 1313 H HG2  . GLN A 1 85  ? -1.700  16.214  3.636   1.00 0.00 ? 85  GLN A HG2  1 
ATOM 1314 H HG3  . GLN A 1 85  ? -0.961  15.707  5.160   1.00 0.00 ? 85  GLN A HG3  1 
ATOM 1315 H HE21 . GLN A 1 85  ? -0.296  17.557  2.315   1.00 0.00 ? 85  GLN A HE21 1 
ATOM 1316 H HE22 . GLN A 1 85  ? 1.436   17.470  2.497   1.00 0.00 ? 85  GLN A HE22 1 
ATOM 1317 N N    . TYR A 1 86  ? -0.772  12.472  1.146   1.00 0.00 ? 86  TYR A N    1 
ATOM 1318 C CA   . TYR A 1 86  ? -0.224  11.271  0.528   1.00 0.00 ? 86  TYR A CA   1 
ATOM 1319 C C    . TYR A 1 86  ? -1.133  10.706  -0.568  1.00 0.00 ? 86  TYR A C    1 
ATOM 1320 O O    . TYR A 1 86  ? -0.759  10.785  -1.733  1.00 0.00 ? 86  TYR A O    1 
ATOM 1321 C CB   . TYR A 1 86  ? 0.134   10.224  1.591   1.00 0.00 ? 86  TYR A CB   1 
ATOM 1322 C CG   . TYR A 1 86  ? 0.960   10.749  2.751   1.00 0.00 ? 86  TYR A CG   1 
ATOM 1323 C CD1  . TYR A 1 86  ? 2.358   10.798  2.663   1.00 0.00 ? 86  TYR A CD1  1 
ATOM 1324 C CD2  . TYR A 1 86  ? 0.325   11.152  3.937   1.00 0.00 ? 86  TYR A CD2  1 
ATOM 1325 C CE1  . TYR A 1 86  ? 3.123   11.177  3.784   1.00 0.00 ? 86  TYR A CE1  1 
ATOM 1326 C CE2  . TYR A 1 86  ? 1.072   11.544  5.057   1.00 0.00 ? 86  TYR A CE2  1 
ATOM 1327 C CZ   . TYR A 1 86  ? 2.481   11.533  4.992   1.00 0.00 ? 86  TYR A CZ   1 
ATOM 1328 O OH   . TYR A 1 86  ? 3.217   11.900  6.074   1.00 0.00 ? 86  TYR A OH   1 
ATOM 1329 H H    . TYR A 1 86  ? -0.196  13.310  1.128   1.00 0.00 ? 86  TYR A H    1 
ATOM 1330 H HA   . TYR A 1 86  ? 0.717   11.562  0.057   1.00 0.00 ? 86  TYR A HA   1 
ATOM 1331 H HB2  . TYR A 1 86  ? -0.783  9.801   1.995   1.00 0.00 ? 86  TYR A HB2  1 
ATOM 1332 H HB3  . TYR A 1 86  ? 0.672   9.406   1.108   1.00 0.00 ? 86  TYR A HB3  1 
ATOM 1333 H HD1  . TYR A 1 86  ? 2.823   10.529  1.727   1.00 0.00 ? 86  TYR A HD1  1 
ATOM 1334 H HD2  . TYR A 1 86  ? -0.749  11.155  4.001   1.00 0.00 ? 86  TYR A HD2  1 
ATOM 1335 H HE1  . TYR A 1 86  ? 4.199   11.177  3.740   1.00 0.00 ? 86  TYR A HE1  1 
ATOM 1336 H HE2  . TYR A 1 86  ? 0.553   11.838  5.960   1.00 0.00 ? 86  TYR A HE2  1 
ATOM 1337 H HH   . TYR A 1 86  ? 2.877   11.462  6.885   1.00 0.00 ? 86  TYR A HH   1 
ATOM 1338 N N    . GLY A 1 87  ? -2.291  10.126  -0.252  1.00 0.00 ? 87  GLY A N    1 
ATOM 1339 C CA   . GLY A 1 87  ? -3.232  9.587   -1.231  1.00 0.00 ? 87  GLY A CA   1 
ATOM 1340 C C    . GLY A 1 87  ? -3.544  10.633  -2.289  1.00 0.00 ? 87  GLY A C    1 
ATOM 1341 O O    . GLY A 1 87  ? -3.393  10.382  -3.487  1.00 0.00 ? 87  GLY A O    1 
ATOM 1342 H H    . GLY A 1 87  ? -2.584  10.162  0.721   1.00 0.00 ? 87  GLY A H    1 
ATOM 1343 H HA2  . GLY A 1 87  ? -2.806  8.700   -1.701  1.00 0.00 ? 87  GLY A HA2  1 
ATOM 1344 H HA3  . GLY A 1 87  ? -4.163  9.319   -0.737  1.00 0.00 ? 87  GLY A HA3  1 
ATOM 1345 N N    . ARG A 1 88  ? -3.918  11.833  -1.843  1.00 0.00 ? 88  ARG A N    1 
ATOM 1346 C CA   . ARG A 1 88  ? -3.958  13.024  -2.674  1.00 0.00 ? 88  ARG A CA   1 
ATOM 1347 C C    . ARG A 1 88  ? -2.532  13.571  -2.811  1.00 0.00 ? 88  ARG A C    1 
ATOM 1348 O O    . ARG A 1 88  ? -2.180  14.562  -2.164  1.00 0.00 ? 88  ARG A O    1 
ATOM 1349 C CB   . ARG A 1 88  ? -4.982  13.991  -2.080  1.00 0.00 ? 88  ARG A CB   1 
ATOM 1350 C CG   . ARG A 1 88  ? -5.527  14.945  -3.156  1.00 0.00 ? 88  ARG A CG   1 
ATOM 1351 C CD   . ARG A 1 88  ? -5.615  16.354  -2.591  1.00 0.00 ? 88  ARG A CD   1 
ATOM 1352 N NE   . ARG A 1 88  ? -6.710  17.151  -3.171  1.00 0.00 ? 88  ARG A NE   1 
ATOM 1353 C CZ   . ARG A 1 88  ? -8.010  17.034  -2.870  1.00 0.00 ? 88  ARG A CZ   1 
ATOM 1354 N NH1  . ARG A 1 88  ? -8.437  16.046  -2.089  1.00 0.00 ? 88  ARG A NH1  1 
ATOM 1355 N NH2  . ARG A 1 88  ? -8.872  17.919  -3.355  1.00 0.00 ? 88  ARG A NH2  1 
ATOM 1356 H H    . ARG A 1 88  ? -4.058  11.947  -0.847  1.00 0.00 ? 88  ARG A H    1 
ATOM 1357 H HA   . ARG A 1 88  ? -4.329  12.793  -3.668  1.00 0.00 ? 88  ARG A HA   1 
ATOM 1358 H HB2  . ARG A 1 88  ? -5.830  13.427  -1.686  1.00 0.00 ? 88  ARG A HB2  1 
ATOM 1359 H HB3  . ARG A 1 88  ? -4.539  14.523  -1.242  1.00 0.00 ? 88  ARG A HB3  1 
ATOM 1360 H HG2  . ARG A 1 88  ? -4.886  14.964  -4.039  1.00 0.00 ? 88  ARG A HG2  1 
ATOM 1361 H HG3  . ARG A 1 88  ? -6.517  14.602  -3.453  1.00 0.00 ? 88  ARG A HG3  1 
ATOM 1362 H HD2  . ARG A 1 88  ? -5.772  16.285  -1.517  1.00 0.00 ? 88  ARG A HD2  1 
ATOM 1363 H HD3  . ARG A 1 88  ? -4.648  16.817  -2.776  1.00 0.00 ? 88  ARG A HD3  1 
ATOM 1364 H HE   . ARG A 1 88  ? -6.450  17.955  -3.741  1.00 0.00 ? 88  ARG A HE   1 
ATOM 1365 H HH11 . ARG A 1 88  ? -7.785  15.390  -1.689  1.00 0.00 ? 88  ARG A HH11 1 
ATOM 1366 H HH12 . ARG A 1 88  ? -9.407  15.955  -1.803  1.00 0.00 ? 88  ARG A HH12 1 
ATOM 1367 H HH21 . ARG A 1 88  ? -8.503  18.689  -3.918  1.00 0.00 ? 88  ARG A HH21 1 
ATOM 1368 H HH22 . ARG A 1 88  ? -9.848  17.960  -3.082  1.00 0.00 ? 88  ARG A HH22 1 
ATOM 1369 N N    . SER A 1 89  ? -1.680  12.888  -3.580  1.00 0.00 ? 89  SER A N    1 
ATOM 1370 C CA   . SER A 1 89  ? -0.377  13.329  -4.086  1.00 0.00 ? 89  SER A CA   1 
ATOM 1371 C C    . SER A 1 89  ? 0.026   12.450  -5.274  1.00 0.00 ? 89  SER A C    1 
ATOM 1372 O O    . SER A 1 89  ? -0.589  11.407  -5.524  1.00 0.00 ? 89  SER A O    1 
ATOM 1373 C CB   . SER A 1 89  ? 0.735   13.242  -3.026  1.00 0.00 ? 89  SER A CB   1 
ATOM 1374 O OG   . SER A 1 89  ? 0.444   14.017  -1.883  1.00 0.00 ? 89  SER A OG   1 
ATOM 1375 H H    . SER A 1 89  ? -2.008  12.014  -3.986  1.00 0.00 ? 89  SER A H    1 
ATOM 1376 H HA   . SER A 1 89  ? -0.462  14.359  -4.431  1.00 0.00 ? 89  SER A HA   1 
ATOM 1377 H HB2  . SER A 1 89  ? 0.933   12.201  -2.746  1.00 0.00 ? 89  SER A HB2  1 
ATOM 1378 H HB3  . SER A 1 89  ? 1.658   13.635  -3.455  1.00 0.00 ? 89  SER A HB3  1 
ATOM 1379 H HG   . SER A 1 89  ? -0.511  14.229  -1.903  1.00 0.00 ? 89  SER A HG   1 
ATOM 1380 N N    . GLY A 1 90  ? 1.101   12.836  -5.962  1.00 0.00 ? 90  GLY A N    1 
ATOM 1381 C CA   . GLY A 1 90  ? 1.703   12.078  -7.044  1.00 0.00 ? 90  GLY A CA   1 
ATOM 1382 C C    . GLY A 1 90  ? 2.895   11.247  -6.577  1.00 0.00 ? 90  GLY A C    1 
ATOM 1383 O O    . GLY A 1 90  ? 3.509   10.586  -7.412  1.00 0.00 ? 90  GLY A O    1 
ATOM 1384 H H    . GLY A 1 90  ? 1.591   13.693  -5.713  1.00 0.00 ? 90  GLY A H    1 
ATOM 1385 H HA2  . GLY A 1 90  ? 0.965   11.416  -7.497  1.00 0.00 ? 90  GLY A HA2  1 
ATOM 1386 H HA3  . GLY A 1 90  ? 2.043   12.778  -7.803  1.00 0.00 ? 90  GLY A HA3  1 
ATOM 1387 N N    . ILE A 1 91  ? 3.255   11.277  -5.283  1.00 0.00 ? 91  ILE A N    1 
ATOM 1388 C CA   . ILE A 1 91  ? 4.286   10.398  -4.749  1.00 0.00 ? 91  ILE A CA   1 
ATOM 1389 C C    . ILE A 1 91  ? 3.783   8.954   -4.837  1.00 0.00 ? 91  ILE A C    1 
ATOM 1390 O O    . ILE A 1 91  ? 4.064   8.251   -5.798  1.00 0.00 ? 91  ILE A O    1 
ATOM 1391 C CB   . ILE A 1 91  ? 4.816   10.872  -3.362  1.00 0.00 ? 91  ILE A CB   1 
ATOM 1392 C CG1  . ILE A 1 91  ? 5.955   9.991   -2.891  1.00 0.00 ? 91  ILE A CG1  1 
ATOM 1393 C CG2  . ILE A 1 91  ? 3.829   11.071  -2.194  1.00 0.00 ? 91  ILE A CG2  1 
ATOM 1394 C CD1  . ILE A 1 91  ? 6.822   10.576  -1.764  1.00 0.00 ? 91  ILE A CD1  1 
ATOM 1395 H H    . ILE A 1 91  ? 2.774   11.913  -4.667  1.00 0.00 ? 91  ILE A H    1 
ATOM 1396 H HA   . ILE A 1 91  ? 5.131   10.462  -5.439  1.00 0.00 ? 91  ILE A HA   1 
ATOM 1397 H HB   . ILE A 1 91  ? 5.312   11.795  -3.567  1.00 0.00 ? 91  ILE A HB   1 
ATOM 1398 H HG12 . ILE A 1 91  ? 5.534   9.041   -2.576  1.00 0.00 ? 91  ILE A HG12 1 
ATOM 1399 H HG13 . ILE A 1 91  ? 6.586   9.887   -3.761  1.00 0.00 ? 91  ILE A HG13 1 
ATOM 1400 H HG21 . ILE A 1 91  ? 3.573   10.129  -1.711  1.00 0.00 ? 91  ILE A HG21 1 
ATOM 1401 H HG22 . ILE A 1 91  ? 4.278   11.672  -1.407  1.00 0.00 ? 91  ILE A HG22 1 
ATOM 1402 H HG23 . ILE A 1 91  ? 2.930   11.573  -2.529  1.00 0.00 ? 91  ILE A HG23 1 
ATOM 1403 H HD11 . ILE A 1 91  ? 7.660   9.905   -1.568  1.00 0.00 ? 91  ILE A HD11 1 
ATOM 1404 H HD12 . ILE A 1 91  ? 7.217   11.548  -2.060  1.00 0.00 ? 91  ILE A HD12 1 
ATOM 1405 H HD13 . ILE A 1 91  ? 6.242   10.688  -0.847  1.00 0.00 ? 91  ILE A HD13 1 
ATOM 1406 N N    . THR A 1 92  ? 3.173   8.475   -3.767  1.00 0.00 ? 92  THR A N    1 
ATOM 1407 C CA   . THR A 1 92  ? 2.106   7.509   -3.632  1.00 0.00 ? 92  THR A CA   1 
ATOM 1408 C C    . THR A 1 92  ? 1.861   6.524   -4.791  1.00 0.00 ? 92  THR A C    1 
ATOM 1409 O O    . THR A 1 92  ? 1.475   6.948   -5.877  1.00 0.00 ? 92  THR A O    1 
ATOM 1410 C CB   . THR A 1 92  ? 0.842   8.110   -3.002  1.00 0.00 ? 92  THR A CB   1 
ATOM 1411 O OG1  . THR A 1 92  ? 1.226   9.261   -2.274  1.00 0.00 ? 92  THR A OG1  1 
ATOM 1412 C CG2  . THR A 1 92  ? 0.247   7.111   -2.003  1.00 0.00 ? 92  THR A CG2  1 
ATOM 1413 H H    . THR A 1 92  ? 3.015   9.168   -3.050  1.00 0.00 ? 92  THR A H    1 
ATOM 1414 H HA   . THR A 1 92  ? 2.571   6.974   -2.831  1.00 0.00 ? 92  THR A HA   1 
ATOM 1415 H HB   . THR A 1 92  ? 0.107   8.366   -3.765  1.00 0.00 ? 92  THR A HB   1 
ATOM 1416 H HG1  . THR A 1 92  ? 0.421   9.811   -2.155  1.00 0.00 ? 92  THR A HG1  1 
ATOM 1417 H HG21 . THR A 1 92  ? 0.053   6.146   -2.477  1.00 0.00 ? 92  THR A HG21 1 
ATOM 1418 H HG22 . THR A 1 92  ? 0.946   6.937   -1.188  1.00 0.00 ? 92  THR A HG22 1 
ATOM 1419 H HG23 . THR A 1 92  ? -0.686  7.492   -1.592  1.00 0.00 ? 92  THR A HG23 1 
ATOM 1420 N N    . LEU A 1 93  ? 2.037   5.216   -4.568  1.00 0.00 ? 93  LEU A N    1 
ATOM 1421 C CA   . LEU A 1 93  ? 2.072   4.200   -5.628  1.00 0.00 ? 93  LEU A CA   1 
ATOM 1422 C C    . LEU A 1 93  ? 0.868   3.244   -5.574  1.00 0.00 ? 93  LEU A C    1 
ATOM 1423 O O    . LEU A 1 93  ? 0.670   2.471   -6.511  1.00 0.00 ? 93  LEU A O    1 
ATOM 1424 C CB   . LEU A 1 93  ? 3.372   3.386   -5.610  1.00 0.00 ? 93  LEU A CB   1 
ATOM 1425 C CG   . LEU A 1 93  ? 4.706   4.119   -5.431  1.00 0.00 ? 93  LEU A CG   1 
ATOM 1426 C CD1  . LEU A 1 93  ? 5.000   5.132   -6.529  1.00 0.00 ? 93  LEU A CD1  1 
ATOM 1427 C CD2  . LEU A 1 93  ? 4.970   4.714   -4.046  1.00 0.00 ? 93  LEU A CD2  1 
ATOM 1428 H H    . LEU A 1 93  ? 2.299   4.936   -3.630  1.00 0.00 ? 93  LEU A H    1 
ATOM 1429 H HA   . LEU A 1 93  ? 2.082   4.697   -6.596  1.00 0.00 ? 93  LEU A HA   1 
ATOM 1430 H HB2  . LEU A 1 93  ? 3.315   2.625   -4.847  1.00 0.00 ? 93  LEU A HB2  1 
ATOM 1431 H HB3  . LEU A 1 93  ? 3.423   2.847   -6.558  1.00 0.00 ? 93  LEU A HB3  1 
ATOM 1432 H HG   . LEU A 1 93  ? 5.424   3.335   -5.527  1.00 0.00 ? 93  LEU A HG   1 
ATOM 1433 H HD11 . LEU A 1 93  ? 5.072   4.595   -7.474  1.00 0.00 ? 93  LEU A HD11 1 
ATOM 1434 H HD12 . LEU A 1 93  ? 4.196   5.863   -6.593  1.00 0.00 ? 93  LEU A HD12 1 
ATOM 1435 H HD13 . LEU A 1 93  ? 5.945   5.643   -6.342  1.00 0.00 ? 93  LEU A HD13 1 
ATOM 1436 H HD21 . LEU A 1 93  ? 4.423   5.642   -3.926  1.00 0.00 ? 93  LEU A HD21 1 
ATOM 1437 H HD22 . LEU A 1 93  ? 4.709   3.985   -3.273  1.00 0.00 ? 93  LEU A HD22 1 
ATOM 1438 H HD23 . LEU A 1 93  ? 6.028   4.939   -3.963  1.00 0.00 ? 93  LEU A HD23 1 
ATOM 1439 N N    . GLY A 1 94  ? 0.103   3.248   -4.479  1.00 0.00 ? 94  GLY A N    1 
ATOM 1440 C CA   . GLY A 1 94  ? -1.198  2.593   -4.330  1.00 0.00 ? 94  GLY A CA   1 
ATOM 1441 C C    . GLY A 1 94  ? -1.605  2.585   -2.863  1.00 0.00 ? 94  GLY A C    1 
ATOM 1442 O O    . GLY A 1 94  ? -0.981  3.263   -2.037  1.00 0.00 ? 94  GLY A O    1 
ATOM 1443 H H    . GLY A 1 94  ? 0.474   3.670   -3.636  1.00 0.00 ? 94  GLY A H    1 
ATOM 1444 H HA2  . GLY A 1 94  ? -1.969  3.140   -4.871  1.00 0.00 ? 94  GLY A HA2  1 
ATOM 1445 H HA3  . GLY A 1 94  ? -1.176  1.571   -4.721  1.00 0.00 ? 94  GLY A HA3  1 
ATOM 1446 N N    . VAL A 1 95  ? -2.645  1.819   -2.554  1.00 0.00 ? 95  VAL A N    1 
ATOM 1447 C CA   . VAL A 1 95  ? -3.082  1.481   -1.208  1.00 0.00 ? 95  VAL A CA   1 
ATOM 1448 C C    . VAL A 1 95  ? -3.065  -0.038  -1.109  1.00 0.00 ? 95  VAL A C    1 
ATOM 1449 O O    . VAL A 1 95  ? -3.393  -0.743  -2.063  1.00 0.00 ? 95  VAL A O    1 
ATOM 1450 C CB   . VAL A 1 95  ? -4.490  2.053   -0.905  1.00 0.00 ? 95  VAL A CB   1 
ATOM 1451 C CG1  . VAL A 1 95  ? -4.693  2.181   0.603   1.00 0.00 ? 95  VAL A CG1  1 
ATOM 1452 C CG2  . VAL A 1 95  ? -4.884  3.390   -1.546  1.00 0.00 ? 95  VAL A CG2  1 
ATOM 1453 H H    . VAL A 1 95  ? -3.095  1.287   -3.297  1.00 0.00 ? 95  VAL A H    1 
ATOM 1454 H HA   . VAL A 1 95  ? -2.358  1.822   -0.469  1.00 0.00 ? 95  VAL A HA   1 
ATOM 1455 H HB   . VAL A 1 95  ? -5.218  1.356   -1.291  1.00 0.00 ? 95  VAL A HB   1 
ATOM 1456 H HG11 . VAL A 1 95  ? -4.424  1.252   1.105   1.00 0.00 ? 95  VAL A HG11 1 
ATOM 1457 H HG12 . VAL A 1 95  ? -4.080  2.993   0.987   1.00 0.00 ? 95  VAL A HG12 1 
ATOM 1458 H HG13 . VAL A 1 95  ? -5.740  2.381   0.819   1.00 0.00 ? 95  VAL A HG13 1 
ATOM 1459 H HG21 . VAL A 1 95  ? -4.040  4.065   -1.576  1.00 0.00 ? 95  VAL A HG21 1 
ATOM 1460 H HG22 . VAL A 1 95  ? -5.226  3.213   -2.566  1.00 0.00 ? 95  VAL A HG22 1 
ATOM 1461 H HG23 . VAL A 1 95  ? -5.699  3.849   -0.975  1.00 0.00 ? 95  VAL A HG23 1 
ATOM 1462 N N    . LEU A 1 96  ? -2.649  -0.550  0.042   1.00 0.00 ? 96  LEU A N    1 
ATOM 1463 C CA   . LEU A 1 96  ? -2.654  -1.971  0.327   1.00 0.00 ? 96  LEU A CA   1 
ATOM 1464 C C    . LEU A 1 96  ? -4.054  -2.425  0.729   1.00 0.00 ? 96  LEU A C    1 
ATOM 1465 O O    . LEU A 1 96  ? -4.853  -1.611  1.202   1.00 0.00 ? 96  LEU A O    1 
ATOM 1466 C CB   . LEU A 1 96  ? -1.711  -2.264  1.493   1.00 0.00 ? 96  LEU A CB   1 
ATOM 1467 C CG   . LEU A 1 96  ? -0.199  -2.153  1.285   1.00 0.00 ? 96  LEU A CG   1 
ATOM 1468 C CD1  . LEU A 1 96  ? 0.283   -2.554  -0.110  1.00 0.00 ? 96  LEU A CD1  1 
ATOM 1469 C CD2  . LEU A 1 96  ? 0.263   -0.747  1.613   1.00 0.00 ? 96  LEU A CD2  1 
ATOM 1470 H H    . LEU A 1 96  ? -2.414  0.082   0.800   1.00 0.00 ? 96  LEU A H    1 
ATOM 1471 H HA   . LEU A 1 96  ? -2.339  -2.531  -0.554  1.00 0.00 ? 96  LEU A HA   1 
ATOM 1472 H HB2  . LEU A 1 96  ? -1.997  -1.646  2.342   1.00 0.00 ? 96  LEU A HB2  1 
ATOM 1473 H HB3  . LEU A 1 96  ? -1.902  -3.283  1.768   1.00 0.00 ? 96  LEU A HB3  1 
ATOM 1474 H HG   . LEU A 1 96  ? 0.270   -2.814  2.009   1.00 0.00 ? 96  LEU A HG   1 
ATOM 1475 H HD11 . LEU A 1 96  ? -0.045  -1.818  -0.841  1.00 0.00 ? 96  LEU A HD11 1 
ATOM 1476 H HD12 . LEU A 1 96  ? 1.371   -2.610  -0.120  1.00 0.00 ? 96  LEU A HD12 1 
ATOM 1477 H HD13 . LEU A 1 96  ? -0.133  -3.525  -0.371  1.00 0.00 ? 96  LEU A HD13 1 
ATOM 1478 H HD21 . LEU A 1 96  ? -0.090  -0.463  2.602   1.00 0.00 ? 96  LEU A HD21 1 
ATOM 1479 H HD22 . LEU A 1 96  ? 1.351   -0.719  1.610   1.00 0.00 ? 96  LEU A HD22 1 
ATOM 1480 H HD23 . LEU A 1 96  ? -0.148  -0.045  0.895   1.00 0.00 ? 96  LEU A HD23 1 
ATOM 1481 N N    . VAL A 1 97  ? -4.315  -3.726  0.620   1.00 0.00 ? 97  VAL A N    1 
ATOM 1482 C CA   . VAL A 1 97  ? -5.535  -4.408  1.049   1.00 0.00 ? 97  VAL A CA   1 
ATOM 1483 C C    . VAL A 1 97  ? -5.190  -5.830  1.511   1.00 0.00 ? 97  VAL A C    1 
ATOM 1484 O O    . VAL A 1 97  ? -4.162  -6.364  1.067   1.00 0.00 ? 97  VAL A O    1 
ATOM 1485 C CB   . VAL A 1 97  ? -6.543  -4.444  -0.116  1.00 0.00 ? 97  VAL A CB   1 
ATOM 1486 C CG1  . VAL A 1 97  ? -7.087  -3.037  -0.399  1.00 0.00 ? 97  VAL A CG1  1 
ATOM 1487 C CG2  . VAL A 1 97  ? -5.942  -5.028  -1.412  1.00 0.00 ? 97  VAL A CG2  1 
ATOM 1488 H H    . VAL A 1 97  ? -3.621  -4.345  0.205   1.00 0.00 ? 97  VAL A H    1 
ATOM 1489 H HA   . VAL A 1 97  ? -5.980  -3.877  1.891   1.00 0.00 ? 97  VAL A HA   1 
ATOM 1490 H HB   . VAL A 1 97  ? -7.386  -5.059  0.194   1.00 0.00 ? 97  VAL A HB   1 
ATOM 1491 H HG11 . VAL A 1 97  ? -7.390  -2.574  0.543   1.00 0.00 ? 97  VAL A HG11 1 
ATOM 1492 H HG12 . VAL A 1 97  ? -6.329  -2.417  -0.876  1.00 0.00 ? 97  VAL A HG12 1 
ATOM 1493 H HG13 . VAL A 1 97  ? -7.957  -3.099  -1.050  1.00 0.00 ? 97  VAL A HG13 1 
ATOM 1494 H HG21 . VAL A 1 97  ? -5.580  -6.040  -1.225  1.00 0.00 ? 97  VAL A HG21 1 
ATOM 1495 H HG22 . VAL A 1 97  ? -6.702  -5.079  -2.188  1.00 0.00 ? 97  VAL A HG22 1 
ATOM 1496 H HG23 . VAL A 1 97  ? -5.119  -4.412  -1.775  1.00 0.00 ? 97  VAL A HG23 1 
ATOM 1497 N N    . PRO A 1 98  ? -5.994  -6.459  2.384   1.00 0.00 ? 98  PRO A N    1 
ATOM 1498 C CA   . PRO A 1 98  ? -5.819  -7.865  2.711   1.00 0.00 ? 98  PRO A CA   1 
ATOM 1499 C C    . PRO A 1 98  ? -6.241  -8.688  1.494   1.00 0.00 ? 98  PRO A C    1 
ATOM 1500 O O    . PRO A 1 98  ? -7.379  -8.601  1.049   1.00 0.00 ? 98  PRO A O    1 
ATOM 1501 C CB   . PRO A 1 98  ? -6.669  -8.114  3.957   1.00 0.00 ? 98  PRO A CB   1 
ATOM 1502 C CG   . PRO A 1 98  ? -7.712  -7.002  3.975   1.00 0.00 ? 98  PRO A CG   1 
ATOM 1503 C CD   . PRO A 1 98  ? -7.149  -5.898  3.079   1.00 0.00 ? 98  PRO A CD   1 
ATOM 1504 H HA   . PRO A 1 98  ? -4.775  -8.074  2.942   1.00 0.00 ? 98  PRO A HA   1 
ATOM 1505 H HB2  . PRO A 1 98  ? -7.125  -9.106  3.956   1.00 0.00 ? 98  PRO A HB2  1 
ATOM 1506 H HB3  . PRO A 1 98  ? -6.039  -7.990  4.833   1.00 0.00 ? 98  PRO A HB3  1 
ATOM 1507 H HG2  . PRO A 1 98  ? -8.652  -7.379  3.575   1.00 0.00 ? 98  PRO A HG2  1 
ATOM 1508 H HG3  . PRO A 1 98  ? -7.853  -6.629  4.990   1.00 0.00 ? 98  PRO A HG3  1 
ATOM 1509 H HD2  . PRO A 1 98  ? -7.920  -5.591  2.371   1.00 0.00 ? 98  PRO A HD2  1 
ATOM 1510 H HD3  . PRO A 1 98  ? -6.837  -5.053  3.696   1.00 0.00 ? 98  PRO A HD3  1 
ATOM 1511 N N    . HIS A 1 99  ? -5.304  -9.442  0.921   1.00 0.00 ? 99  HIS A N    1 
ATOM 1512 C CA   . HIS A 1 99  ? -5.568  -10.319 -0.207  1.00 0.00 ? 99  HIS A CA   1 
ATOM 1513 C C    . HIS A 1 99  ? -6.401  -11.507 0.276   1.00 0.00 ? 99  HIS A C    1 
ATOM 1514 O O    . HIS A 1 99  ? -5.912  -12.331 1.056   1.00 0.00 ? 99  HIS A O    1 
ATOM 1515 C CB   . HIS A 1 99  ? -4.246  -10.784 -0.850  1.00 0.00 ? 99  HIS A CB   1 
ATOM 1516 C CG   . HIS A 1 99  ? -4.429  -11.981 -1.748  1.00 0.00 ? 99  HIS A CG   1 
ATOM 1517 N ND1  . HIS A 1 99  ? -3.983  -13.262 -1.495  1.00 0.00 ? 99  HIS A ND1  1 
ATOM 1518 C CD2  . HIS A 1 99  ? -5.203  -12.029 -2.874  1.00 0.00 ? 99  HIS A CD2  1 
ATOM 1519 C CE1  . HIS A 1 99  ? -4.469  -14.064 -2.454  1.00 0.00 ? 99  HIS A CE1  1 
ATOM 1520 N NE2  . HIS A 1 99  ? -5.183  -13.348 -3.335  1.00 0.00 ? 99  HIS A NE2  1 
ATOM 1521 H H    . HIS A 1 99  ? -4.434  -9.570  1.417   1.00 0.00 ? 99  HIS A H    1 
ATOM 1522 H HA   . HIS A 1 99  ? -6.150  -9.774  -0.953  1.00 0.00 ? 99  HIS A HA   1 
ATOM 1523 H HB2  . HIS A 1 99  ? -3.818  -9.971  -1.428  1.00 0.00 ? 99  HIS A HB2  1 
ATOM 1524 H HB3  . HIS A 1 99  ? -3.512  -11.025 -0.088  1.00 0.00 ? 99  HIS A HB3  1 
ATOM 1525 H HD1  . HIS A 1 99  ? -3.467  -13.592 -0.691  1.00 0.00 ? 99  HIS A HD1  1 
ATOM 1526 H HD2  . HIS A 1 99  ? -5.768  -11.218 -3.312  1.00 0.00 ? 99  HIS A HD2  1 
ATOM 1527 H HE1  . HIS A 1 99  ? -4.323  -15.137 -2.499  1.00 0.00 ? 99  HIS A HE1  1 
ATOM 1528 N N    . VAL A 1 100 ? -7.620  -11.620 -0.233  1.00 0.00 ? 100 VAL A N    1 
ATOM 1529 C CA   . VAL A 1 100 ? -8.541  -12.731 -0.093  1.00 0.00 ? 100 VAL A CA   1 
ATOM 1530 C C    . VAL A 1 100 ? -8.971  -13.139 -1.516  1.00 0.00 ? 100 VAL A C    1 
ATOM 1531 O O    . VAL A 1 100 ? -10.124 -12.995 -1.910  1.00 0.00 ? 100 VAL A O    1 
ATOM 1532 C CB   . VAL A 1 100 ? -9.688  -12.327 0.869   1.00 0.00 ? 100 VAL A CB   1 
ATOM 1533 C CG1  . VAL A 1 100 ? -10.735 -13.439 1.049   1.00 0.00 ? 100 VAL A CG1  1 
ATOM 1534 C CG2  . VAL A 1 100 ? -9.131  -11.982 2.263   1.00 0.00 ? 100 VAL A CG2  1 
ATOM 1535 H H    . VAL A 1 100 ? -7.950  -10.877 -0.856  1.00 0.00 ? 100 VAL A H    1 
ATOM 1536 H HA   . VAL A 1 100 ? -8.015  -13.578 0.346   1.00 0.00 ? 100 VAL A HA   1 
ATOM 1537 H HB   . VAL A 1 100 ? -10.197 -11.447 0.475   1.00 0.00 ? 100 VAL A HB   1 
ATOM 1538 H HG11 . VAL A 1 100 ? -10.252 -14.379 1.308   1.00 0.00 ? 100 VAL A HG11 1 
ATOM 1539 H HG12 . VAL A 1 100 ? -11.444 -13.164 1.830   1.00 0.00 ? 100 VAL A HG12 1 
ATOM 1540 H HG13 . VAL A 1 100 ? -11.311 -13.556 0.128   1.00 0.00 ? 100 VAL A HG13 1 
ATOM 1541 H HG21 . VAL A 1 100 ? -8.530  -12.807 2.642   1.00 0.00 ? 100 VAL A HG21 1 
ATOM 1542 H HG22 . VAL A 1 100 ? -8.519  -11.081 2.207   1.00 0.00 ? 100 VAL A HG22 1 
ATOM 1543 H HG23 . VAL A 1 100 ? -9.947  -11.792 2.957   1.00 0.00 ? 100 VAL A HG23 1 
ATOM 1544 N N    . GLY A 1 101 ? -8.029  -13.675 -2.301  1.00 0.00 ? 101 GLY A N    1 
ATOM 1545 C CA   . GLY A 1 101 ? -8.303  -14.486 -3.483  1.00 0.00 ? 101 GLY A CA   1 
ATOM 1546 C C    . GLY A 1 101 ? -8.932  -13.762 -4.667  1.00 0.00 ? 101 GLY A C    1 
ATOM 1547 O O    . GLY A 1 101 ? -9.483  -14.418 -5.543  1.00 0.00 ? 101 GLY A O    1 
ATOM 1548 H H    . GLY A 1 101 ? -7.067  -13.637 -1.994  1.00 0.00 ? 101 GLY A H    1 
ATOM 1549 H HA2  . GLY A 1 101 ? -7.371  -14.936 -3.819  1.00 0.00 ? 101 GLY A HA2  1 
ATOM 1550 H HA3  . GLY A 1 101 ? -8.966  -15.294 -3.194  1.00 0.00 ? 101 GLY A HA3  1 
ATOM 1551 N N    . GLU A 1 102 ? -8.841  -12.435 -4.730  1.00 0.00 ? 102 GLU A N    1 
ATOM 1552 C CA   . GLU A 1 102 ? -9.682  -11.584 -5.580  1.00 0.00 ? 102 GLU A CA   1 
ATOM 1553 C C    . GLU A 1 102 ? -9.361  -11.596 -7.069  1.00 0.00 ? 102 GLU A C    1 
ATOM 1554 O O    . GLU A 1 102 ? -10.007 -10.910 -7.859  1.00 0.00 ? 102 GLU A O    1 
ATOM 1555 C CB   . GLU A 1 102 ? -9.617  -10.166 -5.037  1.00 0.00 ? 102 GLU A CB   1 
ATOM 1556 C CG   . GLU A 1 102 ? -10.169 -10.195 -3.619  1.00 0.00 ? 102 GLU A CG   1 
ATOM 1557 C CD   . GLU A 1 102 ? -9.106  -10.064 -2.541  1.00 0.00 ? 102 GLU A CD   1 
ATOM 1558 O OE1  . GLU A 1 102 ? -7.969  -10.528 -2.753  1.00 0.00 ? 102 GLU A OE1  1 
ATOM 1559 O OE2  . GLU A 1 102 ? -9.439  -9.546  -1.453  1.00 0.00 ? 102 GLU A OE2  1 
ATOM 1560 H H    . GLU A 1 102 ? -8.378  -11.956 -3.961  1.00 0.00 ? 102 GLU A H    1 
ATOM 1561 H HA   . GLU A 1 102 ? -10.698 -11.950 -5.487  1.00 0.00 ? 102 GLU A HA   1 
ATOM 1562 H HB2  . GLU A 1 102 ? -8.600  -9.781  -5.071  1.00 0.00 ? 102 GLU A HB2  1 
ATOM 1563 H HB3  . GLU A 1 102 ? -10.233 -9.506  -5.635  1.00 0.00 ? 102 GLU A HB3  1 
ATOM 1564 H HG2  . GLU A 1 102 ? -10.862 -9.397  -3.556  1.00 0.00 ? 102 GLU A HG2  1 
ATOM 1565 H HG3  . GLU A 1 102 ? -10.762 -11.086 -3.436  1.00 0.00 ? 102 GLU A HG3  1 
ATOM 1566 N N    . THR A 1 103 ? -8.368  -12.393 -7.417  1.00 0.00 ? 103 THR A N    1 
ATOM 1567 C CA   . THR A 1 103 ? -7.772  -12.646 -8.714  1.00 0.00 ? 103 THR A CA   1 
ATOM 1568 C C    . THR A 1 103 ? -7.000  -11.409 -9.206  1.00 0.00 ? 103 THR A C    1 
ATOM 1569 O O    . THR A 1 103 ? -7.600  -10.438 -9.673  1.00 0.00 ? 103 THR A O    1 
ATOM 1570 C CB   . THR A 1 103 ? -8.849  -13.125 -9.682  1.00 0.00 ? 103 THR A CB   1 
ATOM 1571 O OG1  . THR A 1 103 ? -9.370  -14.391 -9.321  1.00 0.00 ? 103 THR A OG1  1 
ATOM 1572 C CG2  . THR A 1 103 ? -8.347  -13.208 -11.123 1.00 0.00 ? 103 THR A CG2  1 
ATOM 1573 H H    . THR A 1 103 ? -8.122  -12.939 -6.623  1.00 0.00 ? 103 THR A H    1 
ATOM 1574 H HA   . THR A 1 103 ? -7.078  -13.473 -8.599  1.00 0.00 ? 103 THR A HA   1 
ATOM 1575 H HB   . THR A 1 103 ? -9.658  -12.420 -9.609  1.00 0.00 ? 103 THR A HB   1 
ATOM 1576 H HG1  . THR A 1 103 ? -8.624  -14.997 -9.174  1.00 0.00 ? 103 THR A HG1  1 
ATOM 1577 H HG21 . THR A 1 103 ? -7.402  -13.748 -11.153 1.00 0.00 ? 103 THR A HG21 1 
ATOM 1578 H HG22 . THR A 1 103 ? -9.078  -13.721 -11.740 1.00 0.00 ? 103 THR A HG22 1 
ATOM 1579 H HG23 . THR A 1 103 ? -8.192  -12.202 -11.520 1.00 0.00 ? 103 THR A HG23 1 
ATOM 1580 N N    . PRO A 1 104 ? -5.661  -11.406 -9.100  1.00 0.00 ? 104 PRO A N    1 
ATOM 1581 C CA   . PRO A 1 104 ? -4.863  -10.322 -9.623  1.00 0.00 ? 104 PRO A CA   1 
ATOM 1582 C C    . PRO A 1 104 ? -4.928  -10.217 -11.137 1.00 0.00 ? 104 PRO A C    1 
ATOM 1583 O O    . PRO A 1 104 ? -5.187  -11.180 -11.863 1.00 0.00 ? 104 PRO A O    1 
ATOM 1584 C CB   . PRO A 1 104 ? -3.433  -10.548 -9.133  1.00 0.00 ? 104 PRO A CB   1 
ATOM 1585 C CG   . PRO A 1 104 ? -3.390  -12.019 -8.734  1.00 0.00 ? 104 PRO A CG   1 
ATOM 1586 C CD   . PRO A 1 104 ? -4.833  -12.328 -8.352  1.00 0.00 ? 104 PRO A CD   1 
ATOM 1587 H HA   . PRO A 1 104 ? -5.252  -9.396  -9.208  1.00 0.00 ? 104 PRO A HA   1 
ATOM 1588 H HB2  . PRO A 1 104 ? -2.688  -10.324 -9.895  1.00 0.00 ? 104 PRO A HB2  1 
ATOM 1589 H HB3  . PRO A 1 104 ? -3.269  -9.917  -8.267  1.00 0.00 ? 104 PRO A HB3  1 
ATOM 1590 H HG2  . PRO A 1 104 ? -3.121  -12.624 -9.595  1.00 0.00 ? 104 PRO A HG2  1 
ATOM 1591 H HG3  . PRO A 1 104 ? -2.697  -12.202 -7.912  1.00 0.00 ? 104 PRO A HG3  1 
ATOM 1592 H HD2  . PRO A 1 104 ? -5.049  -13.370 -8.571  1.00 0.00 ? 104 PRO A HD2  1 
ATOM 1593 H HD3  . PRO A 1 104 ? -4.995  -12.125 -7.298  1.00 0.00 ? 104 PRO A HD3  1 
ATOM 1594 N N    . ILE A 1 105 ? -4.598  -9.015  -11.591 1.00 0.00 ? 105 ILE A N    1 
ATOM 1595 C CA   . ILE A 1 105 ? -4.402  -8.652  -12.985 1.00 0.00 ? 105 ILE A CA   1 
ATOM 1596 C C    . ILE A 1 105 ? -2.914  -8.398  -13.264 1.00 0.00 ? 105 ILE A C    1 
ATOM 1597 O O    . ILE A 1 105 ? -2.494  -8.357  -14.423 1.00 0.00 ? 105 ILE A O    1 
ATOM 1598 C CB   . ILE A 1 105 ? -5.258  -7.404  -13.303 1.00 0.00 ? 105 ILE A CB   1 
ATOM 1599 C CG1  . ILE A 1 105 ? -4.949  -6.221  -12.343 1.00 0.00 ? 105 ILE A CG1  1 
ATOM 1600 C CG2  . ILE A 1 105 ? -6.754  -7.779  -13.371 1.00 0.00 ? 105 ILE A CG2  1 
ATOM 1601 C CD1  . ILE A 1 105 ? -5.936  -6.029  -11.186 1.00 0.00 ? 105 ILE A CD1  1 
ATOM 1602 H H    . ILE A 1 105 ? -4.461  -8.292  -10.892 1.00 0.00 ? 105 ILE A H    1 
ATOM 1603 H HA   . ILE A 1 105 ? -4.726  -9.471  -13.630 1.00 0.00 ? 105 ILE A HA   1 
ATOM 1604 H HB   . ILE A 1 105 ? -4.982  -7.074  -14.303 1.00 0.00 ? 105 ILE A HB   1 
ATOM 1605 H HG12 . ILE A 1 105 ? -3.953  -6.320  -11.918 1.00 0.00 ? 105 ILE A HG12 1 
ATOM 1606 H HG13 . ILE A 1 105 ? -4.927  -5.302  -12.923 1.00 0.00 ? 105 ILE A HG13 1 
ATOM 1607 H HG21 . ILE A 1 105 ? -6.916  -8.524  -14.152 1.00 0.00 ? 105 ILE A HG21 1 
ATOM 1608 H HG22 . ILE A 1 105 ? -7.102  -8.204  -12.427 1.00 0.00 ? 105 ILE A HG22 1 
ATOM 1609 H HG23 . ILE A 1 105 ? -7.358  -6.903  -13.604 1.00 0.00 ? 105 ILE A HG23 1 
ATOM 1610 H HD11 . ILE A 1 105 ? -5.542  -5.294  -10.487 1.00 0.00 ? 105 ILE A HD11 1 
ATOM 1611 H HD12 . ILE A 1 105 ? -6.870  -5.653  -11.591 1.00 0.00 ? 105 ILE A HD12 1 
ATOM 1612 H HD13 . ILE A 1 105 ? -6.116  -6.970  -10.663 1.00 0.00 ? 105 ILE A HD13 1 
ATOM 1613 N N    . ALA A 1 106 ? -2.106  -8.191  -12.222 1.00 0.00 ? 106 ALA A N    1 
ATOM 1614 C CA   . ALA A 1 106 ? -0.726  -7.745  -12.283 1.00 0.00 ? 106 ALA A CA   1 
ATOM 1615 C C    . ALA A 1 106 ? -0.084  -7.963  -10.915 1.00 0.00 ? 106 ALA A C    1 
ATOM 1616 O O    . ALA A 1 106 ? -0.768  -8.318  -9.956  1.00 0.00 ? 106 ALA A O    1 
ATOM 1617 C CB   . ALA A 1 106 ? -0.707  -6.251  -12.656 1.00 0.00 ? 106 ALA A CB   1 
ATOM 1618 H H    . ALA A 1 106 ? -2.461  -8.324  -11.282 1.00 0.00 ? 106 ALA A H    1 
ATOM 1619 H HA   . ALA A 1 106 ? -0.175  -8.335  -13.017 1.00 0.00 ? 106 ALA A HA   1 
ATOM 1620 H HB1  . ALA A 1 106 ? 0.267   -5.820  -12.448 1.00 0.00 ? 106 ALA A HB1  1 
ATOM 1621 H HB2  . ALA A 1 106 ? -0.930  -6.127  -13.715 1.00 0.00 ? 106 ALA A HB2  1 
ATOM 1622 H HB3  . ALA A 1 106 ? -1.445  -5.701  -12.075 1.00 0.00 ? 106 ALA A HB3  1 
ATOM 1623 N N    . TYR A 1 107 ? 1.223   -7.724  -10.821 1.00 0.00 ? 107 TYR A N    1 
ATOM 1624 C CA   . TYR A 1 107 ? 2.026   -7.730  -9.606  1.00 0.00 ? 107 TYR A CA   1 
ATOM 1625 C C    . TYR A 1 107 ? 2.867   -6.450  -9.592  1.00 0.00 ? 107 TYR A C    1 
ATOM 1626 O O    . TYR A 1 107 ? 3.227   -5.923  -10.647 1.00 0.00 ? 107 TYR A O    1 
ATOM 1627 C CB   . TYR A 1 107 ? 2.915   -8.991  -9.549  1.00 0.00 ? 107 TYR A CB   1 
ATOM 1628 C CG   . TYR A 1 107 ? 2.273   -10.209 -8.901  1.00 0.00 ? 107 TYR A CG   1 
ATOM 1629 C CD1  . TYR A 1 107 ? 1.111   -10.778 -9.452  1.00 0.00 ? 107 TYR A CD1  1 
ATOM 1630 C CD2  . TYR A 1 107 ? 2.829   -10.771 -7.732  1.00 0.00 ? 107 TYR A CD2  1 
ATOM 1631 C CE1  . TYR A 1 107 ? 0.482   -11.856 -8.813  1.00 0.00 ? 107 TYR A CE1  1 
ATOM 1632 C CE2  . TYR A 1 107 ? 2.234   -11.890 -7.119  1.00 0.00 ? 107 TYR A CE2  1 
ATOM 1633 C CZ   . TYR A 1 107 ? 1.052   -12.440 -7.664  1.00 0.00 ? 107 TYR A CZ   1 
ATOM 1634 O OH   . TYR A 1 107 ? 0.433   -13.508 -7.092  1.00 0.00 ? 107 TYR A OH   1 
ATOM 1635 H H    . TYR A 1 107 ? 1.705   -7.439  -11.664 1.00 0.00 ? 107 TYR A H    1 
ATOM 1636 H HA   . TYR A 1 107 ? 1.370   -7.725  -8.739  1.00 0.00 ? 107 TYR A HA   1 
ATOM 1637 H HB2  . TYR A 1 107 ? 3.230   -9.257  -10.557 1.00 0.00 ? 107 TYR A HB2  1 
ATOM 1638 H HB3  . TYR A 1 107 ? 3.816   -8.746  -8.985  1.00 0.00 ? 107 TYR A HB3  1 
ATOM 1639 H HD1  . TYR A 1 107 ? 0.669   -10.391 -10.356 1.00 0.00 ? 107 TYR A HD1  1 
ATOM 1640 H HD2  . TYR A 1 107 ? 3.724   -10.352 -7.300  1.00 0.00 ? 107 TYR A HD2  1 
ATOM 1641 H HE1  . TYR A 1 107 ? -0.442  -12.240 -9.210  1.00 0.00 ? 107 TYR A HE1  1 
ATOM 1642 H HE2  . TYR A 1 107 ? 2.681   -12.316 -6.231  1.00 0.00 ? 107 TYR A HE2  1 
ATOM 1643 H HH   . TYR A 1 107 ? 0.981   -14.047 -6.500  1.00 0.00 ? 107 TYR A HH   1 
ATOM 1644 N N    . ARG A 1 108 ? 3.209   -5.949  -8.406  1.00 0.00 ? 108 ARG A N    1 
ATOM 1645 C CA   . ARG A 1 108 ? 3.931   -4.696  -8.192  1.00 0.00 ? 108 ARG A CA   1 
ATOM 1646 C C    . ARG A 1 108 ? 5.022   -4.919  -7.169  1.00 0.00 ? 108 ARG A C    1 
ATOM 1647 O O    . ARG A 1 108 ? 4.747   -5.063  -5.974  1.00 0.00 ? 108 ARG A O    1 
ATOM 1648 C CB   . ARG A 1 108 ? 2.978   -3.595  -7.748  1.00 0.00 ? 108 ARG A CB   1 
ATOM 1649 C CG   . ARG A 1 108 ? 2.360   -2.860  -8.936  1.00 0.00 ? 108 ARG A CG   1 
ATOM 1650 C CD   . ARG A 1 108 ? 3.189   -1.673  -9.435  1.00 0.00 ? 108 ARG A CD   1 
ATOM 1651 N NE   . ARG A 1 108 ? 2.330   -0.707  -10.132 1.00 0.00 ? 108 ARG A NE   1 
ATOM 1652 C CZ   . ARG A 1 108 ? 1.652   0.313   -9.588  1.00 0.00 ? 108 ARG A CZ   1 
ATOM 1653 N NH1  . ARG A 1 108 ? 1.818   0.636   -8.305  1.00 0.00 ? 108 ARG A NH1  1 
ATOM 1654 N NH2  . ARG A 1 108 ? 0.829   1.019   -10.348 1.00 0.00 ? 108 ARG A NH2  1 
ATOM 1655 H H    . ARG A 1 108 ? 2.895   -6.460  -7.584  1.00 0.00 ? 108 ARG A H    1 
ATOM 1656 H HA   . ARG A 1 108 ? 4.371   -4.353  -9.124  1.00 0.00 ? 108 ARG A HA   1 
ATOM 1657 H HB2  . ARG A 1 108 ? 2.196   -4.034  -7.131  1.00 0.00 ? 108 ARG A HB2  1 
ATOM 1658 H HB3  . ARG A 1 108 ? 3.518   -2.869  -7.146  1.00 0.00 ? 108 ARG A HB3  1 
ATOM 1659 H HG2  . ARG A 1 108 ? 2.168   -3.543  -9.762  1.00 0.00 ? 108 ARG A HG2  1 
ATOM 1660 H HG3  . ARG A 1 108 ? 1.413   -2.478  -8.597  1.00 0.00 ? 108 ARG A HG3  1 
ATOM 1661 H HD2  . ARG A 1 108 ? 3.686   -1.182  -8.603  1.00 0.00 ? 108 ARG A HD2  1 
ATOM 1662 H HD3  . ARG A 1 108 ? 3.955   -2.039  -10.114 1.00 0.00 ? 108 ARG A HD3  1 
ATOM 1663 H HE   . ARG A 1 108 ? 2.063   -0.990  -11.069 1.00 0.00 ? 108 ARG A HE   1 
ATOM 1664 H HH11 . ARG A 1 108 ? 2.432   0.084   -7.717  1.00 0.00 ? 108 ARG A HH11 1 
ATOM 1665 H HH12 . ARG A 1 108 ? 1.266   1.369   -7.855  1.00 0.00 ? 108 ARG A HH12 1 
ATOM 1666 H HH21 . ARG A 1 108 ? 0.657   0.716   -11.312 1.00 0.00 ? 108 ARG A HH21 1 
ATOM 1667 H HH22 . ARG A 1 108 ? 0.307   1.824   -10.023 1.00 0.00 ? 108 ARG A HH22 1 
ATOM 1668 N N    . ASN A 1 109 ? 6.259   -4.944  -7.649  1.00 0.00 ? 109 ASN A N    1 
ATOM 1669 C CA   . ASN A 1 109 ? 7.434   -4.971  -6.782  1.00 0.00 ? 109 ASN A CA   1 
ATOM 1670 C C    . ASN A 1 109 ? 7.736   -3.588  -6.232  1.00 0.00 ? 109 ASN A C    1 
ATOM 1671 O O    . ASN A 1 109 ? 7.456   -2.581  -6.884  1.00 0.00 ? 109 ASN A O    1 
ATOM 1672 C CB   . ASN A 1 109 ? 8.679   -5.552  -7.469  1.00 0.00 ? 109 ASN A CB   1 
ATOM 1673 C CG   . ASN A 1 109 ? 9.336   -4.611  -8.485  1.00 0.00 ? 109 ASN A CG   1 
ATOM 1674 O OD1  . ASN A 1 109 ? 9.795   -3.520  -8.160  1.00 0.00 ? 109 ASN A OD1  1 
ATOM 1675 N ND2  . ASN A 1 109 ? 9.425   -5.010  -9.733  1.00 0.00 ? 109 ASN A ND2  1 
ATOM 1676 H H    . ASN A 1 109 ? 6.332   -4.738  -8.632  1.00 0.00 ? 109 ASN A H    1 
ATOM 1677 H HA   . ASN A 1 109 ? 7.203   -5.606  -5.937  1.00 0.00 ? 109 ASN A HA   1 
ATOM 1678 H HB2  . ASN A 1 109 ? 9.400   -5.777  -6.686  1.00 0.00 ? 109 ASN A HB2  1 
ATOM 1679 H HB3  . ASN A 1 109 ? 8.421   -6.507  -7.927  1.00 0.00 ? 109 ASN A HB3  1 
ATOM 1680 H HD21 . ASN A 1 109 ? 9.174   -5.969  -9.937  1.00 0.00 ? 109 ASN A HD21 1 
ATOM 1681 H HD22 . ASN A 1 109 ? 9.844   -4.431  -10.457 1.00 0.00 ? 109 ASN A HD22 1 
ATOM 1682 N N    . VAL A 1 110 ? 8.402   -3.578  -5.082  1.00 0.00 ? 110 VAL A N    1 
ATOM 1683 C CA   . VAL A 1 110 ? 8.962   -2.431  -4.384  1.00 0.00 ? 110 VAL A CA   1 
ATOM 1684 C C    . VAL A 1 110 ? 10.217  -2.908  -3.634  1.00 0.00 ? 110 VAL A C    1 
ATOM 1685 O O    . VAL A 1 110 ? 10.561  -4.092  -3.686  1.00 0.00 ? 110 VAL A O    1 
ATOM 1686 C CB   . VAL A 1 110 ? 7.904   -1.836  -3.428  1.00 0.00 ? 110 VAL A CB   1 
ATOM 1687 C CG1  . VAL A 1 110 ? 6.724   -1.231  -4.198  1.00 0.00 ? 110 VAL A CG1  1 
ATOM 1688 C CG2  . VAL A 1 110 ? 7.366   -2.852  -2.403  1.00 0.00 ? 110 VAL A CG2  1 
ATOM 1689 H H    . VAL A 1 110 ? 8.574   -4.469  -4.618  1.00 0.00 ? 110 VAL A H    1 
ATOM 1690 H HA   . VAL A 1 110 ? 9.253   -1.675  -5.113  1.00 0.00 ? 110 VAL A HA   1 
ATOM 1691 H HB   . VAL A 1 110 ? 8.383   -1.023  -2.883  1.00 0.00 ? 110 VAL A HB   1 
ATOM 1692 H HG11 . VAL A 1 110 ? 6.177   -2.010  -4.722  1.00 0.00 ? 110 VAL A HG11 1 
ATOM 1693 H HG12 . VAL A 1 110 ? 6.031   -0.746  -3.519  1.00 0.00 ? 110 VAL A HG12 1 
ATOM 1694 H HG13 . VAL A 1 110 ? 7.081   -0.508  -4.932  1.00 0.00 ? 110 VAL A HG13 1 
ATOM 1695 H HG21 . VAL A 1 110 ? 8.180   -3.277  -1.814  1.00 0.00 ? 110 VAL A HG21 1 
ATOM 1696 H HG22 . VAL A 1 110 ? 6.677   -2.354  -1.721  1.00 0.00 ? 110 VAL A HG22 1 
ATOM 1697 H HG23 . VAL A 1 110 ? 6.837   -3.666  -2.898  1.00 0.00 ? 110 VAL A HG23 1 
ATOM 1698 N N    . LEU A 1 111 ? 10.921  -2.018  -2.939  1.00 0.00 ? 111 LEU A N    1 
ATOM 1699 C CA   . LEU A 1 111 ? 11.788  -2.376  -1.819  1.00 0.00 ? 111 LEU A CA   1 
ATOM 1700 C C    . LEU A 1 111 ? 11.061  -1.990  -0.519  1.00 0.00 ? 111 LEU A C    1 
ATOM 1701 O O    . LEU A 1 111 ? 10.071  -1.253  -0.564  1.00 0.00 ? 111 LEU A O    1 
ATOM 1702 C CB   . LEU A 1 111 ? 13.099  -1.571  -1.905  1.00 0.00 ? 111 LEU A CB   1 
ATOM 1703 C CG   . LEU A 1 111 ? 14.245  -1.948  -2.848  1.00 0.00 ? 111 LEU A CG   1 
ATOM 1704 C CD1  . LEU A 1 111 ? 15.039  -3.172  -2.411  1.00 0.00 ? 111 LEU A CD1  1 
ATOM 1705 C CD2  . LEU A 1 111 ? 13.802  -2.081  -4.304  1.00 0.00 ? 111 LEU A CD2  1 
ATOM 1706 H H    . LEU A 1 111 ? 10.673  -1.045  -2.974  1.00 0.00 ? 111 LEU A H    1 
ATOM 1707 H HA   . LEU A 1 111 ? 11.964  -3.456  -1.819  1.00 0.00 ? 111 LEU A HA   1 
ATOM 1708 H HB2  . LEU A 1 111 ? 12.809  -0.585  -2.223  1.00 0.00 ? 111 LEU A HB2  1 
ATOM 1709 H HB3  . LEU A 1 111 ? 13.525  -1.482  -0.906  1.00 0.00 ? 111 LEU A HB3  1 
ATOM 1710 H HG   . LEU A 1 111 ? 14.919  -1.102  -2.798  1.00 0.00 ? 111 LEU A HG   1 
ATOM 1711 H HD11 . LEU A 1 111 ? 14.435  -4.064  -2.481  1.00 0.00 ? 111 LEU A HD11 1 
ATOM 1712 H HD12 . LEU A 1 111 ? 15.922  -3.291  -3.040  1.00 0.00 ? 111 LEU A HD12 1 
ATOM 1713 H HD13 . LEU A 1 111 ? 15.375  -3.046  -1.386  1.00 0.00 ? 111 LEU A HD13 1 
ATOM 1714 H HD21 . LEU A 1 111 ? 14.664  -2.297  -4.935  1.00 0.00 ? 111 LEU A HD21 1 
ATOM 1715 H HD22 . LEU A 1 111 ? 13.095  -2.900  -4.389  1.00 0.00 ? 111 LEU A HD22 1 
ATOM 1716 H HD23 . LEU A 1 111 ? 13.325  -1.158  -4.633  1.00 0.00 ? 111 LEU A HD23 1 
ATOM 1717 N N    . LEU A 1 112 ? 11.577  -2.438  0.629   1.00 0.00 ? 112 LEU A N    1 
ATOM 1718 C CA   . LEU A 1 112 ? 11.048  -2.319  1.982   1.00 0.00 ? 112 LEU A CA   1 
ATOM 1719 C C    . LEU A 1 112 ? 12.213  -1.990  2.925   1.00 0.00 ? 112 LEU A C    1 
ATOM 1720 O O    . LEU A 1 112 ? 13.139  -2.790  3.089   1.00 0.00 ? 112 LEU A O    1 
ATOM 1721 C CB   . LEU A 1 112 ? 10.403  -3.656  2.408   1.00 0.00 ? 112 LEU A CB   1 
ATOM 1722 C CG   . LEU A 1 112 ? 9.330   -3.607  3.525   1.00 0.00 ? 112 LEU A CG   1 
ATOM 1723 C CD1  . LEU A 1 112 ? 9.382   -2.387  4.451   1.00 0.00 ? 112 LEU A CD1  1 
ATOM 1724 C CD2  . LEU A 1 112 ? 7.932   -3.712  2.918   1.00 0.00 ? 112 LEU A CD2  1 
ATOM 1725 H H    . LEU A 1 112 ? 12.394  -3.036  0.557   1.00 0.00 ? 112 LEU A H    1 
ATOM 1726 H HA   . LEU A 1 112 ? 10.303  -1.521  2.005   1.00 0.00 ? 112 LEU A HA   1 
ATOM 1727 H HB2  . LEU A 1 112 ? 9.998   -4.156  1.527   1.00 0.00 ? 112 LEU A HB2  1 
ATOM 1728 H HB3  . LEU A 1 112 ? 11.192  -4.318  2.757   1.00 0.00 ? 112 LEU A HB3  1 
ATOM 1729 H HG   . LEU A 1 112 ? 9.470   -4.492  4.145   1.00 0.00 ? 112 LEU A HG   1 
ATOM 1730 H HD11 . LEU A 1 112 ? 10.341  -2.364  4.958   1.00 0.00 ? 112 LEU A HD11 1 
ATOM 1731 H HD12 . LEU A 1 112 ? 9.223   -1.455  3.906   1.00 0.00 ? 112 LEU A HD12 1 
ATOM 1732 H HD13 . LEU A 1 112 ? 8.609   -2.475  5.215   1.00 0.00 ? 112 LEU A HD13 1 
ATOM 1733 H HD21 . LEU A 1 112 ? 7.186   -3.703  3.713   1.00 0.00 ? 112 LEU A HD21 1 
ATOM 1734 H HD22 . LEU A 1 112 ? 7.762   -2.887  2.234   1.00 0.00 ? 112 LEU A HD22 1 
ATOM 1735 H HD23 . LEU A 1 112 ? 7.846   -4.650  2.377   1.00 0.00 ? 112 LEU A HD23 1 
ATOM 1736 N N    . ARG A 1 113 ? 12.182  -0.801  3.525   1.00 0.00 ? 113 ARG A N    1 
ATOM 1737 C CA   . ARG A 1 113 ? 13.115  -0.316  4.539   1.00 0.00 ? 113 ARG A CA   1 
ATOM 1738 C C    . ARG A 1 113 ? 13.302  -1.344  5.642   1.00 0.00 ? 113 ARG A C    1 
ATOM 1739 O O    . ARG A 1 113 ? 12.328  -1.756  6.279   1.00 0.00 ? 113 ARG A O    1 
ATOM 1740 C CB   . ARG A 1 113 ? 12.558  0.970   5.156   1.00 0.00 ? 113 ARG A CB   1 
ATOM 1741 C CG   . ARG A 1 113 ? 13.033  2.226   4.425   1.00 0.00 ? 113 ARG A CG   1 
ATOM 1742 C CD   . ARG A 1 113 ? 12.165  3.405   4.846   1.00 0.00 ? 113 ARG A CD   1 
ATOM 1743 N NE   . ARG A 1 113 ? 12.942  4.637   5.043   1.00 0.00 ? 113 ARG A NE   1 
ATOM 1744 C CZ   . ARG A 1 113 ? 12.820  5.478   6.075   1.00 0.00 ? 113 ARG A CZ   1 
ATOM 1745 N NH1  . ARG A 1 113 ? 11.842  5.329   6.966   1.00 0.00 ? 113 ARG A NH1  1 
ATOM 1746 N NH2  . ARG A 1 113 ? 13.669  6.483   6.228   1.00 0.00 ? 113 ARG A NH2  1 
ATOM 1747 H H    . ARG A 1 113 ? 11.489  -0.148  3.182   1.00 0.00 ? 113 ARG A H    1 
ATOM 1748 H HA   . ARG A 1 113 ? 14.081  -0.106  4.069   1.00 0.00 ? 113 ARG A HA   1 
ATOM 1749 H HB2  . ARG A 1 113 ? 11.467  0.923   5.164   1.00 0.00 ? 113 ARG A HB2  1 
ATOM 1750 H HB3  . ARG A 1 113 ? 12.888  1.049   6.196   1.00 0.00 ? 113 ARG A HB3  1 
ATOM 1751 H HG2  . ARG A 1 113 ? 14.075  2.403   4.677   1.00 0.00 ? 113 ARG A HG2  1 
ATOM 1752 H HG3  . ARG A 1 113 ? 12.950  2.100   3.351   1.00 0.00 ? 113 ARG A HG3  1 
ATOM 1753 H HD2  . ARG A 1 113 ? 11.400  3.552   4.088   1.00 0.00 ? 113 ARG A HD2  1 
ATOM 1754 H HD3  . ARG A 1 113 ? 11.689  3.129   5.779   1.00 0.00 ? 113 ARG A HD3  1 
ATOM 1755 H HE   . ARG A 1 113 ? 13.686  4.792   4.362   1.00 0.00 ? 113 ARG A HE   1 
ATOM 1756 H HH11 . ARG A 1 113 ? 11.173  4.570   6.884   1.00 0.00 ? 113 ARG A HH11 1 
ATOM 1757 H HH12 . ARG A 1 113 ? 11.736  5.974   7.735   1.00 0.00 ? 113 ARG A HH12 1 
ATOM 1758 H HH21 . ARG A 1 113 ? 14.508  6.625   5.662   1.00 0.00 ? 113 ARG A HH21 1 
ATOM 1759 H HH22 . ARG A 1 113 ? 13.488  7.203   6.924   1.00 0.00 ? 113 ARG A HH22 1 
ATOM 1760 N N    . LYS A 1 114 ? 14.547  -1.719  5.910   1.00 0.00 ? 114 LYS A N    1 
ATOM 1761 C CA   . LYS A 1 114 ? 14.912  -2.548  7.045   1.00 0.00 ? 114 LYS A CA   1 
ATOM 1762 C C    . LYS A 1 114 ? 16.235  -2.021  7.554   1.00 0.00 ? 114 LYS A C    1 
ATOM 1763 O O    . LYS A 1 114 ? 17.265  -2.208  6.910   1.00 0.00 ? 114 LYS A O    1 
ATOM 1764 C CB   . LYS A 1 114 ? 14.984  -4.027  6.641   1.00 0.00 ? 114 LYS A CB   1 
ATOM 1765 C CG   . LYS A 1 114 ? 13.580  -4.647  6.568   1.00 0.00 ? 114 LYS A CG   1 
ATOM 1766 C CD   . LYS A 1 114 ? 13.579  -6.147  6.870   1.00 0.00 ? 114 LYS A CD   1 
ATOM 1767 C CE   . LYS A 1 114 ? 12.234  -6.724  6.420   1.00 0.00 ? 114 LYS A CE   1 
ATOM 1768 N NZ   . LYS A 1 114 ? 12.216  -8.199  6.421   1.00 0.00 ? 114 LYS A NZ   1 
ATOM 1769 H H    . LYS A 1 114 ? 15.301  -1.258  5.418   1.00 0.00 ? 114 LYS A H    1 
ATOM 1770 H HA   . LYS A 1 114 ? 14.164  -2.420  7.833   1.00 0.00 ? 114 LYS A HA   1 
ATOM 1771 H HB2  . LYS A 1 114 ? 15.496  -4.131  5.684   1.00 0.00 ? 114 LYS A HB2  1 
ATOM 1772 H HB3  . LYS A 1 114 ? 15.578  -4.549  7.380   1.00 0.00 ? 114 LYS A HB3  1 
ATOM 1773 H HG2  . LYS A 1 114 ? 12.925  -4.173  7.298   1.00 0.00 ? 114 LYS A HG2  1 
ATOM 1774 H HG3  . LYS A 1 114 ? 13.175  -4.465  5.572   1.00 0.00 ? 114 LYS A HG3  1 
ATOM 1775 H HD2  . LYS A 1 114 ? 14.406  -6.630  6.356   1.00 0.00 ? 114 LYS A HD2  1 
ATOM 1776 H HD3  . LYS A 1 114 ? 13.703  -6.299  7.943   1.00 0.00 ? 114 LYS A HD3  1 
ATOM 1777 H HE2  . LYS A 1 114 ? 11.451  -6.356  7.090   1.00 0.00 ? 114 LYS A HE2  1 
ATOM 1778 H HE3  . LYS A 1 114 ? 12.001  -6.371  5.414   1.00 0.00 ? 114 LYS A HE3  1 
ATOM 1779 H HZ1  . LYS A 1 114 ? 11.277  -8.536  6.240   1.00 0.00 ? 114 LYS A HZ1  1 
ATOM 1780 H HZ2  . LYS A 1 114 ? 12.826  -8.593  5.712   1.00 0.00 ? 114 LYS A HZ2  1 
ATOM 1781 H HZ3  . LYS A 1 114 ? 12.530  -8.563  7.314   1.00 0.00 ? 114 LYS A HZ3  1 
ATOM 1782 N N    . ASN A 1 115 ? 16.174  -1.318  8.684   1.00 0.00 ? 115 ASN A N    1 
ATOM 1783 C CA   . ASN A 1 115 ? 17.316  -0.624  9.272   1.00 0.00 ? 115 ASN A CA   1 
ATOM 1784 C C    . ASN A 1 115 ? 18.354  -1.666  9.671   1.00 0.00 ? 115 ASN A C    1 
ATOM 1785 O O    . ASN A 1 115 ? 19.520  -1.578  9.295   1.00 0.00 ? 115 ASN A O    1 
ATOM 1786 C CB   . ASN A 1 115 ? 16.870  0.236   10.477  1.00 0.00 ? 115 ASN A CB   1 
ATOM 1787 C CG   . ASN A 1 115 ? 15.719  1.180   10.142  1.00 0.00 ? 115 ASN A CG   1 
ATOM 1788 O OD1  . ASN A 1 115 ? 15.450  1.464   8.981   1.00 0.00 ? 115 ASN A OD1  1 
ATOM 1789 N ND2  . ASN A 1 115 ? 14.943  1.614   11.113  1.00 0.00 ? 115 ASN A ND2  1 
ATOM 1790 H H    . ASN A 1 115 ? 15.275  -1.168  9.111   1.00 0.00 ? 115 ASN A H    1 
ATOM 1791 H HA   . ASN A 1 115 ? 17.756  0.032   8.517   1.00 0.00 ? 115 ASN A HA   1 
ATOM 1792 H HB2  . ASN A 1 115 ? 16.568  -0.417  11.296  1.00 0.00 ? 115 ASN A HB2  1 
ATOM 1793 H HB3  . ASN A 1 115 ? 17.720  0.828   10.817  1.00 0.00 ? 115 ASN A HB3  1 
ATOM 1794 H HD21 . ASN A 1 115 ? 15.122  1.420   12.092  1.00 0.00 ? 115 ASN A HD21 1 
ATOM 1795 H HD22 . ASN A 1 115 ? 14.228  2.271   10.838  1.00 0.00 ? 115 ASN A HD22 1 
ATOM 1796 N N    . GLY A 1 116 ? 17.919  -2.695  10.394  1.00 0.00 ? 116 GLY A N    1 
ATOM 1797 C CA   . GLY A 1 116 ? 18.701  -3.856  10.772  1.00 0.00 ? 116 GLY A CA   1 
ATOM 1798 C C    . GLY A 1 116 ? 17.868  -4.701  11.704  1.00 0.00 ? 116 GLY A C    1 
ATOM 1799 O O    . GLY A 1 116 ? 16.637  -4.495  11.709  1.00 0.00 ? 116 GLY A O    1 
ATOM 1800 H H    . GLY A 1 116 ? 16.961  -2.734  10.718  1.00 0.00 ? 116 GLY A H    1 
ATOM 1801 H HA2  . GLY A 1 116 ? 18.938  -4.427  9.878   1.00 0.00 ? 116 GLY A HA2  1 
ATOM 1802 H HA3  . GLY A 1 116 ? 19.615  -3.538  11.269  1.00 0.00 ? 116 GLY A HA3  1 
# 
